data_1K0W
#
_entry.id   1K0W
#
_cell.length_a   105.900
_cell.length_b   105.900
_cell.length_c   274.800
_cell.angle_alpha   90.00
_cell.angle_beta   90.00
_cell.angle_gamma   90.00
#
_symmetry.space_group_name_H-M   'P 4 21 2'
#
loop_
_entity.id
_entity.type
_entity.pdbx_description
1 polymer 'L-RIBULOSE 5 PHOSPHATE 4-EPIMERASE'
2 non-polymer 'ZINC ION'
3 water water
#
_entity_poly.entity_id   1
_entity_poly.type   'polypeptide(L)'
_entity_poly.pdbx_seq_one_letter_code
;MLEDLKRQVLEANLALPKHNLVTLTWGNVSAVDRERGVFVIKPSGVDYSIMTADDMVVVSIETGEVVEGAKKPSSDTPTH
RLLYQAFPSIGGIVHTHSRHATIWAQAGQSIPATGTTHANYFYGTIPCTRKMTDAEINGEYEWETGNVIVETFEKQGIDA
AQMPGVLVHSHGPFAWGKNAEDAVHNAIVLEEVAYMGIFCRQLAPQLPDMQQTLLNKHYLRKHGAKAYYGQ
;
_entity_poly.pdbx_strand_id   A,B,C,D,E,F
#
# COMPACT_ATOMS: atom_id res chain seq x y z
N MET A 1 16.53 -44.77 -35.48
CA MET A 1 17.44 -45.74 -34.80
C MET A 1 18.87 -45.20 -34.75
N LEU A 2 19.21 -44.32 -35.68
CA LEU A 2 20.53 -43.73 -35.73
C LEU A 2 20.35 -42.21 -35.89
N GLU A 3 19.57 -41.65 -35.00
CA GLU A 3 19.25 -40.23 -34.99
C GLU A 3 20.40 -39.31 -35.39
N ASP A 4 21.59 -39.51 -34.82
CA ASP A 4 22.71 -38.65 -35.17
C ASP A 4 23.09 -38.78 -36.65
N LEU A 5 22.80 -39.94 -37.24
CA LEU A 5 23.12 -40.17 -38.65
C LEU A 5 22.04 -39.53 -39.50
N LYS A 6 20.80 -39.69 -39.06
CA LYS A 6 19.67 -39.10 -39.78
C LYS A 6 19.80 -37.59 -39.74
N ARG A 7 20.54 -37.09 -38.74
CA ARG A 7 20.76 -35.66 -38.60
C ARG A 7 21.75 -35.19 -39.63
N GLN A 8 22.84 -35.95 -39.75
CA GLN A 8 23.89 -35.63 -40.70
C GLN A 8 23.39 -35.69 -42.14
N VAL A 9 22.53 -36.67 -42.43
CA VAL A 9 21.98 -36.83 -43.76
C VAL A 9 20.96 -35.73 -44.02
N LEU A 10 20.10 -35.48 -43.04
CA LEU A 10 19.10 -34.43 -43.17
C LEU A 10 19.80 -33.11 -43.52
N GLU A 11 20.72 -32.70 -42.66
CA GLU A 11 21.45 -31.46 -42.87
C GLU A 11 22.18 -31.41 -44.21
N ALA A 12 22.72 -32.54 -44.65
CA ALA A 12 23.43 -32.55 -45.92
C ALA A 12 22.44 -32.35 -47.07
N ASN A 13 21.26 -32.93 -46.93
CA ASN A 13 20.23 -32.80 -47.96
C ASN A 13 19.72 -31.36 -48.05
N LEU A 14 19.63 -30.70 -46.91
CA LEU A 14 19.17 -29.31 -46.85
C LEU A 14 20.25 -28.38 -47.38
N ALA A 15 21.48 -28.87 -47.41
CA ALA A 15 22.60 -28.08 -47.91
C ALA A 15 22.57 -27.99 -49.44
N LEU A 16 21.95 -28.98 -50.08
CA LEU A 16 21.89 -29.01 -51.54
C LEU A 16 21.30 -27.73 -52.16
N PRO A 17 20.09 -27.32 -51.75
CA PRO A 17 19.53 -26.10 -52.33
C PRO A 17 20.30 -24.85 -51.87
N LYS A 18 20.81 -24.87 -50.64
CA LYS A 18 21.54 -23.72 -50.12
C LYS A 18 22.77 -23.43 -50.96
N HIS A 19 23.41 -24.47 -51.49
CA HIS A 19 24.59 -24.27 -52.31
C HIS A 19 24.27 -24.25 -53.79
N ASN A 20 22.99 -24.02 -54.10
CA ASN A 20 22.52 -23.93 -55.48
C ASN A 20 22.93 -25.10 -56.36
N LEU A 21 22.88 -26.31 -55.80
CA LEU A 21 23.26 -27.50 -56.56
C LEU A 21 22.01 -28.20 -57.05
N VAL A 22 20.86 -27.77 -56.54
CA VAL A 22 19.59 -28.39 -56.89
C VAL A 22 18.47 -27.39 -57.08
N THR A 23 17.38 -27.86 -57.70
CA THR A 23 16.19 -27.05 -57.93
C THR A 23 15.00 -27.94 -57.59
N LEU A 24 13.88 -27.35 -57.20
CA LEU A 24 12.69 -28.10 -56.85
C LEU A 24 13.05 -29.19 -55.83
N THR A 25 12.90 -30.45 -56.20
CA THR A 25 13.23 -31.52 -55.28
C THR A 25 14.28 -32.48 -55.80
N TRP A 26 15.03 -32.06 -56.82
CA TRP A 26 16.07 -32.91 -57.38
C TRP A 26 17.19 -33.10 -56.36
N GLY A 27 18.05 -34.08 -56.60
CA GLY A 27 19.16 -34.31 -55.70
C GLY A 27 18.83 -35.14 -54.47
N ASN A 28 19.86 -35.76 -53.89
CA ASN A 28 19.70 -36.57 -52.71
C ASN A 28 21.06 -36.93 -52.10
N VAL A 29 21.11 -36.95 -50.78
CA VAL A 29 22.32 -37.29 -50.05
C VAL A 29 22.06 -38.45 -49.12
N SER A 30 23.05 -39.30 -48.93
CA SER A 30 22.93 -40.42 -48.02
C SER A 30 24.27 -40.63 -47.33
N ALA A 31 24.23 -41.33 -46.19
CA ALA A 31 25.41 -41.63 -45.40
C ALA A 31 25.29 -43.09 -44.94
N VAL A 32 26.42 -43.77 -44.81
CA VAL A 32 26.38 -45.16 -44.40
C VAL A 32 26.97 -45.45 -43.02
N ASP A 33 26.53 -46.56 -42.44
CA ASP A 33 27.03 -47.00 -41.14
C ASP A 33 27.41 -48.46 -41.39
N ARG A 34 28.64 -48.67 -41.83
CA ARG A 34 29.14 -50.01 -42.14
C ARG A 34 28.87 -51.04 -41.05
N GLU A 35 29.34 -50.80 -39.83
CA GLU A 35 29.11 -51.73 -38.74
C GLU A 35 27.64 -52.11 -38.61
N ARG A 36 26.76 -51.15 -38.87
CA ARG A 36 25.33 -51.40 -38.80
C ARG A 36 24.83 -52.10 -40.07
N GLY A 37 25.62 -52.03 -41.13
CA GLY A 37 25.22 -52.64 -42.38
C GLY A 37 23.98 -51.96 -42.95
N VAL A 38 23.93 -50.64 -42.79
CA VAL A 38 22.78 -49.87 -43.26
C VAL A 38 23.20 -48.45 -43.64
N PHE A 39 22.44 -47.82 -44.52
CA PHE A 39 22.72 -46.45 -44.90
C PHE A 39 21.43 -45.63 -44.82
N VAL A 40 21.58 -44.33 -44.56
CA VAL A 40 20.44 -43.43 -44.43
C VAL A 40 20.38 -42.49 -45.63
N ILE A 41 19.22 -42.41 -46.26
CA ILE A 41 19.08 -41.56 -47.44
C ILE A 41 17.83 -40.68 -47.43
N LYS A 42 17.88 -39.61 -48.22
CA LYS A 42 16.77 -38.68 -48.36
C LYS A 42 15.52 -39.40 -48.82
N PRO A 43 14.34 -38.99 -48.31
CA PRO A 43 13.07 -39.60 -48.69
C PRO A 43 12.59 -39.09 -50.04
N SER A 44 11.76 -39.89 -50.71
CA SER A 44 11.21 -39.51 -51.99
C SER A 44 9.86 -38.83 -51.75
N GLY A 45 9.61 -37.76 -52.49
CA GLY A 45 8.34 -37.04 -52.33
C GLY A 45 8.25 -36.10 -51.15
N VAL A 46 9.36 -35.46 -50.80
CA VAL A 46 9.36 -34.52 -49.68
C VAL A 46 10.12 -33.24 -50.00
N ASP A 47 9.44 -32.10 -49.90
CA ASP A 47 10.10 -30.82 -50.16
C ASP A 47 11.18 -30.57 -49.13
N TYR A 48 12.25 -29.91 -49.54
CA TYR A 48 13.34 -29.59 -48.64
C TYR A 48 12.83 -28.70 -47.51
N SER A 49 11.88 -27.82 -47.82
CA SER A 49 11.34 -26.91 -46.82
C SER A 49 10.46 -27.56 -45.76
N ILE A 50 10.15 -28.84 -45.93
CA ILE A 50 9.30 -29.55 -44.96
C ILE A 50 10.08 -30.66 -44.28
N MET A 51 11.03 -31.21 -45.03
CA MET A 51 11.90 -32.30 -44.61
C MET A 51 12.41 -32.25 -43.15
N THR A 52 12.19 -33.34 -42.42
CA THR A 52 12.65 -33.46 -41.03
C THR A 52 13.53 -34.70 -40.90
N ALA A 53 14.36 -34.74 -39.86
CA ALA A 53 15.26 -35.88 -39.63
C ALA A 53 14.51 -37.21 -39.64
N ASP A 54 13.27 -37.20 -39.14
CA ASP A 54 12.46 -38.40 -39.09
C ASP A 54 12.08 -38.91 -40.48
N ASP A 55 12.15 -38.05 -41.49
CA ASP A 55 11.81 -38.43 -42.85
C ASP A 55 12.91 -39.25 -43.50
N MET A 56 14.11 -39.19 -42.94
CA MET A 56 15.23 -39.94 -43.50
C MET A 56 15.02 -41.44 -43.39
N VAL A 57 15.14 -42.14 -44.52
CA VAL A 57 14.93 -43.58 -44.56
C VAL A 57 16.20 -44.38 -44.30
N VAL A 58 16.01 -45.52 -43.62
CA VAL A 58 17.08 -46.44 -43.26
C VAL A 58 16.98 -47.66 -44.21
N VAL A 59 18.06 -47.94 -44.94
CA VAL A 59 18.05 -49.04 -45.90
C VAL A 59 19.17 -50.06 -45.70
N SER A 60 18.88 -51.33 -45.97
CA SER A 60 19.85 -52.40 -45.83
C SER A 60 20.88 -52.39 -46.96
N ILE A 61 22.15 -52.31 -46.60
CA ILE A 61 23.23 -52.32 -47.58
C ILE A 61 23.21 -53.59 -48.42
N GLU A 62 22.94 -54.71 -47.76
CA GLU A 62 22.91 -56.01 -48.42
C GLU A 62 21.67 -56.34 -49.24
N THR A 63 20.49 -56.06 -48.72
CA THR A 63 19.26 -56.38 -49.44
C THR A 63 18.51 -55.21 -50.05
N GLY A 64 18.86 -53.99 -49.64
CA GLY A 64 18.17 -52.83 -50.18
C GLY A 64 16.79 -52.68 -49.58
N GLU A 65 16.53 -53.41 -48.51
CA GLU A 65 15.24 -53.33 -47.83
C GLU A 65 15.24 -52.21 -46.80
N VAL A 66 14.11 -51.52 -46.69
CA VAL A 66 13.98 -50.41 -45.76
C VAL A 66 13.84 -50.88 -44.32
N VAL A 67 14.90 -50.66 -43.54
CA VAL A 67 14.95 -51.06 -42.14
C VAL A 67 14.16 -50.14 -41.21
N GLU A 68 13.90 -48.92 -41.64
CA GLU A 68 13.13 -47.97 -40.82
C GLU A 68 12.80 -46.71 -41.63
N GLY A 69 11.54 -46.30 -41.57
CA GLY A 69 11.11 -45.11 -42.29
C GLY A 69 9.70 -45.21 -42.80
N ALA A 70 8.91 -44.16 -42.58
CA ALA A 70 7.53 -44.14 -43.04
C ALA A 70 7.47 -43.72 -44.50
N LYS A 71 8.45 -42.91 -44.90
CA LYS A 71 8.49 -42.40 -46.27
C LYS A 71 9.24 -43.34 -47.21
N LYS A 72 8.93 -43.22 -48.50
CA LYS A 72 9.59 -44.03 -49.51
C LYS A 72 10.96 -43.41 -49.73
N PRO A 73 12.01 -44.24 -49.85
CA PRO A 73 13.36 -43.70 -50.06
C PRO A 73 13.52 -43.17 -51.48
N SER A 74 14.53 -42.33 -51.67
CA SER A 74 14.81 -41.75 -52.99
C SER A 74 14.88 -42.85 -54.04
N SER A 75 14.39 -42.56 -55.24
CA SER A 75 14.40 -43.53 -56.33
C SER A 75 15.82 -43.90 -56.77
N ASP A 76 16.80 -43.14 -56.29
CA ASP A 76 18.20 -43.37 -56.63
C ASP A 76 18.88 -44.30 -55.62
N THR A 77 18.11 -44.76 -54.63
CA THR A 77 18.64 -45.63 -53.59
C THR A 77 19.48 -46.81 -54.09
N PRO A 78 19.02 -47.52 -55.14
CA PRO A 78 19.81 -48.66 -55.62
C PRO A 78 21.22 -48.25 -56.04
N THR A 79 21.34 -47.08 -56.67
CA THR A 79 22.64 -46.57 -57.12
C THR A 79 23.54 -46.36 -55.92
N HIS A 80 22.99 -45.71 -54.89
CA HIS A 80 23.73 -45.43 -53.65
C HIS A 80 24.19 -46.76 -53.06
N ARG A 81 23.24 -47.67 -52.91
CA ARG A 81 23.51 -48.98 -52.35
C ARG A 81 24.65 -49.68 -53.09
N LEU A 82 24.52 -49.76 -54.41
CA LEU A 82 25.55 -50.40 -55.23
C LEU A 82 26.91 -49.77 -54.97
N LEU A 83 26.98 -48.44 -55.01
CA LEU A 83 28.23 -47.74 -54.78
C LEU A 83 28.83 -48.02 -53.40
N TYR A 84 28.00 -48.12 -52.38
CA TYR A 84 28.54 -48.43 -51.05
C TYR A 84 29.19 -49.81 -51.05
N GLN A 85 28.55 -50.77 -51.69
CA GLN A 85 29.10 -52.13 -51.75
C GLN A 85 30.40 -52.14 -52.56
N ALA A 86 30.38 -51.45 -53.69
CA ALA A 86 31.54 -51.39 -54.58
C ALA A 86 32.73 -50.63 -54.02
N PHE A 87 32.46 -49.46 -53.43
CA PHE A 87 33.54 -48.63 -52.89
C PHE A 87 33.52 -48.63 -51.35
N PRO A 88 34.28 -49.53 -50.74
CA PRO A 88 34.36 -49.67 -49.28
C PRO A 88 34.78 -48.40 -48.53
N SER A 89 35.67 -47.62 -49.13
CA SER A 89 36.18 -46.41 -48.49
C SER A 89 35.28 -45.18 -48.48
N ILE A 90 34.06 -45.29 -49.00
CA ILE A 90 33.18 -44.12 -49.02
C ILE A 90 32.18 -44.16 -47.86
N GLY A 91 31.88 -42.99 -47.30
CA GLY A 91 30.93 -42.91 -46.20
C GLY A 91 29.70 -42.10 -46.48
N GLY A 92 29.68 -41.40 -47.62
CA GLY A 92 28.53 -40.57 -47.97
C GLY A 92 28.44 -40.42 -49.48
N ILE A 93 27.22 -40.26 -50.00
CA ILE A 93 27.02 -40.11 -51.43
C ILE A 93 26.06 -38.99 -51.78
N VAL A 94 26.45 -38.17 -52.75
CA VAL A 94 25.64 -37.06 -53.21
C VAL A 94 25.32 -37.22 -54.68
N HIS A 95 24.06 -36.95 -55.02
CA HIS A 95 23.61 -36.99 -56.39
C HIS A 95 22.80 -35.73 -56.65
N THR A 96 23.15 -35.00 -57.70
CA THR A 96 22.44 -33.79 -58.06
C THR A 96 22.47 -33.63 -59.56
N HIS A 97 21.80 -32.60 -60.04
CA HIS A 97 21.80 -32.28 -61.46
C HIS A 97 22.36 -30.86 -61.51
N SER A 98 23.36 -30.59 -60.66
CA SER A 98 23.97 -29.26 -60.64
C SER A 98 24.26 -28.88 -62.08
N ARG A 99 23.76 -27.73 -62.48
CA ARG A 99 23.88 -27.22 -63.84
C ARG A 99 25.14 -27.48 -64.65
N HIS A 100 26.28 -27.01 -64.19
CA HIS A 100 27.48 -27.17 -64.99
C HIS A 100 28.10 -28.56 -65.09
N ALA A 101 28.01 -29.34 -64.03
CA ALA A 101 28.53 -30.70 -64.07
C ALA A 101 27.60 -31.48 -65.00
N THR A 102 26.32 -31.12 -64.97
CA THR A 102 25.31 -31.78 -65.79
C THR A 102 25.50 -31.43 -67.28
N ILE A 103 26.01 -30.24 -67.55
CA ILE A 103 26.26 -29.81 -68.92
C ILE A 103 27.34 -30.75 -69.49
N TRP A 104 28.37 -31.02 -68.70
CA TRP A 104 29.42 -31.93 -69.13
C TRP A 104 28.84 -33.34 -69.31
N ALA A 105 28.03 -33.76 -68.34
CA ALA A 105 27.40 -35.08 -68.40
C ALA A 105 26.60 -35.22 -69.70
N GLN A 106 25.78 -34.23 -70.00
CA GLN A 106 24.96 -34.24 -71.21
C GLN A 106 25.81 -34.21 -72.48
N ALA A 107 26.97 -33.58 -72.38
CA ALA A 107 27.88 -33.51 -73.51
C ALA A 107 28.61 -34.85 -73.63
N GLY A 108 28.53 -35.66 -72.58
CA GLY A 108 29.18 -36.95 -72.58
C GLY A 108 30.69 -36.81 -72.52
N GLN A 109 31.16 -35.72 -71.92
CA GLN A 109 32.59 -35.47 -71.83
C GLN A 109 33.14 -35.48 -70.40
N SER A 110 34.40 -35.91 -70.28
CA SER A 110 35.06 -35.95 -68.98
C SER A 110 35.69 -34.60 -68.68
N ILE A 111 35.67 -34.20 -67.41
CA ILE A 111 36.25 -32.92 -67.00
C ILE A 111 37.75 -33.08 -66.73
N PRO A 112 38.59 -32.51 -67.59
CA PRO A 112 40.04 -32.59 -67.45
C PRO A 112 40.53 -31.67 -66.35
N ALA A 113 41.58 -32.09 -65.64
CA ALA A 113 42.16 -31.30 -64.57
C ALA A 113 43.00 -30.20 -65.17
N THR A 114 42.55 -28.96 -65.07
CA THR A 114 43.28 -27.84 -65.62
C THR A 114 43.65 -26.82 -64.57
N GLY A 115 43.34 -27.12 -63.30
CA GLY A 115 43.64 -26.19 -62.23
C GLY A 115 43.92 -26.82 -60.87
N THR A 116 44.51 -26.05 -59.98
CA THR A 116 44.82 -26.52 -58.64
C THR A 116 43.54 -26.72 -57.83
N THR A 117 42.51 -25.96 -58.16
CA THR A 117 41.22 -26.07 -57.49
C THR A 117 40.76 -27.52 -57.62
N HIS A 118 40.80 -27.99 -58.86
CA HIS A 118 40.42 -29.35 -59.20
C HIS A 118 41.38 -30.34 -58.54
N ALA A 119 42.67 -30.08 -58.66
CA ALA A 119 43.69 -30.96 -58.10
C ALA A 119 43.53 -31.18 -56.59
N ASN A 120 43.01 -30.18 -55.88
CA ASN A 120 42.82 -30.30 -54.44
C ASN A 120 41.77 -31.33 -54.03
N TYR A 121 40.86 -31.67 -54.94
CA TYR A 121 39.79 -32.61 -54.60
C TYR A 121 39.63 -33.85 -55.47
N PHE A 122 40.09 -33.79 -56.71
CA PHE A 122 39.96 -34.92 -57.62
C PHE A 122 41.32 -35.20 -58.23
N TYR A 123 41.82 -36.40 -58.00
CA TYR A 123 43.14 -36.77 -58.50
C TYR A 123 43.15 -37.12 -59.97
N GLY A 124 42.96 -36.12 -60.82
CA GLY A 124 42.96 -36.35 -62.25
C GLY A 124 41.64 -36.04 -62.93
N THR A 125 41.50 -36.50 -64.16
CA THR A 125 40.30 -36.30 -64.96
C THR A 125 39.05 -36.85 -64.28
N ILE A 126 38.00 -36.04 -64.20
CA ILE A 126 36.76 -36.49 -63.61
C ILE A 126 36.08 -37.19 -64.78
N PRO A 127 35.94 -38.52 -64.71
CA PRO A 127 35.33 -39.34 -65.76
C PRO A 127 33.83 -39.23 -66.01
N CYS A 128 33.46 -39.35 -67.28
CA CYS A 128 32.06 -39.35 -67.68
C CYS A 128 31.87 -40.78 -68.16
N THR A 129 30.79 -41.41 -67.76
CA THR A 129 30.56 -42.80 -68.16
C THR A 129 30.18 -42.88 -69.63
N ARG A 130 30.23 -44.10 -70.14
CA ARG A 130 29.84 -44.38 -71.51
C ARG A 130 28.32 -44.36 -71.42
N LYS A 131 27.66 -44.37 -72.57
CA LYS A 131 26.21 -44.39 -72.56
C LYS A 131 25.77 -45.76 -72.07
N MET A 132 24.63 -45.81 -71.38
CA MET A 132 24.10 -47.08 -70.90
C MET A 132 23.43 -47.76 -72.09
N THR A 133 23.39 -49.08 -72.09
CA THR A 133 22.77 -49.80 -73.20
C THR A 133 21.26 -49.83 -73.01
N ASP A 134 20.52 -50.11 -74.07
CA ASP A 134 19.07 -50.17 -73.98
C ASP A 134 18.62 -51.17 -72.93
N ALA A 135 19.36 -52.25 -72.83
CA ALA A 135 19.08 -53.31 -71.86
C ALA A 135 19.26 -52.82 -70.44
N GLU A 136 20.38 -52.15 -70.18
CA GLU A 136 20.67 -51.63 -68.85
C GLU A 136 19.59 -50.66 -68.41
N ILE A 137 19.22 -49.76 -69.32
CA ILE A 137 18.20 -48.76 -69.03
C ILE A 137 16.83 -49.37 -68.76
N ASN A 138 16.45 -50.38 -69.53
CA ASN A 138 15.15 -51.01 -69.34
C ASN A 138 15.17 -52.14 -68.30
N GLY A 139 16.33 -52.36 -67.66
CA GLY A 139 16.41 -53.39 -66.65
C GLY A 139 16.27 -52.75 -65.28
N GLU A 140 17.15 -53.10 -64.35
CA GLU A 140 17.12 -52.49 -63.03
C GLU A 140 17.96 -51.22 -63.18
N TYR A 141 17.33 -50.22 -63.80
CA TYR A 141 17.95 -48.95 -64.13
C TYR A 141 18.89 -48.29 -63.12
N GLU A 142 18.39 -47.95 -61.93
CA GLU A 142 19.23 -47.30 -60.94
C GLU A 142 20.43 -48.15 -60.55
N TRP A 143 20.22 -49.45 -60.39
CA TRP A 143 21.28 -50.36 -60.02
C TRP A 143 22.31 -50.41 -61.14
N GLU A 144 21.80 -50.48 -62.38
CA GLU A 144 22.65 -50.53 -63.55
C GLU A 144 23.46 -49.23 -63.69
N THR A 145 22.86 -48.12 -63.28
CA THR A 145 23.54 -46.84 -63.30
C THR A 145 24.76 -46.99 -62.39
N GLY A 146 24.57 -47.67 -61.26
CA GLY A 146 25.68 -47.89 -60.36
C GLY A 146 26.74 -48.77 -61.02
N ASN A 147 26.31 -49.85 -61.66
CA ASN A 147 27.27 -50.74 -62.33
C ASN A 147 28.09 -50.02 -63.38
N VAL A 148 27.46 -49.11 -64.12
CA VAL A 148 28.16 -48.37 -65.16
C VAL A 148 29.23 -47.47 -64.56
N ILE A 149 28.93 -46.90 -63.39
CA ILE A 149 29.88 -46.03 -62.71
C ILE A 149 31.09 -46.88 -62.30
N VAL A 150 30.83 -48.00 -61.65
CA VAL A 150 31.87 -48.90 -61.19
C VAL A 150 32.72 -49.45 -62.34
N GLU A 151 32.09 -49.85 -63.44
CA GLU A 151 32.81 -50.37 -64.60
C GLU A 151 33.73 -49.27 -65.14
N THR A 152 33.23 -48.05 -65.17
CA THR A 152 34.01 -46.92 -65.65
C THR A 152 35.31 -46.83 -64.87
N PHE A 153 35.20 -46.90 -63.54
CA PHE A 153 36.38 -46.83 -62.69
C PHE A 153 37.33 -48.01 -62.84
N GLU A 154 36.79 -49.22 -62.94
CA GLU A 154 37.65 -50.39 -63.07
C GLU A 154 38.36 -50.45 -64.42
N LYS A 155 37.61 -50.24 -65.49
CA LYS A 155 38.17 -50.26 -66.84
C LYS A 155 39.29 -49.22 -66.98
N GLN A 156 39.05 -48.02 -66.44
CA GLN A 156 40.03 -46.95 -66.53
C GLN A 156 41.03 -46.94 -65.39
N GLY A 157 40.95 -47.96 -64.53
CA GLY A 157 41.88 -48.06 -63.42
C GLY A 157 41.94 -46.85 -62.51
N ILE A 158 40.78 -46.32 -62.16
CA ILE A 158 40.72 -45.16 -61.29
C ILE A 158 40.27 -45.55 -59.88
N ASP A 159 41.03 -45.09 -58.89
CA ASP A 159 40.75 -45.38 -57.48
C ASP A 159 39.67 -44.43 -56.96
N ALA A 160 38.55 -45.01 -56.53
CA ALA A 160 37.43 -44.22 -56.03
C ALA A 160 37.78 -43.39 -54.80
N ALA A 161 38.81 -43.81 -54.07
CA ALA A 161 39.23 -43.08 -52.88
C ALA A 161 39.99 -41.82 -53.26
N GLN A 162 40.40 -41.73 -54.52
CA GLN A 162 41.15 -40.56 -55.01
C GLN A 162 40.34 -39.72 -55.99
N MET A 163 39.16 -40.19 -56.36
CA MET A 163 38.29 -39.50 -57.31
C MET A 163 36.85 -39.60 -56.82
N PRO A 164 36.46 -38.72 -55.89
CA PRO A 164 35.11 -38.67 -55.30
C PRO A 164 34.01 -38.10 -56.18
N GLY A 165 34.08 -38.36 -57.48
CA GLY A 165 33.07 -37.85 -58.39
C GLY A 165 33.05 -38.55 -59.73
N VAL A 166 31.91 -38.49 -60.41
CA VAL A 166 31.76 -39.13 -61.72
C VAL A 166 30.55 -38.52 -62.40
N LEU A 167 30.56 -38.51 -63.73
CA LEU A 167 29.46 -37.97 -64.50
C LEU A 167 28.79 -39.12 -65.24
N VAL A 168 27.48 -39.21 -65.12
CA VAL A 168 26.72 -40.26 -65.79
C VAL A 168 26.19 -39.68 -67.09
N HIS A 169 26.70 -40.21 -68.21
CA HIS A 169 26.34 -39.77 -69.54
C HIS A 169 24.86 -39.41 -69.67
N SER A 170 24.59 -38.24 -70.24
CA SER A 170 23.23 -37.74 -70.46
C SER A 170 22.39 -37.59 -69.19
N HIS A 171 23.01 -37.75 -68.03
CA HIS A 171 22.27 -37.70 -66.77
C HIS A 171 22.72 -36.60 -65.80
N GLY A 172 23.76 -36.89 -65.03
CA GLY A 172 24.23 -35.92 -64.07
C GLY A 172 25.36 -36.44 -63.21
N PRO A 173 25.90 -35.61 -62.32
CA PRO A 173 27.00 -36.00 -61.44
C PRO A 173 26.63 -36.78 -60.21
N PHE A 174 27.57 -37.60 -59.77
CA PHE A 174 27.43 -38.38 -58.55
C PHE A 174 28.75 -38.05 -57.87
N ALA A 175 28.70 -37.79 -56.57
CA ALA A 175 29.91 -37.49 -55.83
C ALA A 175 29.81 -38.22 -54.50
N TRP A 176 30.94 -38.40 -53.83
CA TRP A 176 30.93 -39.07 -52.53
C TRP A 176 32.09 -38.60 -51.67
N GLY A 177 32.12 -39.06 -50.42
CA GLY A 177 33.19 -38.66 -49.51
C GLY A 177 33.21 -39.50 -48.25
N LYS A 178 34.02 -39.08 -47.28
CA LYS A 178 34.16 -39.79 -46.00
C LYS A 178 32.84 -39.85 -45.22
N ASN A 179 32.00 -38.85 -45.42
CA ASN A 179 30.71 -38.77 -44.73
C ASN A 179 29.78 -37.85 -45.52
N ALA A 180 28.51 -37.78 -45.10
CA ALA A 180 27.53 -36.94 -45.77
C ALA A 180 28.03 -35.54 -46.12
N GLU A 181 28.61 -34.86 -45.14
CA GLU A 181 29.11 -33.50 -45.36
C GLU A 181 30.27 -33.47 -46.34
N ASP A 182 31.26 -34.32 -46.12
CA ASP A 182 32.40 -34.38 -47.00
C ASP A 182 31.91 -34.61 -48.42
N ALA A 183 30.91 -35.46 -48.56
CA ALA A 183 30.34 -35.77 -49.87
C ALA A 183 29.75 -34.52 -50.48
N VAL A 184 29.04 -33.74 -49.68
CA VAL A 184 28.45 -32.50 -50.19
C VAL A 184 29.52 -31.52 -50.64
N HIS A 185 30.61 -31.41 -49.88
CA HIS A 185 31.69 -30.51 -50.26
C HIS A 185 32.32 -30.91 -51.57
N ASN A 186 32.51 -32.21 -51.78
CA ASN A 186 33.09 -32.67 -53.03
C ASN A 186 32.12 -32.35 -54.17
N ALA A 187 30.83 -32.44 -53.89
CA ALA A 187 29.83 -32.14 -54.90
C ALA A 187 29.91 -30.67 -55.32
N ILE A 188 30.07 -29.78 -54.34
CA ILE A 188 30.13 -28.37 -54.70
C ILE A 188 31.40 -28.05 -55.48
N VAL A 189 32.51 -28.71 -55.16
CA VAL A 189 33.74 -28.47 -55.90
C VAL A 189 33.60 -29.01 -57.32
N LEU A 190 32.97 -30.18 -57.46
CA LEU A 190 32.76 -30.78 -58.78
C LEU A 190 32.02 -29.77 -59.68
N GLU A 191 31.04 -29.08 -59.11
CA GLU A 191 30.28 -28.08 -59.85
C GLU A 191 31.17 -26.88 -60.21
N GLU A 192 32.00 -26.45 -59.27
CA GLU A 192 32.90 -25.32 -59.53
C GLU A 192 33.89 -25.58 -60.68
N VAL A 193 34.57 -26.73 -60.64
CA VAL A 193 35.54 -27.04 -61.69
C VAL A 193 34.86 -27.35 -63.02
N ALA A 194 33.59 -27.76 -62.96
CA ALA A 194 32.83 -28.03 -64.17
C ALA A 194 32.55 -26.68 -64.81
N TYR A 195 32.14 -25.72 -63.99
CA TYR A 195 31.86 -24.38 -64.48
C TYR A 195 33.08 -23.77 -65.14
N MET A 196 34.19 -23.76 -64.40
CA MET A 196 35.42 -23.18 -64.92
C MET A 196 35.99 -23.92 -66.12
N GLY A 197 35.76 -25.23 -66.18
CA GLY A 197 36.27 -26.02 -67.29
C GLY A 197 35.66 -25.63 -68.62
N ILE A 198 34.38 -25.28 -68.58
CA ILE A 198 33.69 -24.88 -69.79
C ILE A 198 34.38 -23.66 -70.39
N PHE A 199 34.48 -22.61 -69.59
CA PHE A 199 35.08 -21.39 -70.08
C PHE A 199 36.59 -21.36 -70.25
N CYS A 200 37.32 -22.19 -69.51
CA CYS A 200 38.76 -22.18 -69.72
C CYS A 200 38.99 -22.85 -71.08
N ARG A 201 38.13 -23.79 -71.47
CA ARG A 201 38.28 -24.42 -72.78
C ARG A 201 38.01 -23.39 -73.86
N GLN A 202 37.00 -22.54 -73.63
CA GLN A 202 36.64 -21.50 -74.59
C GLN A 202 37.80 -20.55 -74.79
N LEU A 203 38.45 -20.15 -73.71
CA LEU A 203 39.59 -19.24 -73.81
C LEU A 203 40.80 -19.92 -74.46
N ALA A 204 40.95 -21.21 -74.23
CA ALA A 204 42.07 -21.96 -74.79
C ALA A 204 41.63 -23.35 -75.24
N PRO A 205 41.07 -23.45 -76.46
CA PRO A 205 40.61 -24.73 -76.99
C PRO A 205 41.65 -25.86 -77.08
N GLN A 206 42.92 -25.51 -77.26
CA GLN A 206 43.96 -26.54 -77.32
C GLN A 206 44.77 -26.60 -76.01
N LEU A 207 44.13 -26.20 -74.91
CA LEU A 207 44.77 -26.20 -73.60
C LEU A 207 45.11 -27.61 -73.11
N PRO A 208 46.38 -27.86 -72.79
CA PRO A 208 46.75 -29.19 -72.30
C PRO A 208 46.37 -29.30 -70.83
N ASP A 209 46.15 -30.52 -70.35
CA ASP A 209 45.83 -30.73 -68.95
C ASP A 209 46.96 -30.17 -68.13
N MET A 210 46.69 -29.87 -66.86
CA MET A 210 47.70 -29.31 -65.97
C MET A 210 48.89 -30.23 -65.78
N GLN A 211 50.02 -29.65 -65.39
CA GLN A 211 51.24 -30.39 -65.13
C GLN A 211 50.96 -31.50 -64.11
N GLN A 212 51.44 -32.71 -64.39
CA GLN A 212 51.24 -33.82 -63.46
C GLN A 212 51.83 -33.47 -62.10
N THR A 213 52.98 -32.81 -62.11
CA THR A 213 53.67 -32.42 -60.88
C THR A 213 52.77 -31.50 -60.05
N LEU A 214 52.09 -30.58 -60.71
CA LEU A 214 51.20 -29.65 -60.00
C LEU A 214 50.01 -30.42 -59.45
N LEU A 215 49.49 -31.35 -60.25
CA LEU A 215 48.34 -32.18 -59.85
C LEU A 215 48.70 -32.96 -58.59
N ASN A 216 49.86 -33.61 -58.62
CA ASN A 216 50.34 -34.41 -57.49
C ASN A 216 50.52 -33.54 -56.27
N LYS A 217 51.22 -32.42 -56.44
CA LYS A 217 51.47 -31.52 -55.33
C LYS A 217 50.21 -31.22 -54.54
N HIS A 218 49.18 -30.76 -55.24
CA HIS A 218 47.93 -30.39 -54.60
C HIS A 218 47.07 -31.52 -54.06
N TYR A 219 46.96 -32.62 -54.80
CA TYR A 219 46.13 -33.71 -54.29
C TYR A 219 46.80 -34.45 -53.15
N LEU A 220 48.05 -34.86 -53.37
CA LEU A 220 48.80 -35.59 -52.35
C LEU A 220 49.02 -34.76 -51.09
N ARG A 221 49.06 -33.44 -51.24
CA ARG A 221 49.26 -32.57 -50.09
C ARG A 221 48.12 -32.80 -49.10
N LYS A 222 46.90 -32.50 -49.54
CA LYS A 222 45.74 -32.73 -48.68
C LYS A 222 45.64 -34.24 -48.62
N HIS A 223 44.70 -34.76 -47.84
CA HIS A 223 44.57 -36.21 -47.73
C HIS A 223 45.92 -36.79 -47.29
N MET B 1 2.51 19.54 -52.38
CA MET B 1 2.91 20.96 -52.17
C MET B 1 3.97 21.11 -51.09
N LEU B 2 3.93 20.23 -50.10
CA LEU B 2 4.90 20.27 -49.02
C LEU B 2 5.44 18.86 -48.86
N GLU B 3 6.04 18.35 -49.93
CA GLU B 3 6.58 17.01 -49.96
C GLU B 3 7.54 16.68 -48.82
N ASP B 4 8.43 17.61 -48.48
CA ASP B 4 9.38 17.36 -47.39
C ASP B 4 8.63 17.11 -46.09
N LEU B 5 7.78 18.07 -45.74
CA LEU B 5 6.98 17.99 -44.52
C LEU B 5 6.19 16.69 -44.50
N LYS B 6 5.64 16.31 -45.65
CA LYS B 6 4.86 15.08 -45.74
C LYS B 6 5.69 13.85 -45.39
N ARG B 7 6.95 13.84 -45.83
CA ARG B 7 7.84 12.72 -45.55
C ARG B 7 8.12 12.68 -44.05
N GLN B 8 8.37 13.85 -43.46
CA GLN B 8 8.63 13.92 -42.04
C GLN B 8 7.44 13.43 -41.24
N VAL B 9 6.24 13.91 -41.59
CA VAL B 9 5.05 13.51 -40.88
C VAL B 9 4.77 12.01 -41.08
N LEU B 10 5.05 11.52 -42.28
CA LEU B 10 4.87 10.12 -42.59
C LEU B 10 5.79 9.29 -41.66
N GLU B 11 7.07 9.63 -41.64
CA GLU B 11 8.03 8.92 -40.79
C GLU B 11 7.66 8.97 -39.31
N ALA B 12 7.29 10.15 -38.81
CA ALA B 12 6.90 10.27 -37.41
C ALA B 12 5.70 9.37 -37.09
N ASN B 13 4.75 9.29 -38.03
CA ASN B 13 3.57 8.44 -37.82
C ASN B 13 3.98 6.95 -37.83
N LEU B 14 4.82 6.56 -38.78
CA LEU B 14 5.29 5.17 -38.87
C LEU B 14 6.14 4.81 -37.64
N ALA B 15 6.66 5.84 -36.98
CA ALA B 15 7.48 5.62 -35.80
C ALA B 15 6.65 5.31 -34.56
N LEU B 16 5.35 5.60 -34.60
CA LEU B 16 4.48 5.35 -33.46
C LEU B 16 4.44 3.86 -33.08
N PRO B 17 4.06 2.97 -33.99
CA PRO B 17 4.03 1.55 -33.62
C PRO B 17 5.43 0.98 -33.36
N LYS B 18 6.45 1.57 -33.98
CA LYS B 18 7.81 1.10 -33.79
C LYS B 18 8.27 1.27 -32.34
N HIS B 19 7.86 2.36 -31.71
CA HIS B 19 8.23 2.61 -30.33
C HIS B 19 7.15 2.13 -29.37
N ASN B 20 6.29 1.23 -29.86
CA ASN B 20 5.22 0.66 -29.05
C ASN B 20 4.37 1.68 -28.31
N LEU B 21 4.02 2.78 -28.99
CA LEU B 21 3.22 3.84 -28.38
C LEU B 21 1.77 3.68 -28.81
N VAL B 22 1.54 2.77 -29.74
CA VAL B 22 0.20 2.60 -30.23
C VAL B 22 -0.14 1.17 -30.60
N THR B 23 -1.42 0.96 -30.83
CA THR B 23 -1.97 -0.34 -31.20
C THR B 23 -2.92 -0.13 -32.40
N LEU B 24 -3.13 -1.17 -33.19
CA LEU B 24 -4.01 -1.07 -34.34
C LEU B 24 -3.73 0.22 -35.12
N THR B 25 -4.75 1.04 -35.36
CA THR B 25 -4.54 2.29 -36.09
C THR B 25 -4.64 3.52 -35.21
N TRP B 26 -4.60 3.33 -33.90
CA TRP B 26 -4.69 4.47 -32.99
C TRP B 26 -3.47 5.37 -33.17
N GLY B 27 -3.56 6.59 -32.65
CA GLY B 27 -2.45 7.53 -32.72
C GLY B 27 -2.33 8.33 -34.00
N ASN B 28 -1.65 9.48 -33.92
CA ASN B 28 -1.45 10.35 -35.08
C ASN B 28 -0.46 11.46 -34.78
N VAL B 29 0.30 11.84 -35.80
CA VAL B 29 1.29 12.88 -35.66
C VAL B 29 1.09 13.94 -36.76
N SER B 30 1.37 15.19 -36.45
CA SER B 30 1.25 16.27 -37.42
C SER B 30 2.42 17.23 -37.22
N ALA B 31 2.64 18.09 -38.21
CA ALA B 31 3.70 19.10 -38.14
C ALA B 31 3.17 20.31 -38.89
N VAL B 32 3.53 21.48 -38.42
CA VAL B 32 3.02 22.71 -39.01
C VAL B 32 4.02 23.45 -39.90
N ASP B 33 3.49 24.35 -40.72
CA ASP B 33 4.32 25.22 -41.55
C ASP B 33 3.62 26.55 -41.37
N ARG B 34 4.07 27.31 -40.36
CA ARG B 34 3.49 28.60 -40.04
C ARG B 34 3.46 29.58 -41.22
N GLU B 35 4.57 29.69 -41.95
CA GLU B 35 4.63 30.61 -43.07
C GLU B 35 3.53 30.36 -44.09
N ARG B 36 3.20 29.10 -44.32
CA ARG B 36 2.17 28.78 -45.29
C ARG B 36 0.81 28.56 -44.64
N GLY B 37 0.72 28.88 -43.35
CA GLY B 37 -0.52 28.74 -42.61
C GLY B 37 -1.23 27.41 -42.76
N VAL B 38 -0.47 26.32 -42.68
CA VAL B 38 -1.06 24.99 -42.82
C VAL B 38 -0.30 23.97 -41.98
N PHE B 39 -0.88 22.79 -41.79
CA PHE B 39 -0.21 21.70 -41.07
C PHE B 39 -0.50 20.40 -41.80
N VAL B 40 0.40 19.44 -41.69
CA VAL B 40 0.26 18.14 -42.34
C VAL B 40 0.03 17.06 -41.29
N ILE B 41 -1.06 16.32 -41.45
CA ILE B 41 -1.43 15.30 -40.48
C ILE B 41 -1.76 13.92 -41.06
N LYS B 42 -1.62 12.89 -40.22
CA LYS B 42 -1.91 11.52 -40.59
C LYS B 42 -3.35 11.40 -41.08
N PRO B 43 -3.58 10.55 -42.10
CA PRO B 43 -4.93 10.36 -42.62
C PRO B 43 -5.72 9.41 -41.74
N SER B 44 -7.04 9.43 -41.89
CA SER B 44 -7.89 8.54 -41.11
C SER B 44 -8.24 7.33 -41.99
N GLY B 45 -8.27 6.15 -41.41
CA GLY B 45 -8.61 4.95 -42.17
C GLY B 45 -7.48 4.28 -42.94
N VAL B 46 -6.24 4.45 -42.49
CA VAL B 46 -5.10 3.84 -43.19
C VAL B 46 -4.13 3.16 -42.22
N ASP B 47 -3.89 1.86 -42.43
CA ASP B 47 -2.96 1.13 -41.58
C ASP B 47 -1.54 1.62 -41.79
N TYR B 48 -0.78 1.65 -40.70
CA TYR B 48 0.60 2.10 -40.73
C TYR B 48 1.43 1.36 -41.76
N SER B 49 1.14 0.08 -41.95
CA SER B 49 1.90 -0.74 -42.89
C SER B 49 1.67 -0.43 -44.37
N ILE B 50 0.60 0.29 -44.69
CA ILE B 50 0.28 0.62 -46.08
C ILE B 50 0.46 2.10 -46.38
N MET B 51 0.46 2.89 -45.31
CA MET B 51 0.59 4.34 -45.36
C MET B 51 1.81 4.86 -46.12
N THR B 52 1.61 5.88 -46.96
CA THR B 52 2.71 6.49 -47.70
C THR B 52 2.67 8.01 -47.56
N ALA B 53 3.77 8.67 -47.93
CA ALA B 53 3.86 10.13 -47.83
C ALA B 53 2.74 10.81 -48.59
N ASP B 54 2.29 10.18 -49.66
CA ASP B 54 1.23 10.73 -50.48
C ASP B 54 -0.13 10.72 -49.77
N ASP B 55 -0.21 9.98 -48.67
CA ASP B 55 -1.44 9.85 -47.89
C ASP B 55 -1.63 10.96 -46.85
N MET B 56 -0.56 11.69 -46.55
CA MET B 56 -0.63 12.76 -45.56
C MET B 56 -1.54 13.88 -46.06
N VAL B 57 -2.36 14.41 -45.17
CA VAL B 57 -3.30 15.46 -45.52
C VAL B 57 -2.83 16.83 -45.03
N VAL B 58 -2.96 17.82 -45.91
CA VAL B 58 -2.56 19.19 -45.63
C VAL B 58 -3.82 19.96 -45.23
N VAL B 59 -3.82 20.53 -44.03
CA VAL B 59 -5.00 21.24 -43.54
C VAL B 59 -4.74 22.72 -43.21
N SER B 60 -5.68 23.58 -43.59
CA SER B 60 -5.55 25.01 -43.33
C SER B 60 -5.65 25.27 -41.82
N ILE B 61 -4.70 26.02 -41.28
CA ILE B 61 -4.70 26.34 -39.86
C ILE B 61 -5.90 27.23 -39.53
N GLU B 62 -6.13 28.22 -40.38
CA GLU B 62 -7.21 29.16 -40.18
C GLU B 62 -8.63 28.59 -40.33
N THR B 63 -8.86 27.82 -41.38
CA THR B 63 -10.20 27.27 -41.63
C THR B 63 -10.43 25.82 -41.22
N GLY B 64 -9.36 25.02 -41.19
CA GLY B 64 -9.51 23.62 -40.84
C GLY B 64 -9.94 22.84 -42.07
N GLU B 65 -10.01 23.54 -43.20
CA GLU B 65 -10.40 22.92 -44.47
C GLU B 65 -9.21 22.16 -45.04
N VAL B 66 -9.49 21.07 -45.75
CA VAL B 66 -8.41 20.30 -46.35
C VAL B 66 -7.88 21.08 -47.55
N VAL B 67 -6.57 21.31 -47.55
CA VAL B 67 -5.90 22.07 -48.61
C VAL B 67 -5.37 21.15 -49.72
N GLU B 68 -4.99 19.94 -49.34
CA GLU B 68 -4.45 18.97 -50.29
C GLU B 68 -4.44 17.59 -49.68
N GLY B 69 -4.77 16.58 -50.48
CA GLY B 69 -4.80 15.21 -50.00
C GLY B 69 -6.10 14.54 -50.41
N ALA B 70 -6.02 13.29 -50.83
CA ALA B 70 -7.20 12.54 -51.26
C ALA B 70 -7.89 11.86 -50.10
N LYS B 71 -7.15 11.59 -49.04
CA LYS B 71 -7.71 10.93 -47.87
C LYS B 71 -8.26 11.86 -46.80
N LYS B 72 -9.13 11.31 -45.97
CA LYS B 72 -9.77 12.04 -44.88
C LYS B 72 -8.74 12.22 -43.76
N PRO B 73 -8.57 13.45 -43.26
CA PRO B 73 -7.60 13.69 -42.19
C PRO B 73 -8.02 13.02 -40.89
N SER B 74 -7.06 12.82 -39.99
CA SER B 74 -7.34 12.19 -38.69
C SER B 74 -8.52 12.88 -38.01
N SER B 75 -9.34 12.09 -37.32
CA SER B 75 -10.49 12.66 -36.63
C SER B 75 -10.07 13.59 -35.49
N ASP B 76 -8.79 13.55 -35.13
CA ASP B 76 -8.24 14.39 -34.07
C ASP B 76 -7.73 15.72 -34.64
N THR B 77 -7.84 15.88 -35.96
CA THR B 77 -7.36 17.09 -36.62
C THR B 77 -7.78 18.41 -35.96
N PRO B 78 -9.04 18.53 -35.52
CA PRO B 78 -9.46 19.79 -34.89
C PRO B 78 -8.67 20.13 -33.62
N THR B 79 -8.33 19.10 -32.84
CA THR B 79 -7.56 19.31 -31.62
C THR B 79 -6.15 19.80 -31.99
N HIS B 80 -5.56 19.19 -33.02
CA HIS B 80 -4.23 19.59 -33.48
C HIS B 80 -4.28 21.06 -33.92
N ARG B 81 -5.29 21.39 -34.71
CA ARG B 81 -5.44 22.75 -35.23
C ARG B 81 -5.54 23.79 -34.12
N LEU B 82 -6.38 23.52 -33.13
CA LEU B 82 -6.55 24.45 -32.02
C LEU B 82 -5.24 24.67 -31.28
N LEU B 83 -4.50 23.59 -31.01
CA LEU B 83 -3.22 23.70 -30.31
C LEU B 83 -2.22 24.55 -31.09
N TYR B 84 -2.20 24.43 -32.41
CA TYR B 84 -1.28 25.22 -33.22
C TYR B 84 -1.61 26.70 -33.12
N GLN B 85 -2.90 27.01 -33.06
CA GLN B 85 -3.33 28.40 -32.94
C GLN B 85 -3.03 28.94 -31.55
N ALA B 86 -3.21 28.08 -30.54
CA ALA B 86 -2.99 28.46 -29.15
C ALA B 86 -1.53 28.49 -28.73
N PHE B 87 -0.74 27.51 -29.15
CA PHE B 87 0.66 27.44 -28.78
C PHE B 87 1.60 27.73 -29.94
N PRO B 88 2.05 28.99 -30.07
CA PRO B 88 2.95 29.48 -31.12
C PRO B 88 4.24 28.70 -31.31
N SER B 89 4.85 28.30 -30.18
CA SER B 89 6.11 27.59 -30.21
C SER B 89 6.14 26.17 -30.75
N ILE B 90 5.01 25.47 -30.75
CA ILE B 90 5.02 24.10 -31.22
C ILE B 90 5.05 23.96 -32.73
N GLY B 91 5.84 22.99 -33.19
CA GLY B 91 5.97 22.72 -34.60
C GLY B 91 5.48 21.33 -34.96
N GLY B 92 5.22 20.51 -33.94
CA GLY B 92 4.73 19.17 -34.18
C GLY B 92 3.89 18.68 -33.01
N ILE B 93 2.89 17.84 -33.29
CA ILE B 93 2.00 17.31 -32.27
C ILE B 93 1.78 15.80 -32.41
N VAL B 94 1.87 15.08 -31.29
CA VAL B 94 1.66 13.65 -31.28
C VAL B 94 0.54 13.28 -30.31
N HIS B 95 -0.39 12.44 -30.77
CA HIS B 95 -1.46 11.95 -29.92
C HIS B 95 -1.44 10.42 -29.97
N THR B 96 -1.34 9.80 -28.81
CA THR B 96 -1.35 8.34 -28.75
C THR B 96 -2.14 7.90 -27.54
N HIS B 97 -2.27 6.58 -27.40
CA HIS B 97 -2.94 6.01 -26.25
C HIS B 97 -1.89 5.08 -25.65
N SER B 98 -0.65 5.54 -25.58
CA SER B 98 0.42 4.74 -25.01
C SER B 98 -0.09 4.32 -23.64
N ARG B 99 0.01 3.02 -23.38
CA ARG B 99 -0.50 2.42 -22.15
C ARG B 99 -0.34 3.11 -20.80
N HIS B 100 0.88 3.45 -20.40
CA HIS B 100 1.05 4.07 -19.10
C HIS B 100 0.66 5.53 -18.97
N ALA B 101 0.85 6.31 -20.03
CA ALA B 101 0.43 7.70 -20.00
C ALA B 101 -1.11 7.71 -19.98
N THR B 102 -1.71 6.77 -20.69
CA THR B 102 -3.17 6.65 -20.74
C THR B 102 -3.72 6.16 -19.41
N ILE B 103 -2.96 5.30 -18.72
CA ILE B 103 -3.40 4.84 -17.41
C ILE B 103 -3.54 6.06 -16.50
N TRP B 104 -2.55 6.96 -16.54
CA TRP B 104 -2.62 8.15 -15.71
C TRP B 104 -3.80 9.02 -16.16
N ALA B 105 -3.99 9.13 -17.47
CA ALA B 105 -5.09 9.91 -18.03
C ALA B 105 -6.45 9.38 -17.53
N GLN B 106 -6.60 8.06 -17.55
CA GLN B 106 -7.84 7.44 -17.10
C GLN B 106 -8.02 7.61 -15.58
N ALA B 107 -6.90 7.64 -14.84
CA ALA B 107 -6.99 7.83 -13.39
C ALA B 107 -7.31 9.29 -13.08
N GLY B 108 -7.14 10.15 -14.09
CA GLY B 108 -7.42 11.57 -13.93
C GLY B 108 -6.37 12.24 -13.05
N GLN B 109 -5.15 11.73 -13.08
CA GLN B 109 -4.09 12.28 -12.25
C GLN B 109 -2.88 12.77 -13.04
N SER B 110 -2.29 13.86 -12.56
CA SER B 110 -1.11 14.46 -13.18
C SER B 110 0.13 13.69 -12.74
N ILE B 111 1.12 13.60 -13.61
CA ILE B 111 2.36 12.87 -13.31
C ILE B 111 3.37 13.80 -12.64
N PRO B 112 3.68 13.56 -11.36
CA PRO B 112 4.65 14.44 -10.69
C PRO B 112 6.09 14.14 -11.13
N ALA B 113 6.93 15.16 -11.09
CA ALA B 113 8.33 14.99 -11.47
C ALA B 113 9.09 14.38 -10.30
N THR B 114 9.53 13.13 -10.46
CA THR B 114 10.26 12.46 -9.39
C THR B 114 11.63 11.94 -9.83
N GLY B 115 12.06 12.31 -11.03
CA GLY B 115 13.36 11.85 -11.50
C GLY B 115 13.97 12.75 -12.54
N THR B 116 15.28 12.63 -12.74
CA THR B 116 15.99 13.44 -13.72
C THR B 116 15.58 13.11 -15.15
N THR B 117 15.07 11.89 -15.36
CA THR B 117 14.63 11.49 -16.70
C THR B 117 13.53 12.46 -17.13
N HIS B 118 12.54 12.59 -16.26
CA HIS B 118 11.40 13.47 -16.45
C HIS B 118 11.83 14.93 -16.56
N ALA B 119 12.70 15.36 -15.65
CA ALA B 119 13.19 16.73 -15.61
C ALA B 119 13.91 17.19 -16.88
N ASN B 120 14.53 16.26 -17.59
CA ASN B 120 15.23 16.62 -18.82
C ASN B 120 14.28 17.01 -19.95
N TYR B 121 13.01 16.61 -19.85
CA TYR B 121 12.06 16.89 -20.92
C TYR B 121 10.80 17.65 -20.57
N PHE B 122 10.40 17.62 -19.31
CA PHE B 122 9.19 18.29 -18.87
C PHE B 122 9.51 19.12 -17.64
N TYR B 123 9.31 20.43 -17.73
CA TYR B 123 9.64 21.30 -16.62
C TYR B 123 8.61 21.30 -15.49
N GLY B 124 8.50 20.16 -14.81
CA GLY B 124 7.55 20.04 -13.71
C GLY B 124 6.48 18.99 -13.93
N THR B 125 5.42 19.09 -13.15
CA THR B 125 4.29 18.16 -13.23
C THR B 125 3.64 18.16 -14.60
N ILE B 126 3.44 16.96 -15.15
CA ILE B 126 2.79 16.82 -16.46
C ILE B 126 1.30 16.83 -16.07
N PRO B 127 0.58 17.90 -16.46
CA PRO B 127 -0.84 18.04 -16.15
C PRO B 127 -1.87 17.13 -16.79
N CYS B 128 -2.90 16.81 -16.01
CA CYS B 128 -4.02 16.02 -16.51
C CYS B 128 -5.15 17.05 -16.53
N THR B 129 -5.93 17.09 -17.60
CA THR B 129 -7.01 18.06 -17.69
C THR B 129 -8.17 17.65 -16.81
N ARG B 130 -9.09 18.59 -16.58
CA ARG B 130 -10.30 18.32 -15.80
C ARG B 130 -11.22 17.57 -16.74
N LYS B 131 -12.30 17.03 -16.20
CA LYS B 131 -13.26 16.33 -17.04
C LYS B 131 -13.86 17.40 -17.95
N MET B 132 -14.35 17.00 -19.12
CA MET B 132 -14.99 17.94 -20.02
C MET B 132 -16.47 17.97 -19.63
N THR B 133 -17.15 19.08 -19.92
CA THR B 133 -18.57 19.20 -19.60
C THR B 133 -19.37 18.55 -20.71
N ASP B 134 -20.65 18.27 -20.45
CA ASP B 134 -21.52 17.67 -21.45
C ASP B 134 -21.63 18.56 -22.68
N ALA B 135 -21.73 19.87 -22.45
CA ALA B 135 -21.82 20.83 -23.53
C ALA B 135 -20.57 20.75 -24.40
N GLU B 136 -19.43 20.60 -23.75
CA GLU B 136 -18.16 20.50 -24.48
C GLU B 136 -18.12 19.20 -25.27
N ILE B 137 -18.46 18.10 -24.62
CA ILE B 137 -18.45 16.78 -25.26
C ILE B 137 -19.49 16.67 -26.38
N ASN B 138 -20.67 17.26 -26.15
CA ASN B 138 -21.73 17.20 -27.15
C ASN B 138 -21.61 18.28 -28.24
N GLY B 139 -20.68 19.22 -28.06
CA GLY B 139 -20.48 20.28 -29.05
C GLY B 139 -19.44 19.85 -30.08
N GLU B 140 -18.48 20.73 -30.35
CA GLU B 140 -17.39 20.43 -31.29
C GLU B 140 -16.34 19.72 -30.44
N TYR B 141 -16.58 18.44 -30.17
CA TYR B 141 -15.72 17.62 -29.32
C TYR B 141 -14.21 17.77 -29.45
N GLU B 142 -13.66 17.34 -30.57
CA GLU B 142 -12.20 17.44 -30.76
C GLU B 142 -11.67 18.86 -30.56
N TRP B 143 -12.41 19.85 -31.07
CA TRP B 143 -11.99 21.24 -30.93
C TRP B 143 -11.98 21.61 -29.44
N GLU B 144 -13.06 21.22 -28.77
CA GLU B 144 -13.24 21.49 -27.36
C GLU B 144 -12.16 20.81 -26.50
N THR B 145 -11.70 19.63 -26.91
CA THR B 145 -10.65 18.93 -26.18
C THR B 145 -9.43 19.85 -26.20
N GLY B 146 -9.21 20.50 -27.34
CA GLY B 146 -8.10 21.42 -27.47
C GLY B 146 -8.29 22.59 -26.52
N ASN B 147 -9.52 23.12 -26.44
CA ASN B 147 -9.81 24.23 -25.55
C ASN B 147 -9.51 23.89 -24.09
N VAL B 148 -9.91 22.68 -23.68
CA VAL B 148 -9.69 22.25 -22.32
C VAL B 148 -8.20 22.12 -22.02
N ILE B 149 -7.43 21.68 -23.01
CA ILE B 149 -5.98 21.55 -22.82
C ILE B 149 -5.41 22.94 -22.61
N VAL B 150 -5.81 23.88 -23.46
CA VAL B 150 -5.32 25.25 -23.35
C VAL B 150 -5.72 25.86 -22.01
N GLU B 151 -6.98 25.68 -21.63
CA GLU B 151 -7.46 26.22 -20.36
C GLU B 151 -6.64 25.67 -19.20
N THR B 152 -6.28 24.40 -19.27
CA THR B 152 -5.49 23.78 -18.22
C THR B 152 -4.14 24.46 -18.04
N PHE B 153 -3.49 24.77 -19.14
CA PHE B 153 -2.19 25.43 -19.08
C PHE B 153 -2.30 26.87 -18.54
N GLU B 154 -3.23 27.64 -19.10
CA GLU B 154 -3.42 29.02 -18.67
C GLU B 154 -3.79 29.12 -17.19
N LYS B 155 -4.78 28.34 -16.77
CA LYS B 155 -5.24 28.35 -15.39
C LYS B 155 -4.16 27.98 -14.39
N GLN B 156 -3.25 27.09 -14.78
CA GLN B 156 -2.18 26.66 -13.90
C GLN B 156 -0.86 27.38 -14.14
N GLY B 157 -0.89 28.36 -15.03
CA GLY B 157 0.31 29.14 -15.33
C GLY B 157 1.46 28.29 -15.84
N ILE B 158 1.19 27.42 -16.79
CA ILE B 158 2.22 26.59 -17.34
C ILE B 158 2.50 26.94 -18.79
N ASP B 159 3.78 26.98 -19.12
CA ASP B 159 4.22 27.34 -20.46
C ASP B 159 4.32 26.13 -21.38
N ALA B 160 3.59 26.16 -22.48
CA ALA B 160 3.57 25.07 -23.43
C ALA B 160 4.96 24.74 -23.98
N ALA B 161 5.86 25.72 -23.95
CA ALA B 161 7.21 25.54 -24.45
C ALA B 161 8.09 24.81 -23.46
N GLN B 162 7.65 24.76 -22.20
CA GLN B 162 8.41 24.08 -21.17
C GLN B 162 7.75 22.76 -20.76
N MET B 163 6.52 22.57 -21.22
CA MET B 163 5.76 21.37 -20.89
C MET B 163 5.16 20.79 -22.15
N PRO B 164 5.95 20.01 -22.91
CA PRO B 164 5.54 19.37 -24.16
C PRO B 164 4.64 18.15 -24.01
N GLY B 165 3.74 18.20 -23.03
CA GLY B 165 2.84 17.09 -22.83
C GLY B 165 1.66 17.42 -21.95
N VAL B 166 0.59 16.65 -22.09
CA VAL B 166 -0.62 16.85 -21.30
C VAL B 166 -1.45 15.56 -21.35
N LEU B 167 -2.15 15.28 -20.26
CA LEU B 167 -3.00 14.10 -20.20
C LEU B 167 -4.45 14.58 -20.25
N VAL B 168 -5.22 14.07 -21.22
CA VAL B 168 -6.63 14.45 -21.31
C VAL B 168 -7.44 13.43 -20.50
N HIS B 169 -8.14 13.94 -19.48
CA HIS B 169 -8.94 13.12 -18.58
C HIS B 169 -9.76 12.01 -19.26
N SER B 170 -9.58 10.79 -18.76
CA SER B 170 -10.31 9.62 -19.29
C SER B 170 -10.07 9.38 -20.78
N HIS B 171 -9.01 9.94 -21.33
CA HIS B 171 -8.74 9.81 -22.76
C HIS B 171 -7.34 9.29 -23.07
N GLY B 172 -6.36 10.18 -23.00
CA GLY B 172 -5.00 9.77 -23.31
C GLY B 172 -4.05 10.95 -23.39
N PRO B 173 -2.78 10.70 -23.71
CA PRO B 173 -1.77 11.75 -23.81
C PRO B 173 -1.67 12.45 -25.15
N PHE B 174 -1.29 13.73 -25.08
CA PHE B 174 -1.04 14.56 -26.24
C PHE B 174 0.35 15.10 -25.92
N ALA B 175 1.24 15.10 -26.90
CA ALA B 175 2.57 15.62 -26.68
C ALA B 175 2.94 16.46 -27.88
N TRP B 176 3.92 17.34 -27.73
CA TRP B 176 4.33 18.16 -28.84
C TRP B 176 5.82 18.46 -28.81
N GLY B 177 6.32 19.10 -29.87
CA GLY B 177 7.73 19.42 -29.94
C GLY B 177 8.02 20.45 -31.01
N LYS B 178 9.31 20.67 -31.30
CA LYS B 178 9.72 21.64 -32.30
C LYS B 178 9.38 21.19 -33.71
N ASN B 179 9.20 19.89 -33.88
CA ASN B 179 8.86 19.32 -35.17
C ASN B 179 8.27 17.93 -34.94
N ALA B 180 7.93 17.25 -36.02
CA ALA B 180 7.35 15.92 -35.93
C ALA B 180 8.21 14.97 -35.09
N GLU B 181 9.48 14.84 -35.44
CA GLU B 181 10.36 13.93 -34.71
C GLU B 181 10.47 14.29 -33.24
N ASP B 182 10.73 15.56 -32.95
CA ASP B 182 10.84 16.03 -31.58
C ASP B 182 9.59 15.70 -30.77
N ALA B 183 8.42 15.82 -31.40
CA ALA B 183 7.16 15.53 -30.71
C ALA B 183 7.09 14.05 -30.36
N VAL B 184 7.50 13.21 -31.30
CA VAL B 184 7.48 11.77 -31.07
C VAL B 184 8.42 11.42 -29.91
N HIS B 185 9.58 12.08 -29.88
CA HIS B 185 10.55 11.84 -28.82
C HIS B 185 9.99 12.20 -27.45
N ASN B 186 9.24 13.30 -27.37
CA ASN B 186 8.66 13.70 -26.10
C ASN B 186 7.56 12.73 -25.69
N ALA B 187 6.88 12.17 -26.70
CA ALA B 187 5.83 11.21 -26.45
C ALA B 187 6.42 9.93 -25.84
N ILE B 188 7.56 9.49 -26.34
CA ILE B 188 8.13 8.27 -25.78
C ILE B 188 8.67 8.54 -24.38
N VAL B 189 9.23 9.73 -24.12
CA VAL B 189 9.72 10.03 -22.78
C VAL B 189 8.54 10.12 -21.81
N LEU B 190 7.45 10.73 -22.28
CA LEU B 190 6.24 10.85 -21.47
C LEU B 190 5.77 9.45 -21.03
N GLU B 191 5.79 8.51 -21.95
CA GLU B 191 5.38 7.14 -21.65
C GLU B 191 6.31 6.52 -20.63
N GLU B 192 7.61 6.80 -20.74
CA GLU B 192 8.58 6.26 -19.79
C GLU B 192 8.36 6.77 -18.35
N VAL B 193 8.25 8.08 -18.18
CA VAL B 193 8.04 8.63 -16.84
C VAL B 193 6.68 8.24 -16.28
N ALA B 194 5.70 8.00 -17.15
CA ALA B 194 4.37 7.58 -16.71
C ALA B 194 4.48 6.17 -16.13
N TYR B 195 5.25 5.31 -16.80
CA TYR B 195 5.43 3.93 -16.35
C TYR B 195 6.16 3.90 -15.00
N MET B 196 7.28 4.61 -14.94
CA MET B 196 8.07 4.65 -13.73
C MET B 196 7.34 5.37 -12.60
N GLY B 197 6.49 6.31 -12.95
CA GLY B 197 5.73 7.04 -11.94
C GLY B 197 4.76 6.13 -11.19
N ILE B 198 4.17 5.18 -11.90
CA ILE B 198 3.21 4.27 -11.29
C ILE B 198 3.90 3.45 -10.21
N PHE B 199 5.05 2.89 -10.54
CA PHE B 199 5.77 2.04 -9.62
C PHE B 199 6.62 2.73 -8.56
N CYS B 200 7.17 3.92 -8.84
CA CYS B 200 7.92 4.54 -7.76
C CYS B 200 6.91 5.01 -6.71
N ARG B 201 5.67 5.27 -7.13
CA ARG B 201 4.65 5.65 -6.14
C ARG B 201 4.35 4.40 -5.31
N GLN B 202 4.26 3.26 -5.97
CA GLN B 202 3.98 2.01 -5.27
C GLN B 202 5.05 1.76 -4.20
N LEU B 203 6.31 2.03 -4.56
CA LEU B 203 7.42 1.83 -3.64
C LEU B 203 7.41 2.86 -2.52
N ALA B 204 7.09 4.10 -2.87
CA ALA B 204 7.06 5.18 -1.90
C ALA B 204 5.82 6.05 -2.08
N PRO B 205 4.68 5.60 -1.51
CA PRO B 205 3.43 6.36 -1.64
C PRO B 205 3.46 7.79 -1.09
N GLN B 206 4.38 8.10 -0.18
CA GLN B 206 4.46 9.47 0.33
C GLN B 206 5.69 10.21 -0.21
N LEU B 207 6.20 9.74 -1.34
CA LEU B 207 7.37 10.34 -1.97
C LEU B 207 7.10 11.79 -2.40
N PRO B 208 7.90 12.74 -1.89
CA PRO B 208 7.66 14.12 -2.30
C PRO B 208 8.19 14.31 -3.71
N ASP B 209 7.72 15.34 -4.41
CA ASP B 209 8.20 15.62 -5.75
C ASP B 209 9.70 15.87 -5.64
N MET B 210 10.42 15.73 -6.75
CA MET B 210 11.87 15.93 -6.74
C MET B 210 12.28 17.36 -6.37
N GLN B 211 13.50 17.51 -5.87
CA GLN B 211 14.04 18.82 -5.50
C GLN B 211 13.93 19.80 -6.66
N GLN B 212 13.49 21.02 -6.38
CA GLN B 212 13.35 22.05 -7.42
C GLN B 212 14.71 22.35 -8.05
N THR B 213 15.73 22.39 -7.21
CA THR B 213 17.09 22.67 -7.68
C THR B 213 17.50 21.64 -8.73
N LEU B 214 17.23 20.37 -8.43
CA LEU B 214 17.57 19.29 -9.36
C LEU B 214 16.74 19.42 -10.64
N LEU B 215 15.47 19.80 -10.48
CA LEU B 215 14.57 19.96 -11.63
C LEU B 215 15.12 21.01 -12.58
N ASN B 216 15.48 22.17 -12.02
CA ASN B 216 16.03 23.26 -12.81
C ASN B 216 17.33 22.87 -13.48
N LYS B 217 18.24 22.29 -12.69
CA LYS B 217 19.54 21.86 -13.19
C LYS B 217 19.39 21.11 -14.51
N HIS B 218 18.61 20.04 -14.47
CA HIS B 218 18.39 19.19 -15.62
C HIS B 218 17.56 19.79 -16.75
N TYR B 219 16.47 20.50 -16.43
CA TYR B 219 15.66 21.06 -17.50
C TYR B 219 16.25 22.31 -18.12
N LEU B 220 16.72 23.22 -17.28
CA LEU B 220 17.30 24.46 -17.78
C LEU B 220 18.59 24.24 -18.57
N ARG B 221 19.41 23.29 -18.11
CA ARG B 221 20.68 22.98 -18.78
C ARG B 221 20.47 22.88 -20.27
N LYS B 222 19.48 22.08 -20.67
CA LYS B 222 19.14 21.96 -22.08
C LYS B 222 17.96 22.91 -22.26
N HIS B 223 17.45 23.05 -23.46
CA HIS B 223 16.32 23.95 -23.72
C HIS B 223 16.73 25.44 -23.59
N MET C 1 -8.74 -22.26 52.34
CA MET C 1 -7.34 -22.68 52.65
C MET C 1 -6.32 -21.67 52.15
N LEU C 2 -6.71 -20.87 51.17
CA LEU C 2 -5.81 -19.88 50.59
C LEU C 2 -6.61 -18.61 50.39
N GLU C 3 -7.14 -18.09 51.49
CA GLU C 3 -7.96 -16.90 51.46
C GLU C 3 -7.31 -15.76 50.69
N ASP C 4 -6.11 -15.36 51.09
CA ASP C 4 -5.45 -14.26 50.38
C ASP C 4 -5.23 -14.55 48.90
N LEU C 5 -4.78 -15.76 48.56
CA LEU C 5 -4.55 -16.08 47.15
C LEU C 5 -5.88 -15.97 46.39
N LYS C 6 -6.96 -16.46 47.00
CA LYS C 6 -8.28 -16.38 46.37
C LYS C 6 -8.66 -14.92 46.12
N ARG C 7 -8.26 -14.04 47.03
CA ARG C 7 -8.57 -12.62 46.93
C ARG C 7 -7.78 -11.99 45.78
N GLN C 8 -6.51 -12.37 45.64
CA GLN C 8 -5.69 -11.82 44.56
C GLN C 8 -6.22 -12.25 43.21
N VAL C 9 -6.62 -13.51 43.12
CA VAL C 9 -7.14 -14.07 41.88
C VAL C 9 -8.49 -13.46 41.54
N LEU C 10 -9.26 -13.13 42.58
CA LEU C 10 -10.56 -12.52 42.38
C LEU C 10 -10.35 -11.12 41.78
N GLU C 11 -9.55 -10.30 42.45
CA GLU C 11 -9.28 -8.96 41.97
C GLU C 11 -8.68 -8.93 40.56
N ALA C 12 -7.82 -9.91 40.25
CA ALA C 12 -7.21 -9.98 38.93
C ALA C 12 -8.28 -10.25 37.88
N ASN C 13 -9.17 -11.18 38.18
CA ASN C 13 -10.25 -11.51 37.26
C ASN C 13 -11.15 -10.28 37.06
N LEU C 14 -11.49 -9.61 38.16
CA LEU C 14 -12.32 -8.42 38.12
C LEU C 14 -11.61 -7.29 37.35
N ALA C 15 -10.29 -7.37 37.28
CA ALA C 15 -9.50 -6.37 36.55
C ALA C 15 -9.61 -6.51 35.04
N LEU C 16 -9.95 -7.71 34.57
CA LEU C 16 -10.07 -7.94 33.14
C LEU C 16 -11.04 -6.99 32.46
N PRO C 17 -12.30 -6.94 32.91
CA PRO C 17 -13.21 -5.99 32.25
C PRO C 17 -12.82 -4.54 32.53
N LYS C 18 -12.22 -4.28 33.68
CA LYS C 18 -11.80 -2.93 34.02
C LYS C 18 -10.81 -2.36 33.01
N HIS C 19 -9.89 -3.21 32.53
CA HIS C 19 -8.91 -2.76 31.57
C HIS C 19 -9.29 -3.08 30.14
N ASN C 20 -10.58 -3.30 29.93
CA ASN C 20 -11.14 -3.60 28.60
C ASN C 20 -10.41 -4.71 27.85
N LEU C 21 -10.00 -5.74 28.55
CA LEU C 21 -9.31 -6.86 27.92
C LEU C 21 -10.32 -7.96 27.68
N VAL C 22 -11.56 -7.70 28.05
CA VAL C 22 -12.57 -8.73 27.93
C VAL C 22 -13.98 -8.19 27.76
N THR C 23 -14.86 -9.06 27.25
CA THR C 23 -16.27 -8.72 27.05
C THR C 23 -17.10 -9.86 27.66
N LEU C 24 -18.34 -9.58 28.04
CA LEU C 24 -19.21 -10.60 28.62
C LEU C 24 -18.49 -11.39 29.72
N THR C 25 -18.47 -12.72 29.61
CA THR C 25 -17.80 -13.53 30.63
C THR C 25 -16.46 -14.11 30.14
N TRP C 26 -15.98 -13.62 29.01
CA TRP C 26 -14.72 -14.12 28.45
C TRP C 26 -13.55 -13.77 29.38
N GLY C 27 -12.46 -14.52 29.24
CA GLY C 27 -11.27 -14.28 30.03
C GLY C 27 -11.24 -15.00 31.37
N ASN C 28 -10.03 -15.20 31.89
CA ASN C 28 -9.85 -15.84 33.18
C ASN C 28 -8.41 -15.73 33.65
N VAL C 29 -8.25 -15.59 34.98
CA VAL C 29 -6.95 -15.48 35.59
C VAL C 29 -6.82 -16.56 36.67
N SER C 30 -5.60 -17.03 36.88
CA SER C 30 -5.32 -18.02 37.91
C SER C 30 -3.98 -17.63 38.52
N ALA C 31 -3.67 -18.21 39.68
CA ALA C 31 -2.41 -17.93 40.36
C ALA C 31 -2.05 -19.22 41.11
N VAL C 32 -0.75 -19.50 41.20
CA VAL C 32 -0.29 -20.72 41.82
C VAL C 32 0.29 -20.58 43.23
N ASP C 33 0.26 -21.69 43.96
CA ASP C 33 0.85 -21.77 45.29
C ASP C 33 1.64 -23.07 45.18
N ARG C 34 2.89 -22.94 44.73
CA ARG C 34 3.77 -24.08 44.53
C ARG C 34 3.90 -25.00 45.73
N GLU C 35 4.18 -24.44 46.91
CA GLU C 35 4.34 -25.25 48.10
C GLU C 35 3.14 -26.16 48.35
N ARG C 36 1.94 -25.62 48.21
CA ARG C 36 0.73 -26.43 48.40
C ARG C 36 0.41 -27.28 47.18
N GLY C 37 1.17 -27.07 46.10
CA GLY C 37 0.95 -27.84 44.88
C GLY C 37 -0.46 -27.63 44.36
N VAL C 38 -0.89 -26.37 44.34
CA VAL C 38 -2.24 -26.06 43.89
C VAL C 38 -2.29 -24.67 43.26
N PHE C 39 -3.34 -24.40 42.49
CA PHE C 39 -3.50 -23.08 41.90
C PHE C 39 -4.97 -22.69 42.01
N VAL C 40 -5.23 -21.39 42.06
CA VAL C 40 -6.59 -20.87 42.20
C VAL C 40 -7.03 -20.21 40.90
N ILE C 41 -8.22 -20.55 40.43
CA ILE C 41 -8.70 -20.00 39.17
C ILE C 41 -10.14 -19.49 39.17
N LYS C 42 -10.43 -18.62 38.20
CA LYS C 42 -11.76 -18.06 38.02
C LYS C 42 -12.72 -19.23 37.83
N PRO C 43 -13.96 -19.09 38.32
CA PRO C 43 -14.92 -20.18 38.16
C PRO C 43 -15.59 -20.04 36.80
N SER C 44 -16.25 -21.10 36.37
CA SER C 44 -16.96 -21.08 35.11
C SER C 44 -18.41 -20.71 35.42
N GLY C 45 -19.07 -20.01 34.51
CA GLY C 45 -20.46 -19.65 34.71
C GLY C 45 -20.83 -18.56 35.71
N VAL C 46 -19.87 -17.70 36.05
CA VAL C 46 -20.16 -16.63 37.00
C VAL C 46 -19.79 -15.27 36.41
N ASP C 47 -20.73 -14.34 36.40
CA ASP C 47 -20.47 -13.01 35.87
C ASP C 47 -19.46 -12.28 36.74
N TYR C 48 -18.76 -11.33 36.14
CA TYR C 48 -17.77 -10.54 36.86
C TYR C 48 -18.42 -9.64 37.91
N SER C 49 -19.65 -9.21 37.64
CA SER C 49 -20.38 -8.33 38.55
C SER C 49 -20.98 -8.98 39.79
N ILE C 50 -20.90 -10.30 39.90
CA ILE C 50 -21.45 -11.02 41.05
C ILE C 50 -20.37 -11.86 41.73
N MET C 51 -19.28 -12.07 41.01
CA MET C 51 -18.14 -12.86 41.46
C MET C 51 -17.51 -12.40 42.77
N THR C 52 -17.34 -13.34 43.69
CA THR C 52 -16.74 -13.08 45.01
C THR C 52 -15.56 -14.05 45.21
N ALA C 53 -14.72 -13.74 46.20
CA ALA C 53 -13.55 -14.57 46.49
C ALA C 53 -13.90 -16.03 46.75
N ASP C 54 -15.07 -16.26 47.33
CA ASP C 54 -15.53 -17.62 47.64
C ASP C 54 -15.76 -18.41 46.36
N ASP C 55 -16.07 -17.69 45.28
CA ASP C 55 -16.32 -18.29 43.98
C ASP C 55 -15.07 -18.90 43.34
N MET C 56 -13.89 -18.44 43.78
CA MET C 56 -12.65 -18.96 43.20
C MET C 56 -12.52 -20.44 43.50
N VAL C 57 -11.90 -21.16 42.56
CA VAL C 57 -11.74 -22.60 42.69
C VAL C 57 -10.28 -23.01 42.88
N VAL C 58 -10.03 -23.91 43.82
CA VAL C 58 -8.68 -24.39 44.08
C VAL C 58 -8.50 -25.74 43.36
N VAL C 59 -7.51 -25.82 42.47
CA VAL C 59 -7.26 -27.02 41.69
C VAL C 59 -5.87 -27.58 41.97
N SER C 60 -5.75 -28.89 41.93
CA SER C 60 -4.48 -29.57 42.16
C SER C 60 -3.62 -29.51 40.90
N ILE C 61 -2.37 -29.07 41.04
CA ILE C 61 -1.48 -28.98 39.89
C ILE C 61 -1.15 -30.35 39.33
N GLU C 62 -0.97 -31.32 40.21
CA GLU C 62 -0.62 -32.68 39.82
C GLU C 62 -1.76 -33.47 39.19
N THR C 63 -2.94 -33.44 39.80
CA THR C 63 -4.07 -34.21 39.30
C THR C 63 -5.09 -33.44 38.46
N GLY C 64 -5.09 -32.12 38.61
CA GLY C 64 -6.03 -31.31 37.87
C GLY C 64 -7.42 -31.34 38.47
N GLU C 65 -7.56 -32.05 39.58
CA GLU C 65 -8.86 -32.15 40.24
C GLU C 65 -9.07 -30.99 41.23
N VAL C 66 -10.31 -30.55 41.36
CA VAL C 66 -10.65 -29.46 42.28
C VAL C 66 -10.51 -29.91 43.73
N VAL C 67 -9.74 -29.14 44.51
CA VAL C 67 -9.50 -29.43 45.91
C VAL C 67 -10.45 -28.69 46.85
N GLU C 68 -10.94 -27.53 46.43
CA GLU C 68 -11.85 -26.75 47.25
C GLU C 68 -12.65 -25.77 46.38
N GLY C 69 -13.92 -25.61 46.70
CA GLY C 69 -14.78 -24.72 45.96
C GLY C 69 -16.15 -25.32 45.69
N ALA C 70 -17.16 -24.47 45.53
CA ALA C 70 -18.52 -24.93 45.28
C ALA C 70 -18.92 -24.70 43.83
N LYS C 71 -18.02 -24.12 43.05
CA LYS C 71 -18.31 -23.85 41.65
C LYS C 71 -17.35 -24.58 40.71
N LYS C 72 -17.75 -24.72 39.45
CA LYS C 72 -16.92 -25.39 38.47
C LYS C 72 -15.82 -24.44 38.02
N PRO C 73 -14.57 -24.93 37.95
CA PRO C 73 -13.45 -24.10 37.52
C PRO C 73 -13.57 -23.72 36.05
N SER C 74 -12.84 -22.70 35.63
CA SER C 74 -12.85 -22.25 34.24
C SER C 74 -12.61 -23.44 33.33
N SER C 75 -13.22 -23.44 32.15
CA SER C 75 -13.04 -24.53 31.20
C SER C 75 -11.59 -24.53 30.69
N ASP C 76 -10.89 -23.41 30.89
CA ASP C 76 -9.50 -23.30 30.47
C ASP C 76 -8.53 -23.87 31.51
N THR C 77 -9.07 -24.41 32.61
CA THR C 77 -8.25 -24.96 33.68
C THR C 77 -7.12 -25.90 33.24
N PRO C 78 -7.39 -26.86 32.33
CA PRO C 78 -6.33 -27.78 31.89
C PRO C 78 -5.15 -27.06 31.25
N THR C 79 -5.44 -25.96 30.55
CA THR C 79 -4.37 -25.19 29.90
C THR C 79 -3.49 -24.54 30.96
N HIS C 80 -4.12 -23.96 31.98
CA HIS C 80 -3.39 -23.30 33.07
C HIS C 80 -2.50 -24.30 33.78
N ARG C 81 -3.09 -25.42 34.20
CA ARG C 81 -2.38 -26.49 34.90
C ARG C 81 -1.16 -26.94 34.12
N LEU C 82 -1.34 -27.17 32.81
CA LEU C 82 -0.26 -27.60 31.95
C LEU C 82 0.86 -26.57 31.94
N LEU C 83 0.50 -25.30 31.78
CA LEU C 83 1.53 -24.26 31.76
C LEU C 83 2.27 -24.15 33.09
N TYR C 84 1.57 -24.32 34.21
CA TYR C 84 2.28 -24.24 35.50
C TYR C 84 3.30 -25.38 35.62
N GLN C 85 2.94 -26.55 35.09
CA GLN C 85 3.82 -27.70 35.13
C GLN C 85 5.04 -27.52 34.21
N ALA C 86 4.83 -26.97 33.03
CA ALA C 86 5.90 -26.77 32.07
C ALA C 86 6.81 -25.58 32.37
N PHE C 87 6.26 -24.51 32.94
CA PHE C 87 7.03 -23.31 33.24
C PHE C 87 7.11 -23.06 34.74
N PRO C 88 8.09 -23.66 35.42
CA PRO C 88 8.32 -23.55 36.87
C PRO C 88 8.39 -22.13 37.45
N SER C 89 8.84 -21.17 36.65
CA SER C 89 8.97 -19.81 37.14
C SER C 89 7.70 -18.96 37.20
N ILE C 90 6.65 -19.33 36.47
CA ILE C 90 5.45 -18.51 36.48
C ILE C 90 4.57 -18.69 37.71
N GLY C 91 3.97 -17.58 38.16
CA GLY C 91 3.10 -17.62 39.33
C GLY C 91 1.66 -17.24 39.04
N GLY C 92 1.41 -16.70 37.85
CA GLY C 92 0.05 -16.31 37.48
C GLY C 92 -0.14 -16.47 35.98
N ILE C 93 -1.36 -16.74 35.55
CA ILE C 93 -1.67 -16.92 34.13
C ILE C 93 -2.96 -16.20 33.75
N VAL C 94 -2.93 -15.47 32.64
CA VAL C 94 -4.10 -14.74 32.19
C VAL C 94 -4.49 -15.11 30.78
N HIS C 95 -5.76 -15.45 30.59
CA HIS C 95 -6.24 -15.74 29.27
C HIS C 95 -7.38 -14.78 28.96
N THR C 96 -7.26 -14.07 27.85
CA THR C 96 -8.30 -13.14 27.43
C THR C 96 -8.41 -13.19 25.91
N HIS C 97 -9.35 -12.40 25.41
CA HIS C 97 -9.53 -12.27 23.99
C HIS C 97 -9.44 -10.78 23.70
N SER C 98 -8.46 -10.10 24.32
CA SER C 98 -8.31 -8.67 24.10
C SER C 98 -8.25 -8.47 22.58
N ARG C 99 -9.04 -7.51 22.11
CA ARG C 99 -9.16 -7.25 20.67
C ARG C 99 -7.96 -7.29 19.75
N HIS C 100 -6.96 -6.47 20.03
CA HIS C 100 -5.82 -6.43 19.14
C HIS C 100 -4.87 -7.61 19.21
N ALA C 101 -4.67 -8.15 20.41
CA ALA C 101 -3.83 -9.32 20.56
C ALA C 101 -4.54 -10.46 19.81
N THR C 102 -5.87 -10.47 19.91
CA THR C 102 -6.67 -11.49 19.24
C THR C 102 -6.65 -11.35 17.73
N ILE C 103 -6.60 -10.11 17.26
CA ILE C 103 -6.53 -9.85 15.83
C ILE C 103 -5.23 -10.48 15.28
N TRP C 104 -4.13 -10.36 16.02
CA TRP C 104 -2.87 -10.95 15.57
C TRP C 104 -3.00 -12.48 15.60
N ALA C 105 -3.64 -13.00 16.64
CA ALA C 105 -3.81 -14.44 16.79
C ALA C 105 -4.60 -14.99 15.61
N GLN C 106 -5.66 -14.29 15.22
CA GLN C 106 -6.49 -14.71 14.10
C GLN C 106 -5.71 -14.59 12.78
N ALA C 107 -4.84 -13.59 12.68
CA ALA C 107 -4.03 -13.41 11.47
C ALA C 107 -2.94 -14.46 11.45
N GLY C 108 -2.75 -15.14 12.58
CA GLY C 108 -1.74 -16.16 12.67
C GLY C 108 -0.33 -15.58 12.56
N GLN C 109 -0.14 -14.37 13.08
CA GLN C 109 1.17 -13.75 13.01
C GLN C 109 1.74 -13.36 14.36
N SER C 110 3.06 -13.46 14.49
CA SER C 110 3.75 -13.12 15.71
C SER C 110 3.93 -11.61 15.75
N ILE C 111 3.99 -11.03 16.94
CA ILE C 111 4.15 -9.58 17.07
C ILE C 111 5.63 -9.24 17.20
N PRO C 112 6.17 -8.50 16.22
CA PRO C 112 7.58 -8.12 16.27
C PRO C 112 7.81 -6.97 17.23
N ALA C 113 8.99 -6.92 17.82
CA ALA C 113 9.34 -5.87 18.75
C ALA C 113 9.80 -4.66 17.93
N THR C 114 9.02 -3.59 17.97
CA THR C 114 9.35 -2.38 17.22
C THR C 114 9.37 -1.14 18.11
N GLY C 115 9.27 -1.34 19.42
CA GLY C 115 9.29 -0.22 20.35
C GLY C 115 9.81 -0.58 21.73
N THR C 116 10.20 0.44 22.49
CA THR C 116 10.71 0.21 23.83
C THR C 116 9.59 -0.28 24.77
N THR C 117 8.37 0.15 24.52
CA THR C 117 7.24 -0.28 25.34
C THR C 117 7.23 -1.81 25.39
N HIS C 118 7.26 -2.40 24.20
CA HIS C 118 7.29 -3.85 24.03
C HIS C 118 8.53 -4.43 24.72
N ALA C 119 9.68 -3.80 24.47
CA ALA C 119 10.96 -4.25 25.02
C ALA C 119 11.04 -4.28 26.54
N ASN C 120 10.25 -3.46 27.21
CA ASN C 120 10.27 -3.44 28.67
C ASN C 120 9.55 -4.64 29.28
N TYR C 121 8.79 -5.38 28.46
CA TYR C 121 8.05 -6.53 28.98
C TYR C 121 8.22 -7.86 28.25
N PHE C 122 8.62 -7.82 26.98
CA PHE C 122 8.76 -9.04 26.19
C PHE C 122 10.11 -9.02 25.49
N TYR C 123 10.97 -9.95 25.85
CA TYR C 123 12.31 -9.99 25.27
C TYR C 123 12.36 -10.55 23.85
N GLY C 124 11.84 -9.79 22.90
CA GLY C 124 11.83 -10.22 21.52
C GLY C 124 10.42 -10.39 20.98
N THR C 125 10.30 -11.09 19.86
CA THR C 125 9.03 -11.33 19.21
C THR C 125 8.07 -12.14 20.07
N ILE C 126 6.82 -11.68 20.16
CA ILE C 126 5.82 -12.41 20.92
C ILE C 126 5.33 -13.42 19.90
N PRO C 127 5.53 -14.71 20.19
CA PRO C 127 5.12 -15.79 19.29
C PRO C 127 3.66 -16.14 19.14
N CYS C 128 3.31 -16.57 17.93
CA CYS C 128 1.98 -17.03 17.61
C CYS C 128 2.25 -18.52 17.37
N THR C 129 1.43 -19.38 17.97
CA THR C 129 1.61 -20.81 17.78
C THR C 129 1.18 -21.20 16.39
N ARG C 130 1.55 -22.41 15.99
CA ARG C 130 1.17 -22.95 14.70
C ARG C 130 -0.28 -23.37 14.88
N LYS C 131 -0.93 -23.78 13.79
CA LYS C 131 -2.32 -24.24 13.90
C LYS C 131 -2.30 -25.57 14.65
N MET C 132 -3.41 -25.91 15.28
CA MET C 132 -3.50 -27.19 15.99
C MET C 132 -3.98 -28.24 14.98
N THR C 133 -3.59 -29.49 15.17
CA THR C 133 -4.00 -30.57 14.27
C THR C 133 -5.43 -30.97 14.62
N ASP C 134 -6.10 -31.69 13.72
CA ASP C 134 -7.46 -32.14 14.00
C ASP C 134 -7.45 -33.05 15.22
N ALA C 135 -6.39 -33.83 15.35
CA ALA C 135 -6.24 -34.76 16.46
C ALA C 135 -6.15 -34.00 17.79
N GLU C 136 -5.38 -32.91 17.80
CA GLU C 136 -5.23 -32.10 19.00
C GLU C 136 -6.55 -31.42 19.37
N ILE C 137 -7.21 -30.86 18.37
CA ILE C 137 -8.48 -30.18 18.57
C ILE C 137 -9.59 -31.13 19.01
N ASN C 138 -9.58 -32.35 18.47
CA ASN C 138 -10.61 -33.34 18.81
C ASN C 138 -10.30 -34.19 20.03
N GLY C 139 -9.14 -33.99 20.64
CA GLY C 139 -8.78 -34.75 21.83
C GLY C 139 -9.07 -33.92 23.07
N GLU C 140 -8.13 -33.87 24.01
CA GLU C 140 -8.31 -33.06 25.21
C GLU C 140 -7.85 -31.67 24.78
N TYR C 141 -8.74 -30.99 24.08
CA TYR C 141 -8.51 -29.66 23.51
C TYR C 141 -7.72 -28.69 24.38
N GLU C 142 -8.30 -28.31 25.52
CA GLU C 142 -7.64 -27.36 26.41
C GLU C 142 -6.25 -27.81 26.83
N TRP C 143 -6.10 -29.09 27.15
CA TRP C 143 -4.80 -29.62 27.55
C TRP C 143 -3.84 -29.51 26.38
N GLU C 144 -4.36 -29.84 25.20
CA GLU C 144 -3.58 -29.81 23.99
C GLU C 144 -3.15 -28.38 23.62
N THR C 145 -4.00 -27.41 23.90
CA THR C 145 -3.67 -26.01 23.62
C THR C 145 -2.42 -25.67 24.44
N GLY C 146 -2.37 -26.20 25.66
CA GLY C 146 -1.22 -25.98 26.51
C GLY C 146 0.01 -26.62 25.89
N ASN C 147 -0.11 -27.87 25.45
CA ASN C 147 1.01 -28.56 24.81
C ASN C 147 1.54 -27.76 23.61
N VAL C 148 0.64 -27.23 22.79
CA VAL C 148 1.07 -26.47 21.62
C VAL C 148 1.84 -25.20 21.98
N ILE C 149 1.46 -24.57 23.08
CA ILE C 149 2.15 -23.36 23.54
C ILE C 149 3.56 -23.75 23.96
N VAL C 150 3.67 -24.78 24.80
CA VAL C 150 4.95 -25.27 25.28
C VAL C 150 5.86 -25.66 24.10
N GLU C 151 5.30 -26.41 23.15
CA GLU C 151 6.06 -26.85 21.98
C GLU C 151 6.58 -25.65 21.20
N THR C 152 5.77 -24.61 21.11
CA THR C 152 6.14 -23.41 20.39
C THR C 152 7.38 -22.79 21.03
N PHE C 153 7.39 -22.74 22.37
CA PHE C 153 8.51 -22.17 23.07
C PHE C 153 9.75 -23.05 23.03
N GLU C 154 9.54 -24.36 23.17
CA GLU C 154 10.65 -25.29 23.16
C GLU C 154 11.35 -25.38 21.81
N LYS C 155 10.59 -25.48 20.74
CA LYS C 155 11.17 -25.58 19.40
C LYS C 155 11.79 -24.28 18.91
N GLN C 156 11.30 -23.15 19.41
CA GLN C 156 11.84 -21.87 18.98
C GLN C 156 12.87 -21.30 19.95
N GLY C 157 13.27 -22.13 20.91
CA GLY C 157 14.27 -21.71 21.88
C GLY C 157 13.93 -20.43 22.61
N ILE C 158 12.71 -20.35 23.13
CA ILE C 158 12.29 -19.16 23.85
C ILE C 158 12.02 -19.45 25.32
N ASP C 159 12.56 -18.60 26.19
CA ASP C 159 12.42 -18.75 27.63
C ASP C 159 11.15 -18.08 28.15
N ALA C 160 10.26 -18.88 28.72
CA ALA C 160 8.99 -18.41 29.27
C ALA C 160 9.16 -17.29 30.29
N ALA C 161 10.29 -17.28 30.98
CA ALA C 161 10.55 -16.25 31.98
C ALA C 161 10.89 -14.91 31.33
N GLN C 162 11.28 -14.93 30.05
CA GLN C 162 11.62 -13.70 29.35
C GLN C 162 10.57 -13.31 28.31
N MET C 163 9.57 -14.17 28.12
CA MET C 163 8.51 -13.93 27.14
C MET C 163 7.19 -14.33 27.80
N PRO C 164 6.62 -13.43 28.62
CA PRO C 164 5.35 -13.64 29.34
C PRO C 164 4.08 -13.57 28.52
N GLY C 165 4.15 -14.00 27.27
CA GLY C 165 2.98 -13.98 26.42
C GLY C 165 3.09 -14.87 25.20
N VAL C 166 1.95 -15.23 24.65
CA VAL C 166 1.88 -16.07 23.46
C VAL C 166 0.51 -15.90 22.84
N LEU C 167 0.44 -16.05 21.52
CA LEU C 167 -0.82 -15.95 20.81
C LEU C 167 -1.14 -17.35 20.29
N VAL C 168 -2.33 -17.84 20.56
CA VAL C 168 -2.72 -19.16 20.07
C VAL C 168 -3.46 -18.94 18.75
N HIS C 169 -2.94 -19.55 17.69
CA HIS C 169 -3.49 -19.41 16.35
C HIS C 169 -5.03 -19.47 16.29
N SER C 170 -5.62 -18.50 15.59
CA SER C 170 -7.08 -18.41 15.41
C SER C 170 -7.84 -18.38 16.74
N HIS C 171 -7.15 -18.10 17.84
CA HIS C 171 -7.83 -18.11 19.12
C HIS C 171 -7.71 -16.82 19.92
N GLY C 172 -6.59 -16.66 20.61
CA GLY C 172 -6.42 -15.46 21.41
C GLY C 172 -5.14 -15.50 22.19
N PRO C 173 -4.88 -14.46 23.00
CA PRO C 173 -3.66 -14.39 23.80
C PRO C 173 -3.68 -15.06 25.16
N PHE C 174 -2.50 -15.48 25.59
CA PHE C 174 -2.29 -16.08 26.91
C PHE C 174 -1.09 -15.31 27.44
N ALA C 175 -1.15 -14.87 28.69
CA ALA C 175 -0.04 -14.15 29.29
C ALA C 175 0.20 -14.69 30.69
N TRP C 176 1.37 -14.42 31.25
CA TRP C 176 1.65 -14.89 32.59
C TRP C 176 2.63 -13.97 33.29
N GLY C 177 2.90 -14.25 34.56
CA GLY C 177 3.82 -13.42 35.31
C GLY C 177 4.16 -14.05 36.65
N LYS C 178 4.80 -13.27 37.53
CA LYS C 178 5.20 -13.73 38.85
C LYS C 178 4.00 -14.08 39.72
N ASN C 179 2.91 -13.35 39.53
CA ASN C 179 1.69 -13.56 40.30
C ASN C 179 0.50 -13.12 39.47
N ALA C 180 -0.69 -13.19 40.06
CA ALA C 180 -1.93 -12.82 39.36
C ALA C 180 -1.84 -11.41 38.80
N GLU C 181 -1.59 -10.43 39.66
CA GLU C 181 -1.48 -9.04 39.21
C GLU C 181 -0.45 -8.85 38.12
N ASP C 182 0.76 -9.37 38.33
CA ASP C 182 1.81 -9.22 37.33
C ASP C 182 1.36 -9.80 35.98
N ALA C 183 0.64 -10.92 36.04
CA ALA C 183 0.14 -11.55 34.82
C ALA C 183 -0.85 -10.62 34.12
N VAL C 184 -1.72 -9.97 34.90
CA VAL C 184 -2.69 -9.05 34.32
C VAL C 184 -1.96 -7.88 33.65
N HIS C 185 -0.90 -7.38 34.30
CA HIS C 185 -0.12 -6.27 33.75
C HIS C 185 0.52 -6.64 32.42
N ASN C 186 1.07 -7.84 32.34
CA ASN C 186 1.69 -8.28 31.09
C ASN C 186 0.63 -8.39 30.00
N ALA C 187 -0.56 -8.83 30.37
CA ALA C 187 -1.67 -8.96 29.43
C ALA C 187 -2.09 -7.57 28.89
N ILE C 188 -2.06 -6.53 29.74
CA ILE C 188 -2.46 -5.23 29.24
C ILE C 188 -1.39 -4.67 28.30
N VAL C 189 -0.11 -4.92 28.61
CA VAL C 189 0.94 -4.44 27.73
C VAL C 189 0.89 -5.23 26.42
N LEU C 190 0.62 -6.53 26.50
CA LEU C 190 0.52 -7.35 25.29
C LEU C 190 -0.53 -6.76 24.35
N GLU C 191 -1.66 -6.34 24.91
CA GLU C 191 -2.72 -5.75 24.11
C GLU C 191 -2.26 -4.42 23.53
N GLU C 192 -1.49 -3.69 24.33
CA GLU C 192 -0.99 -2.39 23.94
C GLU C 192 -0.01 -2.45 22.75
N VAL C 193 0.95 -3.37 22.78
CA VAL C 193 1.90 -3.46 21.66
C VAL C 193 1.25 -4.10 20.44
N ALA C 194 0.23 -4.93 20.68
CA ALA C 194 -0.47 -5.55 19.58
C ALA C 194 -1.22 -4.45 18.81
N TYR C 195 -1.82 -3.52 19.54
CA TYR C 195 -2.54 -2.42 18.91
C TYR C 195 -1.58 -1.53 18.13
N MET C 196 -0.48 -1.15 18.77
CA MET C 196 0.48 -0.28 18.10
C MET C 196 1.19 -0.98 16.95
N GLY C 197 1.36 -2.29 17.06
CA GLY C 197 2.04 -3.03 16.01
C GLY C 197 1.23 -3.04 14.72
N ILE C 198 -0.08 -3.02 14.84
CA ILE C 198 -0.95 -3.01 13.66
C ILE C 198 -0.74 -1.74 12.84
N PHE C 199 -0.80 -0.61 13.52
CA PHE C 199 -0.68 0.67 12.83
C PHE C 199 0.73 1.14 12.52
N CYS C 200 1.74 0.67 13.25
CA CYS C 200 3.07 1.10 12.89
C CYS C 200 3.47 0.34 11.63
N ARG C 201 2.93 -0.88 11.45
CA ARG C 201 3.21 -1.62 10.21
C ARG C 201 2.50 -0.88 9.08
N GLN C 202 1.32 -0.36 9.36
CA GLN C 202 0.56 0.36 8.35
C GLN C 202 1.36 1.59 7.88
N LEU C 203 1.92 2.33 8.82
CA LEU C 203 2.69 3.51 8.48
C LEU C 203 4.01 3.14 7.80
N ALA C 204 4.61 2.03 8.25
CA ALA C 204 5.89 1.58 7.72
C ALA C 204 5.89 0.08 7.45
N PRO C 205 5.29 -0.35 6.34
CA PRO C 205 5.26 -1.79 6.02
C PRO C 205 6.60 -2.54 5.94
N GLN C 206 7.69 -1.87 5.62
CA GLN C 206 8.98 -2.54 5.56
C GLN C 206 9.83 -2.23 6.79
N LEU C 207 9.20 -1.72 7.83
CA LEU C 207 9.88 -1.36 9.07
C LEU C 207 10.58 -2.59 9.67
N PRO C 208 11.89 -2.49 9.90
CA PRO C 208 12.62 -3.63 10.48
C PRO C 208 12.38 -3.69 12.00
N ASP C 209 12.56 -4.86 12.60
CA ASP C 209 12.37 -4.99 14.05
C ASP C 209 13.34 -4.01 14.72
N MET C 210 13.08 -3.67 15.98
CA MET C 210 13.95 -2.70 16.67
C MET C 210 15.37 -3.18 16.87
N GLN C 211 16.29 -2.22 17.01
CA GLN C 211 17.70 -2.53 17.24
C GLN C 211 17.83 -3.50 18.41
N GLN C 212 18.63 -4.55 18.23
CA GLN C 212 18.81 -5.53 19.28
C GLN C 212 19.37 -4.86 20.54
N THR C 213 20.28 -3.90 20.33
CA THR C 213 20.89 -3.17 21.43
C THR C 213 19.85 -2.43 22.26
N LEU C 214 18.90 -1.79 21.59
CA LEU C 214 17.85 -1.04 22.28
C LEU C 214 16.93 -2.02 22.99
N LEU C 215 16.68 -3.16 22.36
CA LEU C 215 15.83 -4.20 22.96
C LEU C 215 16.51 -4.71 24.23
N ASN C 216 17.82 -5.01 24.13
CA ASN C 216 18.58 -5.51 25.28
C ASN C 216 18.62 -4.49 26.42
N LYS C 217 18.88 -3.23 26.08
CA LYS C 217 18.95 -2.18 27.10
C LYS C 217 17.67 -2.14 27.91
N HIS C 218 16.53 -2.10 27.23
CA HIS C 218 15.25 -2.02 27.92
C HIS C 218 14.82 -3.29 28.65
N TYR C 219 14.97 -4.46 28.03
CA TYR C 219 14.55 -5.66 28.73
C TYR C 219 15.53 -6.09 29.83
N LEU C 220 16.82 -6.16 29.50
CA LEU C 220 17.83 -6.57 30.45
C LEU C 220 17.99 -5.56 31.59
N ARG C 221 17.74 -4.28 31.31
CA ARG C 221 17.84 -3.24 32.33
C ARG C 221 17.06 -3.71 33.54
N LYS C 222 15.76 -3.91 33.36
CA LYS C 222 14.92 -4.42 34.44
C LYS C 222 15.02 -5.93 34.33
N HIS C 223 14.20 -6.66 35.08
CA HIS C 223 14.27 -8.12 35.04
C HIS C 223 15.67 -8.57 35.45
N MET D 1 -44.54 28.78 26.22
CA MET D 1 -44.61 30.26 26.07
C MET D 1 -43.58 30.95 26.95
N LEU D 2 -43.36 30.40 28.14
CA LEU D 2 -42.42 30.95 29.09
C LEU D 2 -41.38 29.87 29.35
N GLU D 3 -40.65 29.51 28.29
CA GLU D 3 -39.64 28.47 28.39
C GLU D 3 -38.63 28.63 29.53
N ASP D 4 -38.03 29.81 29.63
CA ASP D 4 -37.05 30.04 30.69
C ASP D 4 -37.65 29.94 32.10
N LEU D 5 -38.83 30.52 32.28
CA LEU D 5 -39.50 30.46 33.57
C LEU D 5 -39.75 29.00 33.94
N LYS D 6 -40.17 28.21 32.95
CA LYS D 6 -40.43 26.79 33.16
C LYS D 6 -39.16 26.06 33.57
N ARG D 7 -38.04 26.48 32.98
CA ARG D 7 -36.75 25.89 33.30
C ARG D 7 -36.40 26.21 34.76
N GLN D 8 -36.59 27.48 35.15
CA GLN D 8 -36.29 27.91 36.51
C GLN D 8 -37.17 27.17 37.53
N VAL D 9 -38.46 27.09 37.23
CA VAL D 9 -39.40 26.41 38.10
C VAL D 9 -39.03 24.93 38.23
N LEU D 10 -38.66 24.30 37.11
CA LEU D 10 -38.28 22.89 37.12
C LEU D 10 -37.07 22.69 38.03
N GLU D 11 -36.02 23.46 37.81
CA GLU D 11 -34.82 23.34 38.64
C GLU D 11 -35.11 23.61 40.12
N ALA D 12 -36.01 24.56 40.40
CA ALA D 12 -36.34 24.86 41.78
C ALA D 12 -37.01 23.64 42.43
N ASN D 13 -37.91 22.99 41.69
CA ASN D 13 -38.59 21.81 42.21
C ASN D 13 -37.62 20.64 42.40
N LEU D 14 -36.69 20.50 41.47
CA LEU D 14 -35.70 19.43 41.53
C LEU D 14 -34.75 19.64 42.71
N ALA D 15 -34.60 20.90 43.12
CA ALA D 15 -33.73 21.24 44.23
C ALA D 15 -34.33 20.82 45.58
N LEU D 16 -35.64 20.70 45.65
CA LEU D 16 -36.29 20.31 46.90
C LEU D 16 -35.73 19.01 47.49
N PRO D 17 -35.76 17.89 46.75
CA PRO D 17 -35.21 16.69 47.35
C PRO D 17 -33.70 16.75 47.53
N LYS D 18 -33.03 17.51 46.68
CA LYS D 18 -31.58 17.64 46.78
C LYS D 18 -31.18 18.28 48.11
N HIS D 19 -32.01 19.18 48.61
CA HIS D 19 -31.72 19.82 49.90
C HIS D 19 -32.46 19.17 51.04
N ASN D 20 -32.93 17.94 50.81
CA ASN D 20 -33.65 17.18 51.81
C ASN D 20 -34.83 17.89 52.45
N LEU D 21 -35.54 18.70 51.68
CA LEU D 21 -36.70 19.41 52.22
C LEU D 21 -37.95 18.62 51.94
N VAL D 22 -37.80 17.50 51.23
CA VAL D 22 -38.96 16.72 50.90
C VAL D 22 -38.71 15.23 50.76
N THR D 23 -39.81 14.48 50.81
CA THR D 23 -39.81 13.03 50.68
C THR D 23 -40.82 12.69 49.57
N LEU D 24 -40.63 11.56 48.91
CA LEU D 24 -41.55 11.11 47.86
C LEU D 24 -41.89 12.25 46.91
N THR D 25 -43.17 12.50 46.68
CA THR D 25 -43.58 13.57 45.77
C THR D 25 -44.06 14.83 46.48
N TRP D 26 -43.84 14.91 47.79
CA TRP D 26 -44.28 16.09 48.54
C TRP D 26 -43.54 17.34 48.06
N GLY D 27 -44.11 18.50 48.35
CA GLY D 27 -43.47 19.75 47.97
C GLY D 27 -43.77 20.26 46.58
N ASN D 28 -43.70 21.58 46.41
CA ASN D 28 -43.95 22.21 45.14
C ASN D 28 -43.46 23.65 45.13
N VAL D 29 -42.92 24.08 43.99
CA VAL D 29 -42.41 25.43 43.83
C VAL D 29 -43.06 26.06 42.60
N SER D 30 -43.34 27.36 42.68
CA SER D 30 -43.91 28.08 41.54
C SER D 30 -43.20 29.43 41.44
N ALA D 31 -43.29 30.06 40.27
CA ALA D 31 -42.69 31.36 40.03
C ALA D 31 -43.64 32.14 39.14
N VAL D 32 -43.70 33.45 39.31
CA VAL D 32 -44.64 34.25 38.55
C VAL D 32 -44.07 35.08 37.41
N ASP D 33 -44.98 35.52 36.53
CA ASP D 33 -44.64 36.40 35.42
C ASP D 33 -45.79 37.40 35.47
N ARG D 34 -45.58 38.44 36.27
CA ARG D 34 -46.53 39.51 36.51
C ARG D 34 -47.10 40.15 35.24
N GLU D 35 -46.22 40.47 34.28
CA GLU D 35 -46.65 41.09 33.03
C GLU D 35 -47.63 40.22 32.26
N ARG D 36 -47.39 38.92 32.25
CA ARG D 36 -48.28 38.00 31.55
C ARG D 36 -49.45 37.60 32.44
N GLY D 37 -49.40 38.00 33.71
CA GLY D 37 -50.47 37.68 34.64
C GLY D 37 -50.66 36.18 34.81
N VAL D 38 -49.55 35.46 34.91
CA VAL D 38 -49.61 34.02 35.06
C VAL D 38 -48.45 33.53 35.92
N PHE D 39 -48.54 32.30 36.39
CA PHE D 39 -47.43 31.71 37.15
C PHE D 39 -47.22 30.27 36.69
N VAL D 40 -46.02 29.77 36.88
CA VAL D 40 -45.67 28.41 36.46
C VAL D 40 -45.45 27.57 37.72
N ILE D 41 -46.05 26.39 37.76
CA ILE D 41 -45.95 25.54 38.93
C ILE D 41 -45.75 24.05 38.65
N LYS D 42 -45.20 23.36 39.64
CA LYS D 42 -44.96 21.93 39.58
C LYS D 42 -46.27 21.20 39.27
N PRO D 43 -46.20 20.12 38.48
CA PRO D 43 -47.43 19.37 38.17
C PRO D 43 -47.72 18.42 39.32
N SER D 44 -48.93 17.88 39.35
CA SER D 44 -49.29 16.94 40.41
C SER D 44 -49.06 15.52 39.90
N GLY D 45 -48.65 14.63 40.80
CA GLY D 45 -48.44 13.25 40.42
C GLY D 45 -47.30 12.96 39.44
N VAL D 46 -46.15 13.59 39.67
CA VAL D 46 -44.98 13.37 38.82
C VAL D 46 -43.75 13.28 39.72
N ASP D 47 -43.00 12.19 39.61
CA ASP D 47 -41.80 12.02 40.43
C ASP D 47 -40.74 13.03 40.01
N TYR D 48 -39.96 13.48 40.98
CA TYR D 48 -38.89 14.43 40.71
C TYR D 48 -37.86 13.83 39.75
N SER D 49 -37.68 12.51 39.81
CA SER D 49 -36.70 11.85 38.97
C SER D 49 -37.05 11.78 37.48
N ILE D 50 -38.33 11.97 37.14
CA ILE D 50 -38.78 11.91 35.76
C ILE D 50 -39.24 13.27 35.23
N MET D 51 -39.39 14.22 36.14
CA MET D 51 -39.87 15.57 35.84
C MET D 51 -39.03 16.34 34.81
N THR D 52 -39.69 16.90 33.81
CA THR D 52 -39.02 17.71 32.78
C THR D 52 -39.71 19.06 32.67
N ALA D 53 -39.05 20.01 32.01
CA ALA D 53 -39.57 21.37 31.82
C ALA D 53 -40.96 21.43 31.21
N ASP D 54 -41.25 20.52 30.29
CA ASP D 54 -42.56 20.50 29.65
C ASP D 54 -43.66 20.06 30.60
N ASP D 55 -43.27 19.52 31.76
CA ASP D 55 -44.22 19.06 32.75
C ASP D 55 -44.76 20.22 33.60
N MET D 56 -44.05 21.35 33.59
CA MET D 56 -44.50 22.51 34.37
C MET D 56 -45.82 23.01 33.82
N VAL D 57 -46.69 23.50 34.71
CA VAL D 57 -48.00 23.99 34.31
C VAL D 57 -48.13 25.51 34.44
N VAL D 58 -48.71 26.13 33.42
CA VAL D 58 -48.91 27.59 33.40
C VAL D 58 -50.34 27.89 33.88
N VAL D 59 -50.44 28.67 34.95
CA VAL D 59 -51.75 28.99 35.53
C VAL D 59 -52.05 30.47 35.58
N SER D 60 -53.25 30.86 35.17
CA SER D 60 -53.66 32.26 35.20
C SER D 60 -53.86 32.72 36.63
N ILE D 61 -53.29 33.87 36.97
CA ILE D 61 -53.40 34.43 38.32
C ILE D 61 -54.82 34.93 38.59
N GLU D 62 -55.42 35.57 37.60
CA GLU D 62 -56.77 36.10 37.77
C GLU D 62 -57.86 35.03 37.82
N THR D 63 -57.73 33.98 37.03
CA THR D 63 -58.76 32.96 36.98
C THR D 63 -58.46 31.59 37.58
N GLY D 64 -57.19 31.25 37.75
CA GLY D 64 -56.84 29.95 38.28
C GLY D 64 -56.92 28.87 37.21
N GLU D 65 -57.19 29.28 35.99
CA GLU D 65 -57.31 28.34 34.88
C GLU D 65 -55.93 27.97 34.31
N VAL D 66 -55.79 26.72 33.86
CA VAL D 66 -54.53 26.29 33.29
C VAL D 66 -54.45 26.87 31.87
N VAL D 67 -53.41 27.67 31.64
CA VAL D 67 -53.20 28.34 30.37
C VAL D 67 -52.46 27.47 29.37
N GLU D 68 -51.48 26.72 29.85
CA GLU D 68 -50.68 25.85 29.00
C GLU D 68 -50.11 24.70 29.84
N GLY D 69 -49.96 23.54 29.21
CA GLY D 69 -49.42 22.39 29.91
C GLY D 69 -50.35 21.20 29.78
N ALA D 70 -49.80 19.99 29.78
CA ALA D 70 -50.60 18.78 29.65
C ALA D 70 -50.92 18.19 31.01
N LYS D 71 -49.99 18.34 31.94
CA LYS D 71 -50.12 17.82 33.29
C LYS D 71 -51.08 18.60 34.19
N LYS D 72 -51.57 17.91 35.22
CA LYS D 72 -52.46 18.51 36.21
C LYS D 72 -51.57 19.35 37.13
N PRO D 73 -51.93 20.62 37.37
CA PRO D 73 -51.08 21.42 38.26
C PRO D 73 -51.14 20.90 39.70
N SER D 74 -50.17 21.32 40.52
CA SER D 74 -50.12 20.89 41.91
C SER D 74 -51.45 21.15 42.63
N SER D 75 -51.81 20.26 43.54
CA SER D 75 -53.05 20.43 44.29
C SER D 75 -52.97 21.67 45.18
N ASP D 76 -51.75 22.17 45.40
CA ASP D 76 -51.54 23.37 46.22
C ASP D 76 -51.63 24.66 45.42
N THR D 77 -51.86 24.52 44.12
CA THR D 77 -51.95 25.67 43.21
C THR D 77 -52.80 26.85 43.72
N PRO D 78 -53.98 26.60 44.31
CA PRO D 78 -54.78 27.72 44.79
C PRO D 78 -54.10 28.59 45.87
N THR D 79 -53.33 27.97 46.76
CA THR D 79 -52.65 28.72 47.81
C THR D 79 -51.62 29.63 47.14
N HIS D 80 -50.90 29.09 46.16
CA HIS D 80 -49.90 29.87 45.44
C HIS D 80 -50.57 31.08 44.78
N ARG D 81 -51.65 30.82 44.06
CA ARG D 81 -52.40 31.86 43.37
C ARG D 81 -52.86 32.97 44.31
N LEU D 82 -53.49 32.60 45.42
CA LEU D 82 -53.94 33.58 46.38
C LEU D 82 -52.76 34.42 46.87
N LEU D 83 -51.66 33.76 47.21
CA LEU D 83 -50.51 34.47 47.71
C LEU D 83 -49.95 35.48 46.70
N TYR D 84 -49.95 35.16 45.42
CA TYR D 84 -49.44 36.10 44.42
C TYR D 84 -50.33 37.33 44.33
N GLN D 85 -51.64 37.13 44.45
CA GLN D 85 -52.58 38.25 44.37
C GLN D 85 -52.41 39.15 45.60
N ALA D 86 -52.33 38.52 46.77
CA ALA D 86 -52.18 39.24 48.02
C ALA D 86 -50.87 39.96 48.24
N PHE D 87 -49.76 39.35 47.82
CA PHE D 87 -48.44 39.95 48.00
C PHE D 87 -47.75 40.24 46.68
N PRO D 88 -47.87 41.48 46.20
CA PRO D 88 -47.28 41.93 44.93
C PRO D 88 -45.77 41.78 44.82
N SER D 89 -45.09 41.92 45.95
CA SER D 89 -43.62 41.84 45.96
C SER D 89 -43.02 40.48 45.64
N ILE D 90 -43.73 39.39 45.94
CA ILE D 90 -43.17 38.07 45.71
C ILE D 90 -43.16 37.58 44.27
N GLY D 91 -42.12 36.82 43.92
CA GLY D 91 -41.99 36.30 42.57
C GLY D 91 -41.89 34.78 42.50
N GLY D 92 -41.80 34.14 43.66
CA GLY D 92 -41.69 32.69 43.71
C GLY D 92 -42.19 32.17 45.05
N ILE D 93 -42.81 31.00 45.03
CA ILE D 93 -43.35 30.39 46.23
C ILE D 93 -42.92 28.94 46.37
N VAL D 94 -42.59 28.53 47.59
CA VAL D 94 -42.18 27.16 47.85
C VAL D 94 -42.99 26.56 48.99
N HIS D 95 -43.50 25.36 48.76
CA HIS D 95 -44.23 24.67 49.80
C HIS D 95 -43.64 23.28 49.98
N THR D 96 -43.34 22.92 51.21
CA THR D 96 -42.79 21.61 51.51
C THR D 96 -43.29 21.19 52.88
N HIS D 97 -42.84 20.01 53.28
CA HIS D 97 -43.15 19.49 54.60
C HIS D 97 -41.78 19.18 55.18
N SER D 98 -40.83 20.09 54.97
CA SER D 98 -39.48 19.90 55.49
C SER D 98 -39.64 19.59 56.98
N ARG D 99 -39.05 18.48 57.39
CA ARG D 99 -39.17 17.99 58.75
C ARG D 99 -39.26 18.93 59.94
N HIS D 100 -38.23 19.72 60.17
CA HIS D 100 -38.25 20.57 61.35
C HIS D 100 -39.20 21.75 61.31
N ALA D 101 -39.37 22.36 60.15
CA ALA D 101 -40.32 23.46 60.03
C ALA D 101 -41.70 22.87 60.29
N THR D 102 -41.92 21.65 59.79
CA THR D 102 -43.20 20.97 59.96
C THR D 102 -43.41 20.56 61.42
N ILE D 103 -42.34 20.28 62.13
CA ILE D 103 -42.48 19.93 63.53
C ILE D 103 -43.08 21.15 64.25
N TRP D 104 -42.57 22.35 63.93
CA TRP D 104 -43.08 23.57 64.55
C TRP D 104 -44.53 23.84 64.15
N ALA D 105 -44.84 23.61 62.87
CA ALA D 105 -46.19 23.82 62.37
C ALA D 105 -47.20 22.88 63.04
N GLN D 106 -46.78 21.63 63.28
CA GLN D 106 -47.65 20.68 63.93
C GLN D 106 -47.85 21.04 65.39
N ALA D 107 -46.83 21.67 65.98
CA ALA D 107 -46.87 22.10 67.37
C ALA D 107 -47.69 23.38 67.50
N GLY D 108 -47.99 24.01 66.37
CA GLY D 108 -48.76 25.24 66.38
C GLY D 108 -48.01 26.38 67.02
N GLN D 109 -46.69 26.40 66.87
CA GLN D 109 -45.86 27.45 67.45
C GLN D 109 -45.03 28.22 66.43
N SER D 110 -44.87 29.52 66.68
CA SER D 110 -44.08 30.37 65.80
C SER D 110 -42.60 30.21 66.16
N ILE D 111 -41.73 30.40 65.19
CA ILE D 111 -40.29 30.27 65.44
C ILE D 111 -39.70 31.61 65.81
N PRO D 112 -39.21 31.74 67.06
CA PRO D 112 -38.63 33.02 67.48
C PRO D 112 -37.24 33.23 66.89
N ALA D 113 -36.85 34.49 66.71
CA ALA D 113 -35.53 34.82 66.19
C ALA D 113 -34.55 34.77 67.36
N THR D 114 -33.61 33.82 67.31
CA THR D 114 -32.63 33.69 68.38
C THR D 114 -31.20 33.63 67.83
N GLY D 115 -31.06 33.86 66.52
CA GLY D 115 -29.74 33.82 65.93
C GLY D 115 -29.61 34.71 64.71
N THR D 116 -28.38 35.08 64.39
CA THR D 116 -28.11 35.93 63.26
C THR D 116 -28.45 35.18 61.96
N THR D 117 -28.37 33.86 61.99
CA THR D 117 -28.69 33.05 60.83
C THR D 117 -30.11 33.44 60.40
N HIS D 118 -31.03 33.32 61.35
CA HIS D 118 -32.44 33.65 61.17
C HIS D 118 -32.61 35.12 60.79
N ALA D 119 -31.89 36.00 61.48
CA ALA D 119 -31.99 37.44 61.24
C ALA D 119 -31.59 37.86 59.82
N ASN D 120 -30.71 37.10 59.20
CA ASN D 120 -30.27 37.42 57.84
C ASN D 120 -31.36 37.20 56.80
N TYR D 121 -32.36 36.38 57.12
CA TYR D 121 -33.42 36.08 56.15
C TYR D 121 -34.86 36.38 56.56
N PHE D 122 -35.16 36.39 57.86
CA PHE D 122 -36.51 36.64 58.35
C PHE D 122 -36.51 37.73 59.42
N TYR D 123 -37.12 38.87 59.11
CA TYR D 123 -37.14 40.00 60.03
C TYR D 123 -38.09 39.82 61.22
N GLY D 124 -37.73 38.92 62.13
CA GLY D 124 -38.54 38.69 63.30
C GLY D 124 -39.02 37.26 63.42
N THR D 125 -39.98 37.06 64.31
CA THR D 125 -40.56 35.74 64.54
C THR D 125 -41.25 35.22 63.28
N ILE D 126 -41.00 33.96 62.93
CA ILE D 126 -41.64 33.37 61.75
C ILE D 126 -42.98 32.88 62.29
N PRO D 127 -44.07 33.51 61.85
CA PRO D 127 -45.42 33.18 62.30
C PRO D 127 -46.04 31.85 61.91
N CYS D 128 -46.77 31.29 62.87
CA CYS D 128 -47.53 30.06 62.66
C CYS D 128 -48.96 30.58 62.66
N THR D 129 -49.77 30.12 61.71
CA THR D 129 -51.15 30.56 61.62
C THR D 129 -52.02 29.93 62.68
N ARG D 130 -53.20 30.50 62.86
CA ARG D 130 -54.18 29.99 63.81
C ARG D 130 -54.73 28.70 63.16
N LYS D 131 -55.51 27.93 63.89
CA LYS D 131 -56.09 26.72 63.33
C LYS D 131 -57.19 27.22 62.41
N MET D 132 -57.50 26.47 61.37
CA MET D 132 -58.56 26.86 60.45
C MET D 132 -59.91 26.42 60.99
N THR D 133 -60.97 27.12 60.60
CA THR D 133 -62.32 26.79 61.04
C THR D 133 -62.84 25.61 60.21
N ASP D 134 -63.90 24.95 60.66
CA ASP D 134 -64.46 23.83 59.91
C ASP D 134 -64.94 24.28 58.54
N ALA D 135 -65.56 25.45 58.50
CA ALA D 135 -66.07 25.99 57.25
C ALA D 135 -64.92 26.23 56.28
N GLU D 136 -63.79 26.72 56.80
CA GLU D 136 -62.62 26.98 55.97
C GLU D 136 -62.05 25.69 55.42
N ILE D 137 -61.95 24.68 56.28
CA ILE D 137 -61.42 23.40 55.87
C ILE D 137 -62.36 22.68 54.91
N ASN D 138 -63.66 22.80 55.14
CA ASN D 138 -64.63 22.14 54.28
C ASN D 138 -65.07 22.93 53.05
N GLY D 139 -64.50 24.11 52.85
CA GLY D 139 -64.82 24.91 51.68
C GLY D 139 -63.69 24.69 50.68
N GLU D 140 -63.11 25.78 50.16
CA GLU D 140 -62.00 25.68 49.23
C GLU D 140 -60.74 25.68 50.09
N TYR D 141 -60.42 24.50 50.62
CA TYR D 141 -59.29 24.31 51.53
C TYR D 141 -57.99 25.03 51.18
N GLU D 142 -57.38 24.69 50.05
CA GLU D 142 -56.12 25.31 49.65
C GLU D 142 -56.24 26.84 49.55
N TRP D 143 -57.31 27.29 48.92
CA TRP D 143 -57.53 28.72 48.74
C TRP D 143 -57.66 29.36 50.13
N GLU D 144 -58.39 28.69 51.01
CA GLU D 144 -58.60 29.20 52.36
C GLU D 144 -57.28 29.22 53.15
N THR D 145 -56.43 28.22 52.92
CA THR D 145 -55.15 28.20 53.59
C THR D 145 -54.45 29.51 53.24
N GLY D 146 -54.59 29.94 51.99
CA GLY D 146 -53.99 31.18 51.56
C GLY D 146 -54.56 32.36 52.33
N ASN D 147 -55.88 32.40 52.47
CA ASN D 147 -56.54 33.49 53.19
C ASN D 147 -56.04 33.58 54.62
N VAL D 148 -55.96 32.43 55.29
CA VAL D 148 -55.52 32.40 56.68
C VAL D 148 -54.09 32.91 56.82
N ILE D 149 -53.23 32.57 55.87
CA ILE D 149 -51.85 33.05 55.93
C ILE D 149 -51.89 34.57 55.83
N VAL D 150 -52.61 35.06 54.81
CA VAL D 150 -52.73 36.50 54.62
C VAL D 150 -53.30 37.17 55.87
N GLU D 151 -54.34 36.59 56.43
CA GLU D 151 -54.95 37.14 57.63
C GLU D 151 -53.95 37.21 58.78
N THR D 152 -53.08 36.21 58.83
CA THR D 152 -52.07 36.13 59.89
C THR D 152 -51.12 37.33 59.79
N PHE D 153 -50.65 37.60 58.58
CA PHE D 153 -49.75 38.73 58.36
C PHE D 153 -50.47 40.05 58.61
N GLU D 154 -51.69 40.17 58.10
CA GLU D 154 -52.45 41.40 58.28
C GLU D 154 -52.70 41.75 59.74
N LYS D 155 -53.25 40.82 60.51
CA LYS D 155 -53.55 41.11 61.91
C LYS D 155 -52.34 41.27 62.84
N GLN D 156 -51.18 40.80 62.41
CA GLN D 156 -49.98 40.92 63.24
C GLN D 156 -49.05 42.01 62.75
N GLY D 157 -49.47 42.75 61.73
CA GLY D 157 -48.67 43.83 61.20
C GLY D 157 -47.32 43.40 60.64
N ILE D 158 -47.31 42.31 59.90
CA ILE D 158 -46.06 41.83 59.32
C ILE D 158 -46.03 41.95 57.81
N ASP D 159 -44.91 42.47 57.31
CA ASP D 159 -44.71 42.69 55.90
C ASP D 159 -44.19 41.45 55.18
N ALA D 160 -44.97 40.95 54.22
CA ALA D 160 -44.60 39.75 53.47
C ALA D 160 -43.23 39.92 52.81
N ALA D 161 -42.83 41.17 52.58
CA ALA D 161 -41.54 41.46 51.96
C ALA D 161 -40.40 41.37 52.96
N GLN D 162 -40.73 41.30 54.25
CA GLN D 162 -39.71 41.22 55.30
C GLN D 162 -39.74 39.85 55.99
N MET D 163 -40.78 39.08 55.72
CA MET D 163 -40.95 37.76 56.33
C MET D 163 -41.35 36.77 55.24
N PRO D 164 -40.34 36.21 54.53
CA PRO D 164 -40.53 35.24 53.44
C PRO D 164 -40.89 33.82 53.86
N GLY D 165 -41.69 33.70 54.91
CA GLY D 165 -42.08 32.38 55.36
C GLY D 165 -43.22 32.42 56.35
N VAL D 166 -43.87 31.28 56.51
CA VAL D 166 -45.00 31.15 57.43
C VAL D 166 -45.23 29.67 57.69
N LEU D 167 -45.73 29.34 58.87
CA LEU D 167 -46.02 27.95 59.19
C LEU D 167 -47.54 27.82 59.27
N VAL D 168 -48.09 26.84 58.56
CA VAL D 168 -49.52 26.63 58.59
C VAL D 168 -49.82 25.56 59.61
N HIS D 169 -50.58 25.96 60.63
CA HIS D 169 -50.97 25.10 61.73
C HIS D 169 -51.30 23.67 61.32
N SER D 170 -50.68 22.70 61.99
CA SER D 170 -50.88 21.28 61.74
C SER D 170 -50.59 20.85 60.32
N HIS D 171 -49.89 21.68 59.56
CA HIS D 171 -49.65 21.36 58.16
C HIS D 171 -48.18 21.38 57.75
N GLY D 172 -47.69 22.58 57.43
CA GLY D 172 -46.30 22.68 57.00
C GLY D 172 -45.94 24.10 56.65
N PRO D 173 -44.69 24.31 56.23
CA PRO D 173 -44.22 25.63 55.85
C PRO D 173 -44.44 26.06 54.41
N PHE D 174 -44.53 27.38 54.24
CA PHE D 174 -44.66 28.00 52.94
C PHE D 174 -43.60 29.11 52.99
N ALA D 175 -42.82 29.23 51.94
CA ALA D 175 -41.79 30.27 51.89
C ALA D 175 -41.94 30.93 50.54
N TRP D 176 -41.36 32.11 50.38
CA TRP D 176 -41.40 32.81 49.11
C TRP D 176 -40.16 33.67 48.93
N GLY D 177 -40.03 34.30 47.78
CA GLY D 177 -38.88 35.14 47.50
C GLY D 177 -39.08 35.92 46.21
N LYS D 178 -38.01 36.53 45.71
CA LYS D 178 -38.06 37.32 44.49
C LYS D 178 -38.28 36.47 43.26
N ASN D 179 -37.88 35.20 43.33
CA ASN D 179 -38.04 34.29 42.20
C ASN D 179 -38.04 32.85 42.73
N ALA D 180 -38.12 31.88 41.82
CA ALA D 180 -38.15 30.48 42.23
C ALA D 180 -36.93 30.06 43.05
N GLU D 181 -35.74 30.46 42.58
CA GLU D 181 -34.50 30.10 43.27
C GLU D 181 -34.41 30.75 44.64
N ASP D 182 -34.70 32.04 44.71
CA ASP D 182 -34.64 32.79 45.97
C ASP D 182 -35.61 32.21 47.00
N ALA D 183 -36.76 31.72 46.53
CA ALA D 183 -37.75 31.16 47.44
C ALA D 183 -37.21 29.85 48.00
N VAL D 184 -36.55 29.07 47.14
CA VAL D 184 -35.97 27.82 47.60
C VAL D 184 -34.92 28.10 48.67
N HIS D 185 -34.15 29.17 48.49
CA HIS D 185 -33.14 29.49 49.50
C HIS D 185 -33.80 29.86 50.84
N ASN D 186 -34.86 30.64 50.80
CA ASN D 186 -35.55 30.99 52.03
C ASN D 186 -36.16 29.76 52.70
N ALA D 187 -36.61 28.80 51.90
CA ALA D 187 -37.19 27.57 52.43
C ALA D 187 -36.12 26.74 53.15
N ILE D 188 -34.89 26.73 52.63
CA ILE D 188 -33.87 25.93 53.28
C ILE D 188 -33.41 26.59 54.59
N VAL D 189 -33.34 27.92 54.62
CA VAL D 189 -32.93 28.63 55.83
C VAL D 189 -34.03 28.48 56.89
N LEU D 190 -35.28 28.55 56.44
CA LEU D 190 -36.43 28.39 57.34
C LEU D 190 -36.28 27.03 58.06
N GLU D 191 -35.89 26.01 57.30
CA GLU D 191 -35.71 24.67 57.83
C GLU D 191 -34.54 24.64 58.82
N GLU D 192 -33.46 25.33 58.47
CA GLU D 192 -32.28 25.38 59.34
C GLU D 192 -32.58 26.04 60.69
N VAL D 193 -33.24 27.18 60.67
CA VAL D 193 -33.55 27.87 61.92
C VAL D 193 -34.61 27.12 62.73
N ALA D 194 -35.45 26.35 62.04
CA ALA D 194 -36.47 25.57 62.73
C ALA D 194 -35.74 24.46 63.48
N TYR D 195 -34.74 23.88 62.83
CA TYR D 195 -33.96 22.82 63.46
C TYR D 195 -33.23 23.35 64.68
N MET D 196 -32.43 24.40 64.49
CA MET D 196 -31.68 24.96 65.59
C MET D 196 -32.59 25.52 66.69
N GLY D 197 -33.77 25.97 66.30
CA GLY D 197 -34.72 26.51 67.25
C GLY D 197 -35.23 25.45 68.22
N ILE D 198 -35.40 24.23 67.73
CA ILE D 198 -35.88 23.14 68.58
C ILE D 198 -34.88 22.87 69.69
N PHE D 199 -33.61 22.73 69.31
CA PHE D 199 -32.59 22.40 70.29
C PHE D 199 -31.98 23.54 71.09
N CYS D 200 -32.03 24.77 70.58
CA CYS D 200 -31.50 25.85 71.39
C CYS D 200 -32.55 26.10 72.49
N ARG D 201 -33.81 25.75 72.20
CA ARG D 201 -34.85 25.89 73.22
C ARG D 201 -34.61 24.79 74.26
N GLN D 202 -34.26 23.60 73.78
CA GLN D 202 -33.99 22.49 74.68
C GLN D 202 -32.86 22.88 75.64
N LEU D 203 -31.83 23.54 75.14
CA LEU D 203 -30.71 23.96 75.98
C LEU D 203 -31.08 25.11 76.92
N ALA D 204 -31.87 26.05 76.41
CA ALA D 204 -32.32 27.20 77.19
C ALA D 204 -33.80 27.43 76.97
N PRO D 205 -34.65 26.71 77.73
CA PRO D 205 -36.10 26.86 77.60
C PRO D 205 -36.69 28.24 77.84
N GLN D 206 -35.97 29.12 78.56
CA GLN D 206 -36.46 30.47 78.78
C GLN D 206 -35.60 31.50 78.03
N LEU D 207 -34.99 31.03 76.94
CA LEU D 207 -34.14 31.89 76.13
C LEU D 207 -34.95 33.01 75.49
N PRO D 208 -34.56 34.26 75.74
CA PRO D 208 -35.29 35.39 75.15
C PRO D 208 -34.95 35.52 73.67
N ASP D 209 -35.81 36.19 72.91
CA ASP D 209 -35.56 36.41 71.49
C ASP D 209 -34.27 37.23 71.42
N MET D 210 -33.55 37.13 70.31
CA MET D 210 -32.30 37.85 70.15
C MET D 210 -32.48 39.37 70.28
N GLN D 211 -31.39 40.06 70.61
CA GLN D 211 -31.39 41.51 70.76
C GLN D 211 -31.99 42.16 69.51
N GLN D 212 -32.95 43.05 69.71
CA GLN D 212 -33.57 43.74 68.59
C GLN D 212 -32.50 44.43 67.74
N THR D 213 -31.49 45.00 68.42
CA THR D 213 -30.41 45.70 67.73
C THR D 213 -29.63 44.75 66.81
N LEU D 214 -29.40 43.53 67.28
CA LEU D 214 -28.66 42.55 66.50
C LEU D 214 -29.54 42.09 65.33
N LEU D 215 -30.84 42.00 65.56
CA LEU D 215 -31.79 41.58 64.52
C LEU D 215 -31.75 42.62 63.42
N ASN D 216 -31.94 43.89 63.79
CA ASN D 216 -31.93 44.98 62.81
C ASN D 216 -30.64 45.01 62.00
N LYS D 217 -29.53 44.84 62.70
CA LYS D 217 -28.22 44.86 62.05
C LYS D 217 -28.13 43.84 60.92
N HIS D 218 -28.51 42.61 61.21
CA HIS D 218 -28.45 41.55 60.22
C HIS D 218 -29.53 41.60 59.16
N TYR D 219 -30.76 41.93 59.52
CA TYR D 219 -31.78 41.96 58.50
C TYR D 219 -31.71 43.25 57.68
N LEU D 220 -31.56 44.39 58.34
CA LEU D 220 -31.50 45.64 57.61
C LEU D 220 -30.29 45.74 56.68
N ARG D 221 -29.16 45.19 57.10
CA ARG D 221 -27.96 45.23 56.28
C ARG D 221 -28.37 44.80 54.87
N LYS D 222 -28.61 43.51 54.68
CA LYS D 222 -29.07 43.01 53.39
C LYS D 222 -30.57 43.31 53.37
N HIS D 223 -31.24 43.16 52.24
CA HIS D 223 -32.68 43.44 52.17
C HIS D 223 -32.99 44.93 52.36
N MET E 1 -32.08 8.46 136.13
CA MET E 1 -30.76 9.03 136.50
C MET E 1 -30.47 10.35 135.78
N LEU E 2 -30.14 10.29 134.50
CA LEU E 2 -29.83 11.49 133.75
C LEU E 2 -31.09 12.31 133.47
N GLU E 3 -31.77 12.71 134.53
CA GLU E 3 -33.00 13.48 134.43
C GLU E 3 -32.94 14.71 133.52
N ASP E 4 -31.90 15.52 133.65
CA ASP E 4 -31.81 16.70 132.81
C ASP E 4 -31.63 16.34 131.34
N LEU E 5 -30.84 15.31 131.08
CA LEU E 5 -30.59 14.86 129.72
C LEU E 5 -31.88 14.29 129.12
N LYS E 6 -32.58 13.48 129.90
CA LYS E 6 -33.84 12.89 129.46
C LYS E 6 -34.80 14.01 129.08
N ARG E 7 -34.75 15.09 129.86
CA ARG E 7 -35.60 16.25 129.64
C ARG E 7 -35.28 16.85 128.27
N GLN E 8 -33.99 16.95 127.98
CA GLN E 8 -33.53 17.52 126.71
C GLN E 8 -33.87 16.66 125.51
N VAL E 9 -33.71 15.35 125.65
CA VAL E 9 -34.00 14.44 124.57
C VAL E 9 -35.51 14.41 124.31
N LEU E 10 -36.29 14.46 125.38
CA LEU E 10 -37.74 14.45 125.26
C LEU E 10 -38.15 15.66 124.43
N GLU E 11 -37.73 16.85 124.86
CA GLU E 11 -38.06 18.08 124.15
C GLU E 11 -37.64 18.02 122.69
N ALA E 12 -36.43 17.55 122.42
CA ALA E 12 -35.92 17.44 121.06
C ALA E 12 -36.85 16.54 120.24
N ASN E 13 -37.23 15.40 120.81
CA ASN E 13 -38.12 14.48 120.12
C ASN E 13 -39.47 15.12 119.85
N LEU E 14 -40.02 15.81 120.85
CA LEU E 14 -41.31 16.47 120.68
C LEU E 14 -41.23 17.56 119.62
N ALA E 15 -40.03 18.09 119.42
CA ALA E 15 -39.80 19.14 118.43
C ALA E 15 -39.92 18.60 116.99
N LEU E 16 -39.64 17.31 116.81
CA LEU E 16 -39.71 16.69 115.48
C LEU E 16 -41.04 16.94 114.77
N PRO E 17 -42.16 16.52 115.39
CA PRO E 17 -43.45 16.75 114.72
C PRO E 17 -43.82 18.22 114.62
N LYS E 18 -43.33 19.02 115.57
CA LYS E 18 -43.61 20.46 115.58
C LYS E 18 -43.02 21.15 114.37
N HIS E 19 -41.90 20.65 113.88
CA HIS E 19 -41.25 21.23 112.71
C HIS E 19 -41.55 20.45 111.44
N ASN E 20 -42.63 19.69 111.48
CA ASN E 20 -43.07 18.88 110.34
C ASN E 20 -41.98 18.01 109.73
N LEU E 21 -41.07 17.53 110.56
CA LEU E 21 -39.99 16.67 110.08
C LEU E 21 -40.42 15.21 110.13
N VAL E 22 -41.55 14.94 110.76
CA VAL E 22 -42.02 13.58 110.91
C VAL E 22 -43.54 13.39 110.85
N THR E 23 -43.94 12.14 110.67
CA THR E 23 -45.34 11.74 110.61
C THR E 23 -45.50 10.55 111.57
N LEU E 24 -46.73 10.29 112.03
CA LEU E 24 -46.98 9.18 112.94
C LEU E 24 -45.93 9.11 114.05
N THR E 25 -45.23 7.97 114.16
CA THR E 25 -44.21 7.83 115.18
C THR E 25 -42.81 7.71 114.60
N TRP E 26 -42.65 8.10 113.34
CA TRP E 26 -41.33 8.03 112.70
C TRP E 26 -40.36 9.01 113.35
N GLY E 27 -39.07 8.81 113.10
CA GLY E 27 -38.07 9.70 113.65
C GLY E 27 -37.65 9.45 115.09
N ASN E 28 -36.52 10.04 115.47
CA ASN E 28 -36.00 9.91 116.83
C ASN E 28 -34.78 10.79 117.06
N VAL E 29 -34.57 11.17 118.31
CA VAL E 29 -33.45 12.01 118.69
C VAL E 29 -32.75 11.40 119.91
N SER E 30 -31.43 11.57 119.97
CA SER E 30 -30.64 11.06 121.09
C SER E 30 -29.58 12.08 121.46
N ALA E 31 -29.09 11.98 122.69
CA ALA E 31 -28.05 12.87 123.18
C ALA E 31 -27.10 11.99 123.97
N VAL E 32 -25.80 12.25 123.85
CA VAL E 32 -24.81 11.44 124.53
C VAL E 32 -24.10 12.14 125.67
N ASP E 33 -23.56 11.33 126.58
CA ASP E 33 -22.79 11.80 127.72
C ASP E 33 -21.61 10.84 127.79
N ARG E 34 -20.53 11.20 127.11
CA ARG E 34 -19.33 10.37 127.08
C ARG E 34 -18.86 10.00 128.49
N GLU E 35 -18.69 11.00 129.35
CA GLU E 35 -18.24 10.72 130.72
C GLU E 35 -19.04 9.57 131.34
N ARG E 36 -20.34 9.56 131.13
CA ARG E 36 -21.19 8.50 131.66
C ARG E 36 -21.03 7.24 130.82
N GLY E 37 -20.54 7.40 129.60
CA GLY E 37 -20.38 6.26 128.72
C GLY E 37 -21.76 5.76 128.36
N VAL E 38 -22.68 6.70 128.16
CA VAL E 38 -24.05 6.38 127.84
C VAL E 38 -24.74 7.50 127.04
N PHE E 39 -25.80 7.13 126.30
CA PHE E 39 -26.58 8.10 125.56
C PHE E 39 -28.06 7.85 125.82
N VAL E 40 -28.86 8.91 125.77
CA VAL E 40 -30.30 8.82 126.01
C VAL E 40 -31.03 8.91 124.68
N ILE E 41 -31.97 8.01 124.44
CA ILE E 41 -32.69 8.00 123.17
C ILE E 41 -34.20 7.81 123.31
N LYS E 42 -34.92 8.17 122.25
CA LYS E 42 -36.37 8.03 122.20
C LYS E 42 -36.77 6.55 122.25
N PRO E 43 -37.87 6.24 122.94
CA PRO E 43 -38.32 4.85 123.01
C PRO E 43 -39.10 4.52 121.75
N SER E 44 -39.31 3.23 121.50
CA SER E 44 -40.06 2.81 120.33
C SER E 44 -41.47 2.47 120.78
N GLY E 45 -42.45 2.79 119.94
CA GLY E 45 -43.84 2.50 120.28
C GLY E 45 -44.52 3.44 121.25
N VAL E 46 -44.16 4.71 121.20
CA VAL E 46 -44.76 5.71 122.08
C VAL E 46 -45.09 6.95 121.28
N ASP E 47 -46.37 7.33 121.29
CA ASP E 47 -46.80 8.52 120.54
C ASP E 47 -46.19 9.77 121.13
N TYR E 48 -45.86 10.72 120.27
CA TYR E 48 -45.27 11.98 120.70
C TYR E 48 -46.18 12.73 121.67
N SER E 49 -47.49 12.61 121.48
CA SER E 49 -48.46 13.30 122.32
C SER E 49 -48.60 12.72 123.73
N ILE E 50 -48.08 11.51 123.92
CA ILE E 50 -48.16 10.83 125.20
C ILE E 50 -46.80 10.72 125.90
N MET E 51 -45.74 10.87 125.11
CA MET E 51 -44.35 10.77 125.58
C MET E 51 -43.95 11.69 126.74
N THR E 52 -43.23 11.14 127.71
CA THR E 52 -42.77 11.91 128.86
C THR E 52 -41.30 11.62 129.13
N ALA E 53 -40.66 12.49 129.90
CA ALA E 53 -39.24 12.34 130.23
C ALA E 53 -38.85 10.93 130.64
N ASP E 54 -39.67 10.31 131.49
CA ASP E 54 -39.38 8.95 131.96
C ASP E 54 -39.46 7.87 130.91
N ASP E 55 -39.92 8.22 129.72
CA ASP E 55 -40.03 7.26 128.63
C ASP E 55 -38.70 7.14 127.90
N MET E 56 -37.85 8.14 128.04
CA MET E 56 -36.55 8.14 127.40
C MET E 56 -35.74 6.95 127.90
N VAL E 57 -35.01 6.28 127.00
CA VAL E 57 -34.22 5.12 127.35
C VAL E 57 -32.73 5.45 127.45
N VAL E 58 -32.08 4.93 128.47
CA VAL E 58 -30.65 5.14 128.69
C VAL E 58 -29.91 3.91 128.17
N VAL E 59 -28.98 4.12 127.24
CA VAL E 59 -28.24 3.01 126.65
C VAL E 59 -26.75 3.21 126.82
N SER E 60 -26.03 2.12 127.04
CA SER E 60 -24.58 2.18 127.23
C SER E 60 -23.90 2.19 125.87
N ILE E 61 -22.97 3.12 125.68
CA ILE E 61 -22.25 3.24 124.43
C ILE E 61 -21.50 1.97 124.05
N GLU E 62 -20.88 1.33 125.04
CA GLU E 62 -20.09 0.14 124.79
C GLU E 62 -20.86 -1.13 124.45
N THR E 63 -21.75 -1.55 125.33
CA THR E 63 -22.50 -2.77 125.12
C THR E 63 -23.76 -2.58 124.28
N GLY E 64 -24.28 -1.37 124.27
CA GLY E 64 -25.49 -1.11 123.52
C GLY E 64 -26.68 -1.72 124.24
N GLU E 65 -26.56 -1.86 125.55
CA GLU E 65 -27.64 -2.43 126.34
C GLU E 65 -28.27 -1.34 127.21
N VAL E 66 -29.58 -1.47 127.46
CA VAL E 66 -30.30 -0.50 128.26
C VAL E 66 -29.82 -0.48 129.70
N VAL E 67 -29.44 0.70 130.17
CA VAL E 67 -28.97 0.88 131.53
C VAL E 67 -30.14 1.30 132.42
N GLU E 68 -31.13 1.93 131.80
CA GLU E 68 -32.31 2.38 132.52
C GLU E 68 -33.41 2.75 131.55
N GLY E 69 -34.64 2.40 131.92
CA GLY E 69 -35.79 2.69 131.09
C GLY E 69 -36.70 1.47 131.07
N ALA E 70 -38.01 1.70 131.17
CA ALA E 70 -38.97 0.62 131.17
C ALA E 70 -39.39 0.28 129.74
N LYS E 71 -39.14 1.21 128.83
CA LYS E 71 -39.50 1.03 127.43
C LYS E 71 -38.32 0.62 126.56
N LYS E 72 -38.63 0.01 125.41
CA LYS E 72 -37.62 -0.43 124.48
C LYS E 72 -37.11 0.76 123.66
N PRO E 73 -35.79 0.87 123.49
CA PRO E 73 -35.20 1.97 122.73
C PRO E 73 -35.56 1.90 121.26
N SER E 74 -35.52 3.05 120.59
CA SER E 74 -35.82 3.11 119.17
C SER E 74 -35.08 2.01 118.44
N SER E 75 -35.68 1.49 117.37
CA SER E 75 -35.06 0.43 116.59
C SER E 75 -33.81 0.92 115.86
N ASP E 76 -33.55 2.21 115.93
CA ASP E 76 -32.38 2.81 115.28
C ASP E 76 -31.24 3.03 116.27
N THR E 77 -31.43 2.59 117.51
CA THR E 77 -30.42 2.76 118.55
C THR E 77 -29.01 2.34 118.11
N PRO E 78 -28.87 1.16 117.49
CA PRO E 78 -27.54 0.72 117.05
C PRO E 78 -26.83 1.73 116.15
N THR E 79 -27.57 2.38 115.26
CA THR E 79 -26.98 3.36 114.36
C THR E 79 -26.46 4.55 115.16
N HIS E 80 -27.26 4.98 116.13
CA HIS E 80 -26.87 6.09 116.99
C HIS E 80 -25.59 5.75 117.73
N ARG E 81 -25.52 4.50 118.21
CA ARG E 81 -24.37 4.03 118.95
C ARG E 81 -23.10 4.07 118.10
N LEU E 82 -23.16 3.47 116.92
CA LEU E 82 -22.02 3.44 116.03
C LEU E 82 -21.52 4.86 115.78
N LEU E 83 -22.43 5.75 115.41
CA LEU E 83 -22.07 7.13 115.14
C LEU E 83 -21.37 7.82 116.30
N TYR E 84 -21.87 7.64 117.52
CA TYR E 84 -21.22 8.27 118.67
C TYR E 84 -19.80 7.73 118.82
N GLN E 85 -19.60 6.45 118.55
CA GLN E 85 -18.27 5.86 118.66
C GLN E 85 -17.36 6.41 117.55
N ALA E 86 -17.87 6.40 116.33
CA ALA E 86 -17.12 6.86 115.16
C ALA E 86 -16.81 8.36 115.11
N PHE E 87 -17.74 9.21 115.50
CA PHE E 87 -17.51 10.65 115.47
C PHE E 87 -17.51 11.23 116.88
N PRO E 88 -16.33 11.36 117.49
CA PRO E 88 -16.17 11.89 118.86
C PRO E 88 -16.74 13.29 119.03
N SER E 89 -16.79 14.05 117.95
CA SER E 89 -17.28 15.42 118.01
C SER E 89 -18.79 15.61 118.11
N ILE E 90 -19.56 14.54 117.95
CA ILE E 90 -21.01 14.72 118.02
C ILE E 90 -21.59 14.53 119.42
N GLY E 91 -22.59 15.34 119.75
CA GLY E 91 -23.23 15.26 121.04
C GLY E 91 -24.69 14.86 120.96
N GLY E 92 -25.28 15.01 119.78
CA GLY E 92 -26.68 14.66 119.58
C GLY E 92 -26.91 14.12 118.18
N ILE E 93 -27.86 13.20 118.04
CA ILE E 93 -28.17 12.61 116.74
C ILE E 93 -29.67 12.61 116.47
N VAL E 94 -30.04 13.00 115.25
CA VAL E 94 -31.42 13.04 114.84
C VAL E 94 -31.63 12.25 113.55
N HIS E 95 -32.66 11.41 113.55
CA HIS E 95 -32.97 10.64 112.36
C HIS E 95 -34.45 10.76 112.09
N THR E 96 -34.77 11.16 110.86
CA THR E 96 -36.16 11.31 110.44
C THR E 96 -36.31 10.93 108.98
N HIS E 97 -37.56 11.00 108.52
CA HIS E 97 -37.87 10.73 107.13
C HIS E 97 -38.50 12.01 106.63
N SER E 98 -37.93 13.15 107.03
CA SER E 98 -38.46 14.44 106.59
C SER E 98 -38.57 14.34 105.06
N ARG E 99 -39.75 14.64 104.56
CA ARG E 99 -40.07 14.54 103.14
C ARG E 99 -39.03 14.93 102.09
N HIS E 100 -38.49 16.14 102.17
CA HIS E 100 -37.56 16.54 101.14
C HIS E 100 -36.15 16.00 101.25
N ALA E 101 -35.65 15.83 102.46
CA ALA E 101 -34.32 15.27 102.62
C ALA E 101 -34.41 13.81 102.18
N THR E 102 -35.55 13.19 102.47
CA THR E 102 -35.78 11.80 102.13
C THR E 102 -35.97 11.61 100.61
N ILE E 103 -36.53 12.62 99.95
CA ILE E 103 -36.71 12.55 98.52
C ILE E 103 -35.34 12.44 97.86
N TRP E 104 -34.37 13.20 98.36
CA TRP E 104 -33.02 13.13 97.82
C TRP E 104 -32.41 11.76 98.13
N ALA E 105 -32.65 11.28 99.35
CA ALA E 105 -32.12 9.98 99.76
C ALA E 105 -32.64 8.89 98.83
N GLN E 106 -33.93 8.92 98.54
CA GLN E 106 -34.54 7.93 97.68
C GLN E 106 -33.99 8.02 96.25
N ALA E 107 -33.73 9.25 95.80
CA ALA E 107 -33.17 9.45 94.47
C ALA E 107 -31.72 9.01 94.48
N GLY E 108 -31.19 8.74 95.67
CA GLY E 108 -29.80 8.33 95.78
C GLY E 108 -28.85 9.44 95.35
N GLN E 109 -29.23 10.70 95.61
CA GLN E 109 -28.39 11.82 95.20
C GLN E 109 -27.93 12.73 96.34
N SER E 110 -26.72 13.27 96.20
CA SER E 110 -26.16 14.17 97.20
C SER E 110 -26.66 15.59 96.94
N ILE E 111 -26.86 16.36 98.01
CA ILE E 111 -27.35 17.73 97.90
C ILE E 111 -26.22 18.75 97.76
N PRO E 112 -26.04 19.32 96.55
CA PRO E 112 -24.98 20.31 96.34
C PRO E 112 -25.26 21.62 97.06
N ALA E 113 -24.19 22.34 97.41
CA ALA E 113 -24.34 23.62 98.09
C ALA E 113 -24.56 24.70 97.05
N THR E 114 -25.78 25.24 97.01
CA THR E 114 -26.13 26.30 96.05
C THR E 114 -26.57 27.61 96.72
N GLY E 115 -26.57 27.66 98.05
CA GLY E 115 -26.98 28.89 98.73
C GLY E 115 -26.30 29.14 100.06
N THR E 116 -26.39 30.39 100.52
CA THR E 116 -25.79 30.74 101.79
C THR E 116 -26.47 30.03 102.97
N THR E 117 -27.76 29.67 102.81
CA THR E 117 -28.48 28.98 103.87
C THR E 117 -27.76 27.68 104.20
N HIS E 118 -27.53 26.90 103.15
CA HIS E 118 -26.84 25.63 103.24
C HIS E 118 -25.45 25.88 103.83
N ALA E 119 -24.73 26.83 103.23
CA ALA E 119 -23.38 27.18 103.65
C ALA E 119 -23.19 27.53 105.12
N ASN E 120 -24.22 28.09 105.76
CA ASN E 120 -24.11 28.44 107.16
C ASN E 120 -24.09 27.23 108.08
N TYR E 121 -24.54 26.08 107.59
CA TYR E 121 -24.61 24.88 108.42
C TYR E 121 -23.83 23.66 107.92
N PHE E 122 -23.77 23.49 106.60
CA PHE E 122 -23.07 22.35 106.01
C PHE E 122 -21.95 22.85 105.11
N TYR E 123 -20.72 22.48 105.43
CA TYR E 123 -19.56 22.93 104.67
C TYR E 123 -19.31 22.10 103.43
N GLY E 124 -20.15 22.30 102.42
CA GLY E 124 -20.00 21.56 101.18
C GLY E 124 -21.22 20.70 100.86
N THR E 125 -21.02 19.76 99.96
CA THR E 125 -22.07 18.86 99.54
C THR E 125 -22.51 17.94 100.66
N ILE E 126 -23.83 17.80 100.83
CA ILE E 126 -24.37 16.91 101.86
C ILE E 126 -24.40 15.55 101.16
N PRO E 127 -23.48 14.67 101.54
CA PRO E 127 -23.35 13.32 100.97
C PRO E 127 -24.48 12.33 101.14
N CYS E 128 -24.69 11.55 100.08
CA CYS E 128 -25.68 10.48 100.10
C CYS E 128 -24.80 9.24 100.08
N THR E 129 -25.15 8.23 100.87
CA THR E 129 -24.35 7.00 100.91
C THR E 129 -24.60 6.15 99.67
N ARG E 130 -23.71 5.18 99.47
CA ARG E 130 -23.86 4.25 98.36
C ARG E 130 -24.89 3.27 98.87
N LYS E 131 -25.41 2.41 98.00
CA LYS E 131 -26.37 1.41 98.42
C LYS E 131 -25.66 0.46 99.38
N MET E 132 -26.40 -0.20 100.25
CA MET E 132 -25.82 -1.15 101.17
C MET E 132 -25.85 -2.51 100.49
N THR E 133 -24.84 -3.33 100.72
CA THR E 133 -24.77 -4.66 100.12
C THR E 133 -25.76 -5.57 100.82
N ASP E 134 -26.03 -6.73 100.24
CA ASP E 134 -26.96 -7.67 100.85
C ASP E 134 -26.40 -8.15 102.18
N ALA E 135 -25.09 -8.42 102.22
CA ALA E 135 -24.44 -8.86 103.44
C ALA E 135 -24.71 -7.84 104.53
N GLU E 136 -24.50 -6.57 104.20
CA GLU E 136 -24.71 -5.46 105.13
C GLU E 136 -26.15 -5.38 105.60
N ILE E 137 -27.08 -5.52 104.67
CA ILE E 137 -28.50 -5.46 104.97
C ILE E 137 -29.00 -6.64 105.80
N ASN E 138 -28.54 -7.85 105.47
CA ASN E 138 -28.98 -9.05 106.20
C ASN E 138 -28.16 -9.36 107.46
N GLY E 139 -27.19 -8.52 107.79
CA GLY E 139 -26.39 -8.75 108.99
C GLY E 139 -26.95 -7.90 110.11
N GLU E 140 -26.09 -7.14 110.78
CA GLU E 140 -26.54 -6.23 111.85
C GLU E 140 -26.96 -4.92 111.17
N TYR E 141 -28.08 -4.98 110.47
CA TYR E 141 -28.62 -3.85 109.70
C TYR E 141 -28.40 -2.44 110.24
N GLU E 142 -29.04 -2.08 111.35
CA GLU E 142 -28.90 -0.74 111.92
C GLU E 142 -27.45 -0.36 112.17
N TRP E 143 -26.67 -1.33 112.64
CA TRP E 143 -25.27 -1.09 112.92
C TRP E 143 -24.50 -0.89 111.62
N GLU E 144 -24.84 -1.69 110.63
CA GLU E 144 -24.19 -1.59 109.32
C GLU E 144 -24.47 -0.25 108.66
N THR E 145 -25.70 0.23 108.80
CA THR E 145 -26.08 1.52 108.24
C THR E 145 -25.12 2.55 108.82
N GLY E 146 -24.75 2.36 110.08
CA GLY E 146 -23.81 3.27 110.71
C GLY E 146 -22.46 3.25 110.01
N ASN E 147 -21.93 2.05 109.77
CA ASN E 147 -20.64 1.92 109.11
C ASN E 147 -20.67 2.54 107.71
N VAL E 148 -21.75 2.32 106.97
CA VAL E 148 -21.88 2.86 105.63
C VAL E 148 -21.71 4.38 105.69
N ILE E 149 -22.36 5.01 106.66
CA ILE E 149 -22.28 6.44 106.85
C ILE E 149 -20.82 6.83 107.14
N VAL E 150 -20.23 6.13 108.10
CA VAL E 150 -18.84 6.39 108.47
C VAL E 150 -17.92 6.22 107.27
N GLU E 151 -18.07 5.10 106.56
CA GLU E 151 -17.25 4.84 105.38
C GLU E 151 -17.38 6.03 104.43
N THR E 152 -18.61 6.39 104.10
CA THR E 152 -18.90 7.50 103.21
C THR E 152 -18.08 8.74 103.57
N PHE E 153 -18.08 9.08 104.86
CA PHE E 153 -17.33 10.24 105.33
C PHE E 153 -15.84 10.02 105.26
N GLU E 154 -15.41 8.80 105.55
CA GLU E 154 -13.98 8.47 105.53
C GLU E 154 -13.44 8.40 104.11
N LYS E 155 -14.14 7.68 103.23
CA LYS E 155 -13.69 7.55 101.85
C LYS E 155 -14.00 8.79 101.03
N GLN E 156 -14.17 9.93 101.70
CA GLN E 156 -14.45 11.17 101.01
C GLN E 156 -13.78 12.34 101.72
N GLY E 157 -13.04 12.04 102.78
CA GLY E 157 -12.34 13.06 103.52
C GLY E 157 -13.21 14.17 104.07
N ILE E 158 -14.46 13.85 104.41
CA ILE E 158 -15.36 14.86 104.96
C ILE E 158 -15.37 14.82 106.49
N ASP E 159 -15.16 15.98 107.10
CA ASP E 159 -15.13 16.11 108.56
C ASP E 159 -16.54 16.18 109.14
N ALA E 160 -16.88 15.21 109.96
CA ALA E 160 -18.20 15.15 110.58
C ALA E 160 -18.57 16.42 111.34
N ALA E 161 -17.56 17.16 111.81
CA ALA E 161 -17.84 18.40 112.53
C ALA E 161 -18.25 19.51 111.58
N GLN E 162 -17.92 19.38 110.31
CA GLN E 162 -18.26 20.40 109.34
C GLN E 162 -19.41 19.99 108.43
N MET E 163 -19.85 18.74 108.58
CA MET E 163 -20.95 18.19 107.79
C MET E 163 -21.85 17.41 108.73
N PRO E 164 -22.72 18.11 109.48
CA PRO E 164 -23.66 17.53 110.44
C PRO E 164 -24.89 16.90 109.84
N GLY E 165 -24.71 16.17 108.74
CA GLY E 165 -25.83 15.53 108.07
C GLY E 165 -25.38 14.59 106.98
N VAL E 166 -26.22 13.62 106.66
CA VAL E 166 -25.94 12.64 105.62
C VAL E 166 -27.25 12.01 105.16
N LEU E 167 -27.27 11.53 103.92
CA LEU E 167 -28.47 10.89 103.37
C LEU E 167 -28.16 9.43 103.17
N VAL E 168 -28.97 8.55 103.73
CA VAL E 168 -28.75 7.13 103.55
C VAL E 168 -29.59 6.68 102.36
N HIS E 169 -28.88 6.22 101.33
CA HIS E 169 -29.49 5.76 100.09
C HIS E 169 -30.82 5.01 100.29
N SER E 170 -31.85 5.44 99.58
CA SER E 170 -33.17 4.80 99.63
C SER E 170 -33.77 4.76 101.03
N HIS E 171 -33.22 5.55 101.94
CA HIS E 171 -33.72 5.52 103.30
C HIS E 171 -34.16 6.89 103.83
N GLY E 172 -33.20 7.71 104.23
CA GLY E 172 -33.56 9.02 104.74
C GLY E 172 -32.39 9.72 105.38
N PRO E 173 -32.61 10.94 105.87
CA PRO E 173 -31.56 11.74 106.52
C PRO E 173 -31.22 11.38 107.95
N PHE E 174 -29.98 11.71 108.30
CA PHE E 174 -29.44 11.53 109.63
C PHE E 174 -28.71 12.85 109.83
N ALA E 175 -28.91 13.47 110.98
CA ALA E 175 -28.23 14.73 111.27
C ALA E 175 -27.69 14.63 112.68
N TRP E 176 -26.78 15.54 113.02
CA TRP E 176 -26.20 15.55 114.35
C TRP E 176 -25.73 16.94 114.73
N GLY E 177 -25.35 17.10 115.99
CA GLY E 177 -24.90 18.40 116.48
C GLY E 177 -24.24 18.29 117.84
N LYS E 178 -23.96 19.42 118.46
CA LYS E 178 -23.32 19.46 119.77
C LYS E 178 -24.17 18.77 120.83
N ASN E 179 -25.48 18.79 120.63
CA ASN E 179 -26.41 18.20 121.59
C ASN E 179 -27.75 17.92 120.90
N ALA E 180 -28.70 17.40 121.66
CA ALA E 180 -30.01 17.07 121.12
C ALA E 180 -30.64 18.24 120.36
N GLU E 181 -30.80 19.37 121.05
CA GLU E 181 -31.38 20.56 120.45
C GLU E 181 -30.66 20.98 119.16
N ASP E 182 -29.34 21.05 119.23
CA ASP E 182 -28.52 21.45 118.08
C ASP E 182 -28.70 20.48 116.90
N ALA E 183 -28.82 19.20 117.20
CA ALA E 183 -28.98 18.20 116.16
C ALA E 183 -30.32 18.44 115.44
N VAL E 184 -31.35 18.77 116.21
CA VAL E 184 -32.67 19.04 115.65
C VAL E 184 -32.62 20.23 114.70
N HIS E 185 -31.85 21.25 115.08
CA HIS E 185 -31.73 22.44 114.25
C HIS E 185 -31.06 22.11 112.91
N ASN E 186 -30.04 21.25 112.94
CA ASN E 186 -29.35 20.91 111.71
C ASN E 186 -30.26 20.06 110.82
N ALA E 187 -31.14 19.29 111.44
CA ALA E 187 -32.09 18.47 110.71
C ALA E 187 -33.13 19.34 110.01
N ILE E 188 -33.53 20.46 110.63
CA ILE E 188 -34.52 21.32 109.99
C ILE E 188 -33.88 22.11 108.85
N VAL E 189 -32.62 22.49 109.00
CA VAL E 189 -31.92 23.21 107.94
C VAL E 189 -31.72 22.26 106.77
N LEU E 190 -31.34 21.02 107.08
CA LEU E 190 -31.13 20.00 106.06
C LEU E 190 -32.40 19.82 105.22
N GLU E 191 -33.55 19.84 105.88
CA GLU E 191 -34.82 19.69 105.19
C GLU E 191 -35.06 20.90 104.29
N GLU E 192 -34.74 22.09 104.81
CA GLU E 192 -34.90 23.32 104.04
C GLU E 192 -34.07 23.35 102.77
N VAL E 193 -32.78 23.03 102.89
CA VAL E 193 -31.91 23.05 101.72
C VAL E 193 -32.31 21.95 100.75
N ALA E 194 -32.82 20.84 101.28
CA ALA E 194 -33.25 19.74 100.42
C ALA E 194 -34.45 20.23 99.61
N TYR E 195 -35.38 20.93 100.27
CA TYR E 195 -36.55 21.44 99.58
C TYR E 195 -36.13 22.43 98.48
N MET E 196 -35.37 23.44 98.89
CA MET E 196 -34.92 24.46 97.95
C MET E 196 -34.03 23.89 96.84
N GLY E 197 -33.31 22.81 97.15
CA GLY E 197 -32.44 22.20 96.17
C GLY E 197 -33.19 21.53 95.04
N ILE E 198 -34.34 20.95 95.35
CA ILE E 198 -35.15 20.30 94.35
C ILE E 198 -35.64 21.31 93.33
N PHE E 199 -36.10 22.46 93.82
CA PHE E 199 -36.64 23.48 92.92
C PHE E 199 -35.66 24.47 92.31
N CYS E 200 -34.51 24.70 92.94
CA CYS E 200 -33.57 25.61 92.28
C CYS E 200 -32.96 24.80 91.14
N ARG E 201 -32.94 23.48 91.28
CA ARG E 201 -32.42 22.63 90.21
C ARG E 201 -33.46 22.67 89.10
N GLN E 202 -34.74 22.65 89.47
CA GLN E 202 -35.81 22.69 88.48
C GLN E 202 -35.71 23.99 87.66
N LEU E 203 -35.45 25.10 88.34
CA LEU E 203 -35.33 26.38 87.63
C LEU E 203 -34.05 26.44 86.80
N ALA E 204 -32.99 25.79 87.29
CA ALA E 204 -31.71 25.78 86.60
C ALA E 204 -31.04 24.40 86.72
N PRO E 205 -31.42 23.46 85.84
CA PRO E 205 -30.85 22.10 85.86
C PRO E 205 -29.32 22.00 85.74
N GLN E 206 -28.67 23.02 85.19
CA GLN E 206 -27.20 22.98 85.07
C GLN E 206 -26.52 23.94 86.05
N LEU E 207 -27.23 24.36 87.09
CA LEU E 207 -26.68 25.27 88.09
C LEU E 207 -25.38 24.73 88.71
N PRO E 208 -24.29 25.50 88.64
CA PRO E 208 -23.05 25.00 89.25
C PRO E 208 -23.13 25.23 90.76
N ASP E 209 -22.32 24.51 91.53
CA ASP E 209 -22.34 24.69 92.98
C ASP E 209 -21.98 26.14 93.27
N MET E 210 -22.30 26.60 94.48
CA MET E 210 -22.01 27.99 94.84
C MET E 210 -20.52 28.29 94.86
N GLN E 211 -20.18 29.57 94.79
CA GLN E 211 -18.78 30.00 94.81
C GLN E 211 -18.12 29.48 96.08
N GLN E 212 -16.96 28.84 95.93
CA GLN E 212 -16.21 28.32 97.07
C GLN E 212 -15.95 29.45 98.07
N THR E 213 -15.72 30.64 97.55
CA THR E 213 -15.44 31.81 98.39
C THR E 213 -16.66 32.16 99.24
N LEU E 214 -17.82 32.17 98.60
CA LEU E 214 -19.05 32.49 99.30
C LEU E 214 -19.33 31.39 100.33
N LEU E 215 -18.99 30.15 99.97
CA LEU E 215 -19.20 29.02 100.85
C LEU E 215 -18.35 29.18 102.12
N ASN E 216 -17.06 29.49 101.95
CA ASN E 216 -16.16 29.68 103.09
C ASN E 216 -16.62 30.84 103.95
N LYS E 217 -16.98 31.94 103.29
CA LYS E 217 -17.42 33.13 103.98
C LYS E 217 -18.54 32.83 104.99
N HIS E 218 -19.57 32.12 104.53
CA HIS E 218 -20.70 31.81 105.40
C HIS E 218 -20.50 30.70 106.41
N TYR E 219 -19.69 29.70 106.07
CA TYR E 219 -19.48 28.63 107.04
C TYR E 219 -18.47 29.01 108.11
N LEU E 220 -17.40 29.69 107.69
CA LEU E 220 -16.37 30.11 108.62
C LEU E 220 -16.80 31.35 109.38
N ARG E 221 -17.82 32.04 108.89
CA ARG E 221 -18.33 33.24 109.55
C ARG E 221 -18.91 32.80 110.89
N LYS E 222 -18.92 31.49 111.11
CA LYS E 222 -19.44 30.90 112.34
C LYS E 222 -18.55 29.71 112.68
N HIS E 223 -19.02 28.85 113.58
CA HIS E 223 -18.26 27.66 113.96
C HIS E 223 -16.83 28.02 114.37
N MET F 1 50.43 2.25 -132.43
CA MET F 1 51.48 3.14 -131.88
C MET F 1 52.38 2.43 -130.86
N LEU F 2 51.91 2.33 -129.62
CA LEU F 2 52.68 1.70 -128.55
C LEU F 2 52.67 0.16 -128.66
N GLU F 3 53.26 -0.35 -129.73
CA GLU F 3 53.30 -1.79 -129.97
C GLU F 3 53.95 -2.61 -128.87
N ASP F 4 55.10 -2.17 -128.38
CA ASP F 4 55.78 -2.92 -127.33
C ASP F 4 55.02 -2.82 -126.03
N LEU F 5 54.38 -1.68 -125.78
CA LEU F 5 53.61 -1.50 -124.56
C LEU F 5 52.38 -2.43 -124.61
N LYS F 6 51.78 -2.56 -125.79
CA LYS F 6 50.62 -3.43 -125.94
C LYS F 6 51.05 -4.88 -125.75
N ARG F 7 52.26 -5.18 -126.19
CA ARG F 7 52.81 -6.52 -126.07
C ARG F 7 52.89 -6.89 -124.59
N GLN F 8 53.43 -5.96 -123.80
CA GLN F 8 53.59 -6.16 -122.36
C GLN F 8 52.26 -6.28 -121.65
N VAL F 9 51.33 -5.38 -121.97
CA VAL F 9 50.02 -5.41 -121.35
C VAL F 9 49.30 -6.71 -121.71
N LEU F 10 49.34 -7.09 -122.99
CA LEU F 10 48.70 -8.32 -123.42
C LEU F 10 49.24 -9.50 -122.60
N GLU F 11 50.55 -9.50 -122.39
CA GLU F 11 51.18 -10.56 -121.63
C GLU F 11 50.79 -10.53 -120.14
N ALA F 12 50.61 -9.33 -119.60
CA ALA F 12 50.21 -9.20 -118.20
C ALA F 12 48.79 -9.74 -118.01
N ASN F 13 47.93 -9.47 -118.99
CA ASN F 13 46.55 -9.93 -118.94
C ASN F 13 46.44 -11.45 -119.08
N LEU F 14 47.24 -12.03 -119.97
CA LEU F 14 47.24 -13.47 -120.16
C LEU F 14 47.76 -14.14 -118.89
N ALA F 15 48.61 -13.45 -118.16
CA ALA F 15 49.18 -13.98 -116.93
C ALA F 15 48.13 -14.14 -115.83
N LEU F 16 47.01 -13.44 -115.98
CA LEU F 16 45.95 -13.50 -114.98
C LEU F 16 45.38 -14.92 -114.82
N PRO F 17 44.78 -15.49 -115.88
CA PRO F 17 44.26 -16.85 -115.68
C PRO F 17 45.37 -17.86 -115.35
N LYS F 18 46.55 -17.65 -115.91
CA LYS F 18 47.69 -18.52 -115.66
C LYS F 18 48.00 -18.63 -114.17
N HIS F 19 47.86 -17.51 -113.46
CA HIS F 19 48.13 -17.49 -112.02
C HIS F 19 46.91 -17.79 -111.16
N ASN F 20 45.80 -18.14 -111.81
CA ASN F 20 44.56 -18.45 -111.09
C ASN F 20 44.02 -17.26 -110.31
N LEU F 21 44.20 -16.06 -110.85
CA LEU F 21 43.71 -14.85 -110.19
C LEU F 21 42.33 -14.52 -110.74
N VAL F 22 41.94 -15.22 -111.79
CA VAL F 22 40.67 -14.94 -112.42
C VAL F 22 39.99 -16.14 -113.07
N THR F 23 38.72 -15.97 -113.41
CA THR F 23 37.92 -17.00 -114.07
C THR F 23 37.18 -16.32 -115.22
N LEU F 24 36.71 -17.11 -116.19
CA LEU F 24 35.99 -16.57 -117.34
C LEU F 24 36.75 -15.37 -117.92
N THR F 25 36.10 -14.23 -118.07
CA THR F 25 36.79 -13.05 -118.60
C THR F 25 37.05 -11.98 -117.56
N TRP F 26 36.81 -12.30 -116.29
CA TRP F 26 37.03 -11.33 -115.21
C TRP F 26 38.49 -10.87 -115.17
N GLY F 27 38.75 -9.78 -114.45
CA GLY F 27 40.10 -9.27 -114.34
C GLY F 27 40.56 -8.43 -115.51
N ASN F 28 41.53 -7.56 -115.26
CA ASN F 28 42.07 -6.70 -116.31
C ASN F 28 43.35 -6.00 -115.86
N VAL F 29 44.25 -5.76 -116.82
CA VAL F 29 45.52 -5.11 -116.53
C VAL F 29 45.80 -3.97 -117.49
N SER F 30 46.52 -2.96 -117.00
CA SER F 30 46.89 -1.82 -117.83
C SER F 30 48.30 -1.38 -117.46
N ALA F 31 48.89 -0.59 -118.34
CA ALA F 31 50.23 -0.03 -118.15
C ALA F 31 50.18 1.37 -118.75
N VAL F 32 50.85 2.33 -118.14
CA VAL F 32 50.81 3.69 -118.64
C VAL F 32 52.07 4.15 -119.38
N ASP F 33 51.93 5.25 -120.10
CA ASP F 33 53.01 5.88 -120.84
C ASP F 33 52.89 7.35 -120.49
N ARG F 34 53.53 7.75 -119.39
CA ARG F 34 53.47 9.14 -118.93
C ARG F 34 53.84 10.14 -120.03
N GLU F 35 54.90 9.85 -120.78
CA GLU F 35 55.36 10.71 -121.86
C GLU F 35 54.20 11.07 -122.80
N ARG F 36 53.52 10.05 -123.30
CA ARG F 36 52.38 10.24 -124.20
C ARG F 36 51.10 10.55 -123.43
N GLY F 37 51.20 10.56 -122.10
CA GLY F 37 50.05 10.82 -121.27
C GLY F 37 48.90 9.90 -121.64
N VAL F 38 49.19 8.61 -121.71
CA VAL F 38 48.19 7.61 -122.06
C VAL F 38 48.51 6.26 -121.42
N PHE F 39 47.52 5.37 -121.41
CA PHE F 39 47.73 4.04 -120.87
C PHE F 39 47.01 3.01 -121.71
N VAL F 40 47.58 1.81 -121.79
CA VAL F 40 47.02 0.73 -122.56
C VAL F 40 46.34 -0.25 -121.61
N ILE F 41 45.09 -0.58 -121.89
CA ILE F 41 44.34 -1.48 -121.03
C ILE F 41 43.65 -2.62 -121.77
N LYS F 42 43.37 -3.69 -121.04
CA LYS F 42 42.71 -4.87 -121.57
C LYS F 42 41.38 -4.47 -122.20
N PRO F 43 40.96 -5.17 -123.25
CA PRO F 43 39.69 -4.84 -123.90
C PRO F 43 38.54 -5.52 -123.18
N SER F 44 37.31 -5.06 -123.44
CA SER F 44 36.13 -5.65 -122.83
C SER F 44 35.54 -6.66 -123.80
N GLY F 45 34.95 -7.72 -123.27
CA GLY F 45 34.34 -8.73 -124.12
C GLY F 45 35.26 -9.54 -125.03
N VAL F 46 36.47 -9.84 -124.54
CA VAL F 46 37.43 -10.63 -125.32
C VAL F 46 38.03 -11.72 -124.43
N ASP F 47 37.89 -12.98 -124.86
CA ASP F 47 38.43 -14.11 -124.10
C ASP F 47 39.97 -14.08 -124.10
N TYR F 48 40.55 -14.61 -123.03
CA TYR F 48 42.00 -14.64 -122.91
C TYR F 48 42.67 -15.52 -123.96
N SER F 49 41.97 -16.54 -124.44
CA SER F 49 42.53 -17.46 -125.43
C SER F 49 42.51 -16.93 -126.86
N ILE F 50 41.90 -15.77 -127.05
CA ILE F 50 41.79 -15.17 -128.37
C ILE F 50 42.52 -13.83 -128.43
N MET F 51 42.72 -13.24 -127.26
CA MET F 51 43.37 -11.95 -127.09
C MET F 51 44.72 -11.80 -127.78
N THR F 52 44.92 -10.62 -128.39
CA THR F 52 46.17 -10.30 -129.08
C THR F 52 46.57 -8.86 -128.75
N ALA F 53 47.87 -8.56 -128.88
CA ALA F 53 48.38 -7.22 -128.60
C ALA F 53 47.55 -6.16 -129.34
N ASP F 54 46.98 -6.54 -130.47
CA ASP F 54 46.16 -5.63 -131.27
C ASP F 54 44.88 -5.25 -130.54
N ASP F 55 44.36 -6.21 -129.76
CA ASP F 55 43.13 -6.00 -129.01
C ASP F 55 43.27 -4.96 -127.91
N MET F 56 44.49 -4.74 -127.43
CA MET F 56 44.73 -3.76 -126.37
C MET F 56 44.27 -2.38 -126.78
N VAL F 57 43.74 -1.61 -125.82
CA VAL F 57 43.25 -0.28 -126.12
C VAL F 57 44.10 0.84 -125.50
N VAL F 58 44.28 1.90 -126.26
CA VAL F 58 45.04 3.06 -125.80
C VAL F 58 44.03 4.11 -125.36
N VAL F 59 44.09 4.51 -124.09
CA VAL F 59 43.15 5.50 -123.57
C VAL F 59 43.85 6.69 -122.93
N SER F 60 43.38 7.88 -123.24
CA SER F 60 43.98 9.10 -122.70
C SER F 60 43.79 9.25 -121.19
N ILE F 61 44.88 9.50 -120.48
CA ILE F 61 44.83 9.67 -119.03
C ILE F 61 43.92 10.83 -118.71
N GLU F 62 44.26 11.99 -119.25
CA GLU F 62 43.52 13.23 -119.03
C GLU F 62 42.05 13.22 -119.46
N THR F 63 41.79 12.89 -120.73
CA THR F 63 40.42 12.89 -121.24
C THR F 63 39.65 11.61 -120.93
N GLY F 64 40.35 10.49 -120.92
CA GLY F 64 39.71 9.22 -120.64
C GLY F 64 39.03 8.67 -121.88
N GLU F 65 39.35 9.26 -123.03
CA GLU F 65 38.78 8.83 -124.30
C GLU F 65 39.74 7.86 -124.99
N VAL F 66 39.19 7.01 -125.84
CA VAL F 66 40.01 6.03 -126.57
C VAL F 66 40.80 6.72 -127.68
N VAL F 67 42.12 6.64 -127.60
CA VAL F 67 43.01 7.25 -128.57
C VAL F 67 43.32 6.32 -129.75
N GLU F 68 43.32 5.02 -129.49
CA GLU F 68 43.61 4.02 -130.52
C GLU F 68 43.16 2.63 -130.08
N GLY F 69 42.74 1.82 -131.04
CA GLY F 69 42.28 0.47 -130.72
C GLY F 69 40.94 0.22 -131.39
N ALA F 70 40.77 -0.96 -131.96
CA ALA F 70 39.54 -1.32 -132.66
C ALA F 70 38.46 -1.88 -131.74
N LYS F 71 38.78 -2.04 -130.45
CA LYS F 71 37.82 -2.59 -129.51
C LYS F 71 37.47 -1.74 -128.30
N LYS F 72 36.37 -2.12 -127.65
CA LYS F 72 35.86 -1.44 -126.46
C LYS F 72 36.79 -1.69 -125.28
N PRO F 73 37.14 -0.63 -124.54
CA PRO F 73 38.03 -0.79 -123.37
C PRO F 73 37.32 -1.46 -122.18
N SER F 74 38.11 -1.88 -121.20
CA SER F 74 37.58 -2.52 -120.01
C SER F 74 36.61 -1.59 -119.29
N SER F 75 35.59 -2.17 -118.66
CA SER F 75 34.60 -1.39 -117.93
C SER F 75 35.25 -0.72 -116.72
N ASP F 76 36.41 -1.22 -116.31
CA ASP F 76 37.12 -0.65 -115.16
C ASP F 76 38.08 0.48 -115.55
N THR F 77 38.17 0.77 -116.84
CA THR F 77 39.05 1.83 -117.34
C THR F 77 38.98 3.11 -116.50
N PRO F 78 37.77 3.58 -116.16
CA PRO F 78 37.65 4.80 -115.35
C PRO F 78 38.44 4.72 -114.03
N THR F 79 38.41 3.56 -113.40
CA THR F 79 39.12 3.36 -112.15
C THR F 79 40.62 3.43 -112.38
N HIS F 80 41.08 2.83 -113.47
CA HIS F 80 42.50 2.86 -113.81
C HIS F 80 42.92 4.31 -114.04
N ARG F 81 42.08 5.06 -114.76
CA ARG F 81 42.35 6.46 -115.05
C ARG F 81 42.60 7.23 -113.76
N LEU F 82 41.57 7.27 -112.93
CA LEU F 82 41.63 7.98 -111.66
C LEU F 82 42.93 7.70 -110.93
N LEU F 83 43.20 6.42 -110.71
CA LEU F 83 44.41 6.03 -110.00
C LEU F 83 45.70 6.55 -110.65
N TYR F 84 45.77 6.51 -111.99
CA TYR F 84 46.95 7.00 -112.68
C TYR F 84 47.16 8.50 -112.43
N GLN F 85 46.07 9.24 -112.34
CA GLN F 85 46.12 10.68 -112.08
C GLN F 85 46.49 10.94 -110.63
N ALA F 86 45.88 10.17 -109.73
CA ALA F 86 46.12 10.31 -108.29
C ALA F 86 47.54 9.96 -107.84
N PHE F 87 48.14 8.93 -108.45
CA PHE F 87 49.50 8.54 -108.04
C PHE F 87 50.47 8.48 -109.21
N PRO F 88 51.28 9.53 -109.37
CA PRO F 88 52.27 9.63 -110.45
C PRO F 88 53.26 8.48 -110.47
N SER F 89 53.47 7.86 -109.31
CA SER F 89 54.42 6.77 -109.21
C SER F 89 53.94 5.42 -109.75
N ILE F 90 52.64 5.27 -110.00
CA ILE F 90 52.13 3.99 -110.51
C ILE F 90 52.24 3.86 -112.04
N GLY F 91 52.92 2.80 -112.48
CA GLY F 91 53.08 2.57 -113.91
C GLY F 91 52.18 1.45 -114.43
N GLY F 92 51.70 0.61 -113.52
CA GLY F 92 50.83 -0.48 -113.92
C GLY F 92 49.73 -0.74 -112.90
N ILE F 93 48.56 -1.17 -113.39
CA ILE F 93 47.42 -1.45 -112.53
C ILE F 93 46.77 -2.80 -112.87
N VAL F 94 46.36 -3.52 -111.84
CA VAL F 94 45.72 -4.82 -112.02
C VAL F 94 44.46 -4.98 -111.17
N HIS F 95 43.38 -5.40 -111.81
CA HIS F 95 42.14 -5.64 -111.08
C HIS F 95 41.68 -7.06 -111.32
N THR F 96 41.30 -7.75 -110.25
CA THR F 96 40.81 -9.12 -110.36
C THR F 96 39.86 -9.40 -109.21
N HIS F 97 39.27 -10.60 -109.24
CA HIS F 97 38.38 -11.03 -108.19
C HIS F 97 39.01 -12.29 -107.61
N SER F 98 40.33 -12.25 -107.38
CA SER F 98 41.02 -13.41 -106.83
C SER F 98 40.28 -13.81 -105.55
N ARG F 99 39.86 -15.08 -105.53
CA ARG F 99 39.09 -15.63 -104.42
C ARG F 99 39.34 -15.13 -103.01
N HIS F 100 40.54 -15.38 -102.48
CA HIS F 100 40.83 -14.99 -101.12
C HIS F 100 40.95 -13.49 -100.85
N ALA F 101 41.46 -12.73 -101.81
CA ALA F 101 41.56 -11.28 -101.62
C ALA F 101 40.13 -10.75 -101.72
N THR F 102 39.30 -11.41 -102.53
CA THR F 102 37.92 -10.99 -102.69
C THR F 102 37.13 -11.35 -101.44
N ILE F 103 37.48 -12.47 -100.82
CA ILE F 103 36.82 -12.93 -99.60
C ILE F 103 36.96 -11.88 -98.50
N TRP F 104 38.15 -11.30 -98.37
CA TRP F 104 38.38 -10.27 -97.35
C TRP F 104 37.60 -9.00 -97.72
N ALA F 105 37.47 -8.77 -99.03
CA ALA F 105 36.76 -7.60 -99.52
C ALA F 105 35.27 -7.72 -99.21
N GLN F 106 34.69 -8.88 -99.49
CA GLN F 106 33.28 -9.10 -99.22
C GLN F 106 33.00 -9.06 -97.72
N ALA F 107 33.99 -9.50 -96.93
CA ALA F 107 33.87 -9.51 -95.49
C ALA F 107 34.02 -8.08 -94.99
N GLY F 108 34.54 -7.22 -95.86
CA GLY F 108 34.73 -5.82 -95.52
C GLY F 108 35.82 -5.58 -94.48
N GLN F 109 36.83 -6.43 -94.46
CA GLN F 109 37.89 -6.27 -93.48
C GLN F 109 39.24 -6.13 -94.16
N SER F 110 40.12 -5.36 -93.53
CA SER F 110 41.47 -5.13 -94.05
C SER F 110 42.36 -6.30 -93.65
N ILE F 111 43.42 -6.55 -94.42
CA ILE F 111 44.33 -7.65 -94.14
C ILE F 111 45.52 -7.18 -93.30
N PRO F 112 45.64 -7.68 -92.06
CA PRO F 112 46.77 -7.25 -91.23
C PRO F 112 48.05 -7.98 -91.62
N ALA F 113 49.19 -7.33 -91.40
CA ALA F 113 50.48 -7.92 -91.72
C ALA F 113 50.89 -8.87 -90.60
N THR F 114 50.92 -10.17 -90.89
CA THR F 114 51.31 -11.15 -89.89
C THR F 114 52.47 -12.03 -90.36
N GLY F 115 53.12 -11.64 -91.45
CA GLY F 115 54.24 -12.42 -91.96
C GLY F 115 55.19 -11.64 -92.85
N THR F 116 56.41 -12.16 -93.01
CA THR F 116 57.41 -11.50 -93.84
C THR F 116 57.02 -11.47 -95.31
N THR F 117 56.27 -12.47 -95.76
CA THR F 117 55.83 -12.51 -97.15
C THR F 117 55.10 -11.20 -97.43
N HIS F 118 54.16 -10.88 -96.54
CA HIS F 118 53.36 -9.66 -96.62
C HIS F 118 54.27 -8.44 -96.55
N ALA F 119 55.11 -8.40 -95.52
CA ALA F 119 56.03 -7.29 -95.30
C ALA F 119 56.91 -6.96 -96.50
N ASN F 120 57.30 -7.97 -97.27
CA ASN F 120 58.15 -7.75 -98.44
C ASN F 120 57.48 -6.95 -99.54
N TYR F 121 56.14 -6.92 -99.56
CA TYR F 121 55.42 -6.21 -100.61
C TYR F 121 54.47 -5.10 -100.18
N PHE F 122 53.93 -5.21 -98.96
CA PHE F 122 52.98 -4.22 -98.45
C PHE F 122 53.42 -3.73 -97.06
N TYR F 123 53.83 -2.48 -96.99
CA TYR F 123 54.30 -1.90 -95.74
C TYR F 123 53.17 -1.64 -94.73
N GLY F 124 52.67 -2.72 -94.12
CA GLY F 124 51.60 -2.59 -93.15
C GLY F 124 50.29 -3.22 -93.58
N THR F 125 49.22 -2.85 -92.90
CA THR F 125 47.89 -3.38 -93.20
C THR F 125 47.40 -3.05 -94.60
N ILE F 126 46.82 -4.02 -95.29
CA ILE F 126 46.27 -3.81 -96.63
C ILE F 126 44.84 -3.31 -96.40
N PRO F 127 44.57 -2.04 -96.72
CA PRO F 127 43.27 -1.42 -96.55
C PRO F 127 42.08 -1.87 -97.40
N CYS F 128 40.94 -1.96 -96.73
CA CYS F 128 39.68 -2.30 -97.39
C CYS F 128 38.92 -0.99 -97.33
N THR F 129 38.42 -0.54 -98.47
CA THR F 129 37.68 0.72 -98.50
C THR F 129 36.37 0.55 -97.75
N ARG F 130 35.79 1.66 -97.30
CA ARG F 130 34.50 1.62 -96.61
C ARG F 130 33.46 1.47 -97.71
N LYS F 131 32.22 1.19 -97.34
CA LYS F 131 31.15 1.05 -98.34
C LYS F 131 30.97 2.37 -99.10
N MET F 132 30.50 2.26 -100.34
CA MET F 132 30.26 3.44 -101.17
C MET F 132 28.83 3.91 -100.91
N THR F 133 28.62 5.22 -100.96
CA THR F 133 27.29 5.79 -100.75
C THR F 133 26.45 5.53 -102.00
N ASP F 134 25.13 5.63 -101.86
CA ASP F 134 24.25 5.40 -103.01
C ASP F 134 24.48 6.42 -104.13
N ALA F 135 24.94 7.61 -103.75
CA ALA F 135 25.20 8.66 -104.74
C ALA F 135 26.41 8.26 -105.56
N GLU F 136 27.40 7.70 -104.88
CA GLU F 136 28.62 7.23 -105.52
C GLU F 136 28.32 6.07 -106.46
N ILE F 137 27.55 5.11 -105.97
CA ILE F 137 27.17 3.93 -106.76
C ILE F 137 26.29 4.30 -107.94
N ASN F 138 25.39 5.25 -107.75
CA ASN F 138 24.48 5.64 -108.82
C ASN F 138 24.96 6.75 -109.73
N GLY F 139 26.24 7.10 -109.64
CA GLY F 139 26.79 8.13 -110.48
C GLY F 139 27.80 7.51 -111.44
N GLU F 140 29.02 8.03 -111.45
CA GLU F 140 30.07 7.48 -112.29
C GLU F 140 30.77 6.45 -111.42
N TYR F 141 30.10 5.32 -111.26
CA TYR F 141 30.55 4.20 -110.43
C TYR F 141 32.04 3.85 -110.48
N GLU F 142 32.52 3.37 -111.62
CA GLU F 142 33.93 2.99 -111.75
C GLU F 142 34.86 4.13 -111.37
N TRP F 143 34.49 5.35 -111.75
CA TRP F 143 35.30 6.51 -111.45
C TRP F 143 35.24 6.80 -109.95
N GLU F 144 34.05 6.63 -109.38
CA GLU F 144 33.85 6.87 -107.96
C GLU F 144 34.58 5.80 -107.14
N THR F 145 34.67 4.60 -107.70
CA THR F 145 35.37 3.51 -107.03
C THR F 145 36.81 3.98 -106.85
N GLY F 146 37.31 4.70 -107.83
CA GLY F 146 38.66 5.22 -107.75
C GLY F 146 38.79 6.26 -106.65
N ASN F 147 37.82 7.18 -106.57
CA ASN F 147 37.85 8.22 -105.55
C ASN F 147 37.87 7.62 -104.15
N VAL F 148 37.01 6.62 -103.92
CA VAL F 148 36.94 5.96 -102.62
C VAL F 148 38.29 5.37 -102.26
N ILE F 149 38.95 4.76 -103.23
CA ILE F 149 40.27 4.17 -103.00
C ILE F 149 41.27 5.25 -102.60
N VAL F 150 41.26 6.36 -103.32
CA VAL F 150 42.18 7.47 -103.03
C VAL F 150 41.85 8.10 -101.68
N GLU F 151 40.56 8.28 -101.41
CA GLU F 151 40.14 8.85 -100.13
C GLU F 151 40.66 7.97 -99.00
N THR F 152 40.54 6.66 -99.17
CA THR F 152 40.99 5.69 -98.18
C THR F 152 42.46 5.89 -97.84
N PHE F 153 43.29 6.00 -98.88
CA PHE F 153 44.72 6.22 -98.69
C PHE F 153 44.99 7.58 -98.05
N GLU F 154 44.18 8.57 -98.41
CA GLU F 154 44.30 9.92 -97.86
C GLU F 154 44.07 9.88 -96.34
N LYS F 155 42.81 9.66 -95.96
CA LYS F 155 42.44 9.62 -94.55
C LYS F 155 43.36 8.79 -93.67
N GLN F 156 43.68 7.59 -94.11
CA GLN F 156 44.54 6.71 -93.33
C GLN F 156 46.02 6.98 -93.57
N GLY F 157 46.29 8.10 -94.24
CA GLY F 157 47.65 8.51 -94.53
C GLY F 157 48.59 7.42 -94.98
N ILE F 158 48.19 6.65 -96.00
CA ILE F 158 49.04 5.59 -96.49
C ILE F 158 49.64 5.97 -97.85
N ASP F 159 50.91 5.63 -98.03
CA ASP F 159 51.63 5.95 -99.26
C ASP F 159 51.41 4.88 -100.33
N ALA F 160 50.73 5.26 -101.41
CA ALA F 160 50.45 4.34 -102.51
C ALA F 160 51.71 3.63 -103.00
N ALA F 161 52.87 4.30 -102.90
CA ALA F 161 54.12 3.72 -103.35
C ALA F 161 54.62 2.64 -102.37
N GLN F 162 54.04 2.61 -101.17
CA GLN F 162 54.43 1.61 -100.17
C GLN F 162 53.32 0.59 -99.95
N MET F 163 52.13 0.90 -100.44
CA MET F 163 50.96 0.03 -100.30
C MET F 163 50.37 -0.22 -101.69
N PRO F 164 51.01 -1.11 -102.48
CA PRO F 164 50.59 -1.46 -103.85
C PRO F 164 49.29 -2.27 -103.99
N GLY F 165 48.35 -2.04 -103.08
CA GLY F 165 47.10 -2.78 -103.15
C GLY F 165 45.99 -2.22 -102.26
N VAL F 166 44.76 -2.58 -102.57
CA VAL F 166 43.60 -2.13 -101.83
C VAL F 166 42.41 -3.05 -102.09
N LEU F 167 41.54 -3.19 -101.08
CA LEU F 167 40.34 -4.03 -101.23
C LEU F 167 39.11 -3.14 -101.29
N VAL F 168 38.31 -3.29 -102.34
CA VAL F 168 37.11 -2.49 -102.49
C VAL F 168 35.94 -3.24 -101.87
N HIS F 169 35.40 -2.67 -100.79
CA HIS F 169 34.29 -3.22 -100.03
C HIS F 169 33.25 -3.95 -100.87
N SER F 170 33.02 -5.23 -100.57
CA SER F 170 32.03 -6.04 -101.28
C SER F 170 32.32 -6.21 -102.77
N HIS F 171 33.54 -5.90 -103.18
CA HIS F 171 33.89 -6.00 -104.59
C HIS F 171 35.08 -6.90 -104.85
N GLY F 172 36.28 -6.35 -104.71
CA GLY F 172 37.46 -7.14 -104.95
C GLY F 172 38.74 -6.33 -104.83
N PRO F 173 39.89 -6.93 -105.15
CA PRO F 173 41.16 -6.23 -105.05
C PRO F 173 41.60 -5.40 -106.26
N PHE F 174 42.52 -4.50 -105.99
CA PHE F 174 43.13 -3.63 -107.00
C PHE F 174 44.56 -3.54 -106.51
N ALA F 175 45.50 -3.84 -107.40
CA ALA F 175 46.91 -3.77 -107.06
C ALA F 175 47.58 -2.93 -108.14
N TRP F 176 48.82 -2.54 -107.90
CA TRP F 176 49.54 -1.76 -108.87
C TRP F 176 51.05 -1.91 -108.69
N GLY F 177 51.82 -1.31 -109.58
CA GLY F 177 53.27 -1.39 -109.49
C GLY F 177 53.95 -0.47 -110.48
N LYS F 178 55.26 -0.65 -110.64
CA LYS F 178 56.06 0.18 -111.55
C LYS F 178 55.61 0.01 -112.99
N ASN F 179 55.20 -1.19 -113.34
CA ASN F 179 54.76 -1.52 -114.69
C ASN F 179 53.71 -2.63 -114.66
N ALA F 180 53.23 -3.03 -115.83
CA ALA F 180 52.22 -4.08 -115.94
C ALA F 180 52.58 -5.38 -115.24
N GLU F 181 53.82 -5.83 -115.41
CA GLU F 181 54.28 -7.07 -114.80
C GLU F 181 54.43 -6.93 -113.29
N ASP F 182 54.95 -5.78 -112.86
CA ASP F 182 55.15 -5.53 -111.44
C ASP F 182 53.80 -5.53 -110.71
N ALA F 183 52.78 -4.98 -111.37
CA ALA F 183 51.45 -4.92 -110.78
C ALA F 183 50.85 -6.32 -110.60
N VAL F 184 51.00 -7.18 -111.60
CA VAL F 184 50.48 -8.55 -111.52
C VAL F 184 51.18 -9.27 -110.37
N HIS F 185 52.49 -9.07 -110.25
CA HIS F 185 53.25 -9.71 -109.18
C HIS F 185 52.74 -9.28 -107.81
N ASN F 186 52.35 -8.01 -107.69
CA ASN F 186 51.84 -7.53 -106.42
C ASN F 186 50.47 -8.13 -106.17
N ALA F 187 49.71 -8.36 -107.25
CA ALA F 187 48.38 -8.95 -107.12
C ALA F 187 48.47 -10.40 -106.65
N ILE F 188 49.45 -11.16 -107.15
CA ILE F 188 49.56 -12.55 -106.72
C ILE F 188 49.94 -12.60 -105.24
N VAL F 189 50.85 -11.73 -104.82
CA VAL F 189 51.28 -11.68 -103.43
C VAL F 189 50.08 -11.31 -102.56
N LEU F 190 49.29 -10.35 -103.05
CA LEU F 190 48.10 -9.90 -102.34
C LEU F 190 47.17 -11.09 -102.10
N GLU F 191 46.96 -11.88 -103.15
CA GLU F 191 46.10 -13.06 -103.05
C GLU F 191 46.71 -14.06 -102.09
N GLU F 192 48.02 -14.20 -102.12
CA GLU F 192 48.74 -15.15 -101.28
C GLU F 192 48.64 -14.79 -99.79
N VAL F 193 48.83 -13.52 -99.45
CA VAL F 193 48.75 -13.10 -98.05
C VAL F 193 47.30 -13.13 -97.55
N ALA F 194 46.35 -12.88 -98.46
CA ALA F 194 44.93 -12.93 -98.11
C ALA F 194 44.60 -14.36 -97.71
N TYR F 195 45.02 -15.32 -98.54
CA TYR F 195 44.77 -16.73 -98.26
C TYR F 195 45.32 -17.11 -96.90
N MET F 196 46.60 -16.80 -96.68
CA MET F 196 47.24 -17.13 -95.42
C MET F 196 46.59 -16.38 -94.25
N GLY F 197 46.11 -15.16 -94.51
CA GLY F 197 45.49 -14.38 -93.46
C GLY F 197 44.23 -14.99 -92.86
N ILE F 198 43.47 -15.69 -93.70
CA ILE F 198 42.24 -16.34 -93.25
C ILE F 198 42.52 -17.44 -92.25
N PHE F 199 43.38 -18.38 -92.64
CA PHE F 199 43.72 -19.52 -91.80
C PHE F 199 44.67 -19.18 -90.68
N CYS F 200 45.42 -18.10 -90.86
CA CYS F 200 46.34 -17.62 -89.85
C CYS F 200 45.44 -17.21 -88.68
N ARG F 201 44.40 -16.46 -88.98
CA ARG F 201 43.46 -16.01 -87.95
C ARG F 201 42.76 -17.22 -87.34
N GLN F 202 42.45 -18.22 -88.16
CA GLN F 202 41.79 -19.43 -87.66
C GLN F 202 42.60 -20.14 -86.57
N LEU F 203 43.90 -20.31 -86.80
CA LEU F 203 44.77 -20.98 -85.82
C LEU F 203 44.93 -20.15 -84.55
N ALA F 204 45.06 -18.83 -84.71
CA ALA F 204 45.25 -17.93 -83.59
C ALA F 204 44.40 -16.67 -83.77
N PRO F 205 43.13 -16.73 -83.37
CA PRO F 205 42.23 -15.57 -83.51
C PRO F 205 42.64 -14.28 -82.78
N GLN F 206 43.47 -14.39 -81.74
CA GLN F 206 43.92 -13.19 -81.03
C GLN F 206 45.36 -12.83 -81.39
N LEU F 207 45.83 -13.36 -82.51
CA LEU F 207 47.19 -13.10 -82.96
C LEU F 207 47.42 -11.62 -83.23
N PRO F 208 48.44 -11.02 -82.59
CA PRO F 208 48.72 -9.60 -82.80
C PRO F 208 49.46 -9.43 -84.13
N ASP F 209 49.45 -8.23 -84.69
CA ASP F 209 50.16 -8.00 -85.94
C ASP F 209 51.66 -8.25 -85.75
N MET F 210 52.36 -8.52 -86.84
CA MET F 210 53.79 -8.80 -86.77
C MET F 210 54.57 -7.62 -86.17
N GLN F 211 55.75 -7.94 -85.66
CA GLN F 211 56.65 -6.97 -85.05
C GLN F 211 56.97 -5.85 -86.04
N GLN F 212 56.82 -4.60 -85.60
CA GLN F 212 57.13 -3.47 -86.46
C GLN F 212 58.59 -3.54 -86.93
N THR F 213 59.45 -4.00 -86.04
CA THR F 213 60.88 -4.14 -86.34
C THR F 213 61.07 -5.08 -87.52
N LEU F 214 60.40 -6.22 -87.49
CA LEU F 214 60.52 -7.21 -88.55
C LEU F 214 59.84 -6.68 -89.82
N LEU F 215 58.79 -5.88 -89.64
CA LEU F 215 58.07 -5.30 -90.78
C LEU F 215 59.00 -4.33 -91.52
N ASN F 216 59.64 -3.43 -90.75
CA ASN F 216 60.56 -2.48 -91.35
C ASN F 216 61.73 -3.20 -91.99
N LYS F 217 62.27 -4.18 -91.28
CA LYS F 217 63.39 -4.95 -91.76
C LYS F 217 63.15 -5.46 -93.19
N HIS F 218 62.05 -6.17 -93.39
CA HIS F 218 61.71 -6.72 -94.68
C HIS F 218 61.27 -5.74 -95.76
N TYR F 219 60.49 -4.74 -95.41
CA TYR F 219 60.05 -3.79 -96.42
C TYR F 219 61.11 -2.76 -96.77
N LEU F 220 61.81 -2.24 -95.76
CA LEU F 220 62.83 -1.23 -96.01
C LEU F 220 64.07 -1.80 -96.69
N ARG F 221 64.37 -3.06 -96.40
CA ARG F 221 65.52 -3.72 -97.00
C ARG F 221 65.45 -3.47 -98.50
N LYS F 222 64.30 -3.81 -99.07
CA LYS F 222 64.05 -3.60 -100.48
C LYS F 222 63.44 -2.22 -100.61
N HIS F 223 63.05 -1.84 -101.82
CA HIS F 223 62.44 -0.54 -102.06
C HIS F 223 63.36 0.59 -101.55
#